data_8YPZ
#
_entry.id   8YPZ
#
_cell.length_a   186.876
_cell.length_b   186.876
_cell.length_c   160.641
_cell.angle_alpha   90.00
_cell.angle_beta   90.00
_cell.angle_gamma   120.00
#
_symmetry.space_group_name_H-M   'P 65'
#
loop_
_entity.id
_entity.type
_entity.pdbx_description
1 polymer 'Ribose-phosphate pyrophosphokinase 1'
2 non-polymer 'DIPHOSPHOMETHYLPHOSPHONIC ACID ADENOSYL ESTER'
3 non-polymer 5-O-phosphono-alpha-D-ribofuranose
4 non-polymer "GUANOSINE-5'-DIPHOSPHATE"
5 non-polymer 'PHOSPHATE ION'
6 water water
#
_entity_poly.entity_id   1
_entity_poly.type   'polypeptide(L)'
_entity_poly.pdbx_seq_one_letter_code
;SPNIKIFSGSSHQDLSQKIADRLGLELGKVVTKKFSNQETCVEIGESVRGEDVYIVQSGCGEINDNLMELLIMINACKIA
SASRVTAVIPCFPYARQDKKDKSRAPISAKLVANMLSVAGADHIITMDLHASQIQGFFDIPVDNLYAEPAVLKWIRENIS
EWRNCTIVSPDAGGAKRVTSIADRLNVDFALIHKERKKANEVDRMVLVGDVKDRVAILVDDMADTCGTICHAADKLLSAG
ATRVYAILTHGIFSGPAISRINNACFEAVVVTNTIPQEDKMKHCSKIQVIDISMILAEAIRRTHNGESVSYLFSHVPL
;
_entity_poly.pdbx_strand_id   A,B,C,D,E,F
#
# COMPACT_ATOMS: atom_id res chain seq x y z
N SER A 1 -18.27 1.11 -26.55
CA SER A 1 -17.67 1.42 -27.84
C SER A 1 -16.33 0.72 -27.99
N PRO A 2 -16.40 -0.56 -28.42
CA PRO A 2 -15.26 -1.49 -28.38
C PRO A 2 -13.85 -0.91 -28.24
N ASN A 3 -13.38 -0.76 -27.01
CA ASN A 3 -11.96 -0.58 -26.72
C ASN A 3 -11.33 -1.91 -26.30
N ILE A 4 -11.86 -2.99 -26.76
CA ILE A 4 -11.44 -4.28 -26.33
C ILE A 4 -10.44 -5.03 -27.13
N LYS A 5 -9.40 -5.41 -26.44
CA LYS A 5 -8.33 -6.20 -26.94
C LYS A 5 -8.22 -7.52 -26.26
N ILE A 6 -7.61 -8.52 -26.82
CA ILE A 6 -7.47 -9.84 -26.26
C ILE A 6 -6.25 -10.67 -26.58
N PHE A 7 -5.26 -10.70 -25.71
CA PHE A 7 -4.09 -11.42 -25.87
C PHE A 7 -4.08 -12.84 -25.43
N SER A 8 -3.12 -13.60 -25.87
CA SER A 8 -2.98 -14.96 -25.52
C SER A 8 -1.72 -15.33 -25.03
N GLY A 9 -1.70 -16.17 -24.09
CA GLY A 9 -0.44 -16.68 -23.59
C GLY A 9 -0.02 -17.97 -24.29
N SER A 10 1.13 -18.48 -23.85
CA SER A 10 1.70 -19.70 -24.42
C SER A 10 1.06 -20.97 -23.87
N SER A 11 0.02 -20.86 -23.04
CA SER A 11 -0.57 -22.04 -22.40
C SER A 11 -1.76 -22.61 -23.15
N HIS A 12 -2.60 -21.77 -23.75
CA HIS A 12 -3.80 -22.28 -24.40
C HIS A 12 -4.22 -21.35 -25.52
N GLN A 13 -3.51 -21.41 -26.65
CA GLN A 13 -3.85 -20.55 -27.79
C GLN A 13 -5.14 -21.00 -28.47
N ASP A 14 -5.45 -22.29 -28.41
CA ASP A 14 -6.69 -22.79 -29.00
C ASP A 14 -7.90 -22.15 -28.33
N LEU A 15 -7.93 -22.16 -27.00
CA LEU A 15 -9.05 -21.58 -26.27
C LEU A 15 -9.15 -20.09 -26.50
N SER A 16 -8.00 -19.39 -26.53
CA SER A 16 -8.01 -17.97 -26.84
C SER A 16 -8.60 -17.72 -28.23
N GLN A 17 -8.23 -18.56 -29.20
CA GLN A 17 -8.73 -18.37 -30.56
C GLN A 17 -10.24 -18.62 -30.62
N LYS A 18 -10.73 -19.66 -29.95
CA LYS A 18 -12.17 -19.89 -29.92
C LYS A 18 -12.89 -18.72 -29.28
N ILE A 19 -12.35 -18.18 -28.19
CA ILE A 19 -12.99 -17.06 -27.49
C ILE A 19 -13.06 -15.84 -28.41
N ALA A 20 -11.92 -15.47 -29.00
CA ALA A 20 -11.89 -14.30 -29.87
C ALA A 20 -12.78 -14.49 -31.10
N ASP A 21 -12.85 -15.72 -31.61
CA ASP A 21 -13.77 -15.99 -32.72
C ASP A 21 -15.20 -15.76 -32.30
N ARG A 22 -15.59 -16.24 -31.11
CA ARG A 22 -16.94 -16.05 -30.64
C ARG A 22 -17.25 -14.58 -30.35
N LEU A 23 -16.23 -13.79 -29.98
CA LEU A 23 -16.43 -12.36 -29.78
C LEU A 23 -16.32 -11.56 -31.07
N GLY A 24 -16.00 -12.19 -32.19
CA GLY A 24 -15.85 -11.46 -33.44
C GLY A 24 -14.62 -10.58 -33.49
N LEU A 25 -13.56 -10.97 -32.80
CA LEU A 25 -12.32 -10.20 -32.77
C LEU A 25 -11.17 -11.04 -33.32
N GLU A 26 -10.06 -10.35 -33.57
CA GLU A 26 -8.80 -10.99 -33.88
C GLU A 26 -7.97 -11.04 -32.61
N LEU A 27 -7.10 -12.04 -32.52
CA LEU A 27 -6.24 -12.12 -31.35
C LEU A 27 -5.19 -11.04 -31.43
N GLY A 28 -4.80 -10.54 -30.25
CA GLY A 28 -3.87 -9.44 -30.17
C GLY A 28 -2.47 -9.86 -30.58
N LYS A 29 -1.71 -8.89 -31.08
CA LYS A 29 -0.38 -9.18 -31.59
C LYS A 29 0.59 -9.24 -30.42
N VAL A 30 0.97 -10.46 -30.01
CA VAL A 30 1.97 -10.66 -28.97
C VAL A 30 2.87 -11.81 -29.40
N VAL A 31 4.18 -11.61 -29.27
CA VAL A 31 5.15 -12.67 -29.38
C VAL A 31 5.61 -13.02 -27.97
N THR A 32 5.48 -14.29 -27.61
CA THR A 32 5.75 -14.77 -26.27
C THR A 32 6.70 -15.96 -26.41
N LYS A 33 7.97 -15.76 -26.05
CA LYS A 33 8.99 -16.79 -26.23
C LYS A 33 9.87 -16.81 -24.99
N LYS A 34 11.03 -17.45 -25.12
CA LYS A 34 12.04 -17.48 -24.07
C LYS A 34 13.36 -16.97 -24.60
N PHE A 35 14.15 -16.38 -23.71
CA PHE A 35 15.49 -15.98 -24.08
C PHE A 35 16.40 -17.21 -24.08
N SER A 36 17.67 -16.99 -24.43
CA SER A 36 18.60 -18.11 -24.52
C SER A 36 18.78 -18.80 -23.17
N ASN A 37 18.75 -18.04 -22.07
CA ASN A 37 18.95 -18.57 -20.74
C ASN A 37 17.63 -18.94 -20.05
N GLN A 38 16.55 -19.08 -20.81
CA GLN A 38 15.24 -19.58 -20.38
C GLN A 38 14.42 -18.51 -19.66
N GLU A 39 14.79 -17.23 -19.74
CA GLU A 39 13.97 -16.17 -19.18
C GLU A 39 12.81 -15.84 -20.11
N THR A 40 11.68 -15.48 -19.51
CA THR A 40 10.48 -15.19 -20.28
C THR A 40 10.65 -13.91 -21.08
N CYS A 41 10.30 -13.96 -22.37
CA CYS A 41 10.39 -12.82 -23.27
C CYS A 41 8.99 -12.52 -23.78
N VAL A 42 8.54 -11.29 -23.58
CA VAL A 42 7.21 -10.86 -23.97
C VAL A 42 7.34 -9.57 -24.76
N GLU A 43 6.93 -9.60 -26.02
CA GLU A 43 6.95 -8.42 -26.89
C GLU A 43 5.55 -8.24 -27.47
N ILE A 44 4.86 -7.22 -26.99
CA ILE A 44 3.54 -6.87 -27.49
C ILE A 44 3.71 -6.06 -28.78
N GLY A 45 3.17 -6.58 -29.88
CA GLY A 45 3.38 -5.97 -31.16
C GLY A 45 2.18 -5.17 -31.61
N GLU A 46 1.48 -4.55 -30.66
CA GLU A 46 0.28 -3.79 -30.95
C GLU A 46 -0.01 -2.84 -29.79
N SER A 47 -0.59 -1.68 -30.10
CA SER A 47 -0.91 -0.73 -29.05
C SER A 47 -2.07 -1.24 -28.22
N VAL A 48 -2.01 -1.01 -26.91
CA VAL A 48 -3.11 -1.35 -26.00
C VAL A 48 -3.48 -0.10 -25.21
N ARG A 49 -2.92 1.03 -25.62
CA ARG A 49 -3.18 2.31 -24.95
C ARG A 49 -4.67 2.62 -24.96
N GLY A 50 -5.26 2.79 -23.77
CA GLY A 50 -6.66 3.11 -23.66
C GLY A 50 -7.60 1.96 -23.93
N GLU A 51 -7.09 0.74 -24.04
CA GLU A 51 -7.89 -0.43 -24.38
C GLU A 51 -8.28 -1.22 -23.14
N ASP A 52 -9.36 -1.99 -23.27
CA ASP A 52 -9.78 -2.94 -22.25
C ASP A 52 -9.16 -4.27 -22.65
N VAL A 53 -8.05 -4.63 -21.98
CA VAL A 53 -7.21 -5.74 -22.40
C VAL A 53 -7.56 -6.98 -21.60
N TYR A 54 -7.63 -8.11 -22.29
CA TYR A 54 -7.85 -9.42 -21.68
C TYR A 54 -6.72 -10.34 -22.09
N ILE A 55 -6.10 -10.98 -21.11
CA ILE A 55 -4.99 -11.90 -21.34
C ILE A 55 -5.46 -13.27 -20.88
N VAL A 56 -5.49 -14.23 -21.80
CA VAL A 56 -5.98 -15.58 -21.54
C VAL A 56 -4.77 -16.46 -21.28
N GLN A 57 -4.58 -16.88 -20.03
CA GLN A 57 -3.49 -17.77 -19.66
C GLN A 57 -4.02 -18.73 -18.60
N SER A 58 -3.94 -20.01 -18.87
CA SER A 58 -4.43 -21.04 -17.95
C SER A 58 -3.28 -21.62 -17.14
N GLY A 59 -3.60 -22.06 -15.92
CA GLY A 59 -2.62 -22.68 -15.06
C GLY A 59 -2.42 -24.15 -15.38
N CYS A 60 -1.57 -24.44 -16.36
CA CYS A 60 -1.41 -25.80 -16.85
C CYS A 60 -0.09 -25.90 -17.61
N GLY A 61 0.33 -27.14 -17.86
CA GLY A 61 1.50 -27.45 -18.65
C GLY A 61 2.70 -26.55 -18.44
N GLU A 62 3.53 -26.89 -17.45
CA GLU A 62 4.65 -26.06 -16.99
C GLU A 62 4.09 -24.75 -16.43
N ILE A 63 3.78 -24.77 -15.13
CA ILE A 63 2.96 -23.73 -14.51
C ILE A 63 3.74 -22.41 -14.40
N ASN A 64 5.00 -22.47 -13.97
CA ASN A 64 5.72 -21.25 -13.60
C ASN A 64 6.09 -20.40 -14.82
N ASP A 65 6.36 -21.03 -15.96
CA ASP A 65 6.65 -20.26 -17.17
C ASP A 65 5.41 -19.52 -17.67
N ASN A 66 4.24 -20.15 -17.55
CA ASN A 66 3.00 -19.53 -18.00
C ASN A 66 2.51 -18.49 -17.02
N LEU A 67 2.68 -18.73 -15.72
CA LEU A 67 2.36 -17.73 -14.71
C LEU A 67 3.26 -16.52 -14.85
N MET A 68 4.56 -16.74 -15.05
CA MET A 68 5.49 -15.62 -15.19
C MET A 68 5.23 -14.86 -16.48
N GLU A 69 4.90 -15.58 -17.54
CA GLU A 69 4.51 -14.96 -18.81
C GLU A 69 3.26 -14.09 -18.64
N LEU A 70 2.26 -14.60 -17.94
CA LEU A 70 1.05 -13.83 -17.67
C LEU A 70 1.38 -12.57 -16.89
N LEU A 71 2.20 -12.70 -15.85
CA LEU A 71 2.55 -11.53 -15.04
C LEU A 71 3.30 -10.48 -15.86
N ILE A 72 4.21 -10.92 -16.72
CA ILE A 72 4.95 -9.96 -17.53
C ILE A 72 4.03 -9.28 -18.54
N MET A 73 3.07 -10.02 -19.09
CA MET A 73 2.10 -9.40 -20.00
C MET A 73 1.25 -8.36 -19.29
N ILE A 74 0.76 -8.69 -18.09
CA ILE A 74 -0.03 -7.72 -17.32
C ILE A 74 0.79 -6.47 -17.06
N ASN A 75 2.04 -6.64 -16.61
CA ASN A 75 2.86 -5.49 -16.29
C ASN A 75 3.13 -4.65 -17.53
N ALA A 76 3.35 -5.32 -18.67
CA ALA A 76 3.59 -4.61 -19.92
C ALA A 76 2.38 -3.78 -20.33
N CYS A 77 1.19 -4.39 -20.31
CA CYS A 77 -0.01 -3.63 -20.68
C CYS A 77 -0.25 -2.49 -19.71
N LYS A 78 0.00 -2.71 -18.42
CA LYS A 78 -0.27 -1.68 -17.43
C LYS A 78 0.64 -0.48 -17.62
N ILE A 79 1.93 -0.72 -17.85
CA ILE A 79 2.82 0.39 -18.16
C ILE A 79 2.59 0.90 -19.58
N ALA A 80 1.95 0.09 -20.43
CA ALA A 80 1.53 0.53 -21.75
C ALA A 80 0.25 1.35 -21.72
N SER A 81 -0.06 1.98 -20.58
CA SER A 81 -1.19 2.89 -20.44
C SER A 81 -2.51 2.21 -20.81
N ALA A 82 -2.61 0.90 -20.60
CA ALA A 82 -3.87 0.22 -20.81
C ALA A 82 -4.95 0.75 -19.87
N SER A 83 -6.19 0.76 -20.36
CA SER A 83 -7.28 1.29 -19.55
C SER A 83 -7.62 0.34 -18.41
N ARG A 84 -7.67 -0.96 -18.70
CA ARG A 84 -7.93 -1.97 -17.68
C ARG A 84 -7.33 -3.28 -18.14
N VAL A 85 -6.78 -4.05 -17.20
CA VAL A 85 -6.16 -5.34 -17.48
C VAL A 85 -6.92 -6.40 -16.71
N THR A 86 -7.45 -7.39 -17.43
CA THR A 86 -8.23 -8.48 -16.87
C THR A 86 -7.50 -9.78 -17.17
N ALA A 87 -7.17 -10.54 -16.13
CA ALA A 87 -6.51 -11.83 -16.31
C ALA A 87 -7.59 -12.90 -16.43
N VAL A 88 -7.72 -13.47 -17.63
CA VAL A 88 -8.64 -14.57 -17.88
C VAL A 88 -7.85 -15.85 -17.68
N ILE A 89 -8.04 -16.50 -16.54
CA ILE A 89 -7.31 -17.71 -16.15
C ILE A 89 -8.32 -18.84 -15.95
N PRO A 90 -8.54 -19.70 -16.95
CA PRO A 90 -9.54 -20.77 -16.77
C PRO A 90 -9.25 -21.67 -15.60
N CYS A 91 -8.02 -22.20 -15.52
CA CYS A 91 -7.59 -23.03 -14.40
C CYS A 91 -6.60 -22.22 -13.58
N PHE A 92 -7.02 -21.79 -12.39
CA PHE A 92 -6.20 -20.90 -11.57
C PHE A 92 -5.12 -21.70 -10.87
N PRO A 93 -3.84 -21.39 -11.07
CA PRO A 93 -2.79 -22.21 -10.48
C PRO A 93 -2.69 -22.03 -8.98
N TYR A 94 -2.09 -23.03 -8.33
CA TYR A 94 -1.78 -23.01 -6.90
C TYR A 94 -3.04 -22.89 -6.03
N ALA A 95 -4.18 -23.36 -6.54
CA ALA A 95 -5.42 -23.22 -5.78
C ALA A 95 -5.50 -24.21 -4.64
N ARG A 96 -4.85 -25.37 -4.77
CA ARG A 96 -4.83 -26.37 -3.70
C ARG A 96 -4.01 -25.94 -2.49
N GLN A 97 -3.17 -24.91 -2.62
CA GLN A 97 -2.46 -24.36 -1.47
C GLN A 97 -3.16 -23.08 -1.00
N ASP A 98 -4.31 -23.29 -0.37
CA ASP A 98 -5.20 -22.19 0.02
C ASP A 98 -5.36 -22.05 1.53
N LYS A 99 -4.53 -22.70 2.33
CA LYS A 99 -4.59 -22.61 3.78
C LYS A 99 -3.27 -23.11 4.35
N LYS A 100 -3.08 -22.91 5.65
CA LYS A 100 -1.94 -23.45 6.36
C LYS A 100 -2.42 -24.63 7.20
N ASP A 101 -2.31 -25.83 6.62
CA ASP A 101 -2.70 -27.08 7.26
C ASP A 101 -1.55 -27.76 7.97
N LYS A 102 -0.31 -27.30 7.76
CA LYS A 102 0.83 -27.82 8.49
C LYS A 102 1.66 -26.67 9.02
N SER A 103 2.68 -27.00 9.79
CA SER A 103 3.61 -25.99 10.27
C SER A 103 4.47 -25.48 9.12
N ARG A 104 4.63 -24.16 9.07
CA ARG A 104 5.48 -23.49 8.10
C ARG A 104 5.03 -23.74 6.66
N ALA A 105 3.73 -23.98 6.48
CA ALA A 105 3.23 -24.24 5.14
C ALA A 105 3.00 -22.92 4.41
N PRO A 106 3.16 -22.90 3.10
CA PRO A 106 2.89 -21.69 2.35
C PRO A 106 1.45 -21.64 1.86
N ILE A 107 0.91 -20.42 1.77
CA ILE A 107 -0.38 -20.20 1.14
C ILE A 107 -0.10 -19.68 -0.27
N SER A 108 0.31 -20.59 -1.15
CA SER A 108 0.75 -20.19 -2.48
C SER A 108 -0.34 -19.46 -3.25
N ALA A 109 -1.61 -19.83 -3.06
CA ALA A 109 -2.69 -19.16 -3.78
C ALA A 109 -2.75 -17.68 -3.44
N LYS A 110 -2.52 -17.32 -2.16
CA LYS A 110 -2.55 -15.91 -1.79
C LYS A 110 -1.34 -15.18 -2.35
N LEU A 111 -0.18 -15.84 -2.37
CA LEU A 111 1.00 -15.27 -3.02
C LEU A 111 0.72 -14.99 -4.50
N VAL A 112 0.08 -15.93 -5.19
CA VAL A 112 -0.24 -15.74 -6.60
C VAL A 112 -1.21 -14.59 -6.76
N ALA A 113 -2.23 -14.52 -5.89
CA ALA A 113 -3.17 -13.40 -5.96
C ALA A 113 -2.47 -12.08 -5.75
N ASN A 114 -1.44 -12.04 -4.90
CA ASN A 114 -0.72 -10.81 -4.66
C ASN A 114 0.22 -10.45 -5.80
N MET A 115 0.76 -11.45 -6.50
CA MET A 115 1.61 -11.16 -7.65
C MET A 115 0.78 -10.71 -8.85
N LEU A 116 -0.40 -11.29 -9.02
CA LEU A 116 -1.32 -10.78 -10.05
C LEU A 116 -1.77 -9.37 -9.72
N SER A 117 -2.06 -9.10 -8.45
CA SER A 117 -2.45 -7.76 -8.03
C SER A 117 -1.32 -6.77 -8.29
N VAL A 118 -0.09 -7.13 -7.90
CA VAL A 118 1.04 -6.22 -8.00
C VAL A 118 1.49 -6.05 -9.46
N ALA A 119 1.20 -7.05 -10.30
CA ALA A 119 1.50 -6.88 -11.73
C ALA A 119 0.59 -5.82 -12.35
N GLY A 120 -0.67 -5.76 -11.91
CA GLY A 120 -1.57 -4.72 -12.35
C GLY A 120 -2.95 -5.19 -12.76
N ALA A 121 -3.29 -6.44 -12.45
CA ALA A 121 -4.60 -6.95 -12.82
C ALA A 121 -5.69 -6.22 -12.07
N ASP A 122 -6.74 -5.85 -12.78
CA ASP A 122 -7.89 -5.18 -12.20
C ASP A 122 -9.10 -6.10 -12.08
N HIS A 123 -9.06 -7.26 -12.71
CA HIS A 123 -10.18 -8.19 -12.77
C HIS A 123 -9.62 -9.57 -13.08
N ILE A 124 -10.25 -10.59 -12.51
CA ILE A 124 -9.86 -11.97 -12.73
C ILE A 124 -11.11 -12.73 -13.15
N ILE A 125 -11.00 -13.52 -14.21
CA ILE A 125 -12.10 -14.36 -14.69
C ILE A 125 -11.59 -15.79 -14.72
N THR A 126 -12.17 -16.66 -13.90
CA THR A 126 -11.71 -18.03 -13.76
C THR A 126 -12.91 -18.96 -13.70
N MET A 127 -12.64 -20.26 -13.64
CA MET A 127 -13.70 -21.26 -13.66
C MET A 127 -13.42 -22.33 -12.62
N ASP A 128 -14.40 -22.55 -11.74
CA ASP A 128 -14.39 -23.60 -10.73
C ASP A 128 -13.09 -23.58 -9.92
N LEU A 129 -12.93 -22.49 -9.17
CA LEU A 129 -11.87 -22.41 -8.17
C LEU A 129 -11.93 -23.64 -7.27
N HIS A 130 -10.75 -24.19 -6.94
CA HIS A 130 -10.71 -25.33 -6.03
C HIS A 130 -11.46 -25.01 -4.75
N ALA A 131 -11.18 -23.87 -4.15
CA ALA A 131 -11.97 -23.32 -3.06
C ALA A 131 -12.51 -21.96 -3.51
N SER A 132 -13.81 -21.72 -3.30
CA SER A 132 -14.40 -20.47 -3.75
C SER A 132 -13.85 -19.28 -2.97
N GLN A 133 -13.40 -19.51 -1.73
CA GLN A 133 -12.93 -18.43 -0.87
C GLN A 133 -11.71 -17.74 -1.45
N ILE A 134 -11.10 -18.30 -2.49
CA ILE A 134 -9.97 -17.66 -3.17
C ILE A 134 -10.38 -16.33 -3.78
N GLN A 135 -11.70 -16.13 -4.03
CA GLN A 135 -12.15 -14.80 -4.42
C GLN A 135 -11.74 -13.74 -3.39
N GLY A 136 -11.65 -14.12 -2.14
CA GLY A 136 -11.21 -13.21 -1.09
C GLY A 136 -9.71 -13.03 -0.98
N PHE A 137 -8.93 -13.78 -1.76
CA PHE A 137 -7.49 -13.53 -1.78
C PHE A 137 -7.13 -12.25 -2.51
N PHE A 138 -8.10 -11.59 -3.14
CA PHE A 138 -7.82 -10.39 -3.87
C PHE A 138 -8.47 -9.20 -3.17
N ASP A 139 -8.60 -8.10 -3.92
CA ASP A 139 -9.24 -6.86 -3.52
C ASP A 139 -9.79 -6.23 -4.79
N ILE A 140 -10.04 -7.07 -5.78
CA ILE A 140 -10.52 -6.71 -7.12
C ILE A 140 -11.58 -7.72 -7.49
N PRO A 141 -12.46 -7.38 -8.43
CA PRO A 141 -13.52 -8.32 -8.80
C PRO A 141 -12.94 -9.61 -9.37
N VAL A 142 -13.48 -10.74 -8.91
CA VAL A 142 -13.06 -12.06 -9.36
C VAL A 142 -14.31 -12.84 -9.72
N ASP A 143 -14.50 -13.10 -11.01
CA ASP A 143 -15.62 -13.90 -11.46
C ASP A 143 -15.25 -15.37 -11.35
N ASN A 144 -15.99 -16.11 -10.54
CA ASN A 144 -15.83 -17.56 -10.43
C ASN A 144 -16.96 -18.19 -11.26
N LEU A 145 -16.64 -18.56 -12.49
CA LEU A 145 -17.61 -19.23 -13.35
C LEU A 145 -17.74 -20.69 -12.98
N TYR A 146 -18.92 -21.25 -13.24
CA TYR A 146 -19.24 -22.64 -12.96
C TYR A 146 -19.35 -23.43 -14.26
N ALA A 147 -18.83 -24.65 -14.22
CA ALA A 147 -19.10 -25.60 -15.29
C ALA A 147 -20.34 -26.43 -15.04
N GLU A 148 -21.01 -26.23 -13.90
CA GLU A 148 -22.20 -27.03 -13.58
C GLU A 148 -23.22 -26.99 -14.72
N PRO A 149 -23.64 -25.83 -15.23
CA PRO A 149 -24.33 -25.84 -16.51
C PRO A 149 -23.34 -26.25 -17.59
N ALA A 150 -23.82 -27.05 -18.54
CA ALA A 150 -23.08 -27.66 -19.65
C ALA A 150 -22.60 -29.03 -19.23
N VAL A 151 -22.29 -29.21 -17.94
CA VAL A 151 -22.16 -30.56 -17.40
C VAL A 151 -23.53 -31.18 -17.26
N LEU A 152 -24.50 -30.41 -16.77
CA LEU A 152 -25.88 -30.88 -16.72
C LEU A 152 -26.39 -31.19 -18.12
N LYS A 153 -26.14 -30.27 -19.06
CA LYS A 153 -26.53 -30.47 -20.46
C LYS A 153 -25.83 -31.68 -21.06
N TRP A 154 -24.54 -31.85 -20.77
CA TRP A 154 -23.81 -33.02 -21.25
C TRP A 154 -24.44 -34.31 -20.75
N ILE A 155 -24.72 -34.37 -19.44
CA ILE A 155 -25.29 -35.58 -18.84
C ILE A 155 -26.63 -35.89 -19.47
N ARG A 156 -27.47 -34.86 -19.65
CA ARG A 156 -28.79 -35.09 -20.22
C ARG A 156 -28.70 -35.57 -21.67
N GLU A 157 -27.77 -35.00 -22.45
CA GLU A 157 -27.69 -35.34 -23.86
C GLU A 157 -26.88 -36.59 -24.15
N ASN A 158 -26.16 -37.16 -23.17
CA ASN A 158 -25.32 -38.30 -23.45
C ASN A 158 -25.65 -39.54 -22.62
N ILE A 159 -26.16 -39.41 -21.41
CA ILE A 159 -26.50 -40.54 -20.56
C ILE A 159 -28.00 -40.78 -20.67
N SER A 160 -28.37 -41.95 -21.22
CA SER A 160 -29.78 -42.26 -21.41
C SER A 160 -30.53 -42.40 -20.10
N GLU A 161 -29.98 -43.16 -19.16
CA GLU A 161 -30.65 -43.45 -17.89
C GLU A 161 -30.34 -42.41 -16.81
N TRP A 162 -30.12 -41.16 -17.19
CA TRP A 162 -29.73 -40.13 -16.22
C TRP A 162 -30.84 -39.78 -15.24
N ARG A 163 -32.11 -40.02 -15.60
CA ARG A 163 -33.21 -39.67 -14.71
C ARG A 163 -33.15 -40.39 -13.38
N ASN A 164 -32.44 -41.50 -13.29
CA ASN A 164 -32.26 -42.22 -12.04
C ASN A 164 -30.81 -42.66 -11.89
N CYS A 165 -29.88 -41.70 -12.01
CA CYS A 165 -28.47 -41.97 -11.80
C CYS A 165 -28.09 -41.58 -10.37
N THR A 166 -26.79 -41.58 -10.08
CA THR A 166 -26.28 -41.22 -8.77
C THR A 166 -24.99 -40.42 -8.93
N ILE A 167 -25.01 -39.18 -8.48
CA ILE A 167 -23.85 -38.31 -8.55
C ILE A 167 -22.99 -38.61 -7.33
N VAL A 168 -21.75 -39.05 -7.56
CA VAL A 168 -20.87 -39.51 -6.49
C VAL A 168 -19.70 -38.53 -6.38
N SER A 169 -19.33 -38.19 -5.12
CA SER A 169 -18.13 -37.39 -4.88
C SER A 169 -16.96 -38.32 -4.55
N PRO A 170 -15.83 -38.18 -5.23
CA PRO A 170 -14.72 -39.10 -4.98
C PRO A 170 -14.03 -38.87 -3.65
N ASP A 171 -14.12 -37.67 -3.09
CA ASP A 171 -13.58 -37.35 -1.78
C ASP A 171 -14.66 -36.74 -0.89
N ALA A 172 -14.32 -36.58 0.39
CA ALA A 172 -15.20 -35.89 1.33
C ALA A 172 -15.31 -34.40 1.04
N GLY A 173 -14.44 -33.86 0.20
CA GLY A 173 -14.44 -32.43 -0.06
C GLY A 173 -15.32 -31.98 -1.22
N GLY A 174 -15.68 -32.88 -2.13
CA GLY A 174 -16.48 -32.43 -3.26
C GLY A 174 -17.97 -32.67 -3.12
N ALA A 175 -18.41 -32.93 -1.88
CA ALA A 175 -19.80 -33.31 -1.68
C ALA A 175 -20.74 -32.16 -2.00
N LYS A 176 -20.36 -30.94 -1.66
CA LYS A 176 -21.20 -29.79 -1.98
C LYS A 176 -21.29 -29.62 -3.49
N ARG A 177 -20.17 -29.86 -4.19
CA ARG A 177 -20.21 -29.82 -5.64
C ARG A 177 -21.22 -30.83 -6.17
N VAL A 178 -21.33 -31.97 -5.50
CA VAL A 178 -22.20 -33.05 -5.96
C VAL A 178 -23.65 -32.76 -5.64
N THR A 179 -23.95 -32.48 -4.36
CA THR A 179 -25.32 -32.22 -3.92
C THR A 179 -26.01 -31.18 -4.79
N SER A 180 -25.27 -30.16 -5.22
CA SER A 180 -25.82 -29.20 -6.17
C SER A 180 -26.32 -29.89 -7.44
N ILE A 181 -25.39 -30.51 -8.18
CA ILE A 181 -25.73 -31.13 -9.46
C ILE A 181 -26.92 -32.05 -9.32
N ALA A 182 -26.87 -32.94 -8.33
CA ALA A 182 -27.95 -33.91 -8.13
C ALA A 182 -29.29 -33.21 -7.96
N ASP A 183 -29.34 -32.14 -7.16
CA ASP A 183 -30.60 -31.45 -6.94
C ASP A 183 -31.14 -30.85 -8.23
N ARG A 184 -30.25 -30.46 -9.15
CA ARG A 184 -30.72 -29.91 -10.40
C ARG A 184 -31.23 -31.00 -11.33
N LEU A 185 -30.67 -32.20 -11.22
CA LEU A 185 -31.15 -33.35 -11.97
C LEU A 185 -32.26 -34.11 -11.26
N ASN A 186 -32.48 -33.84 -9.98
CA ASN A 186 -33.38 -34.64 -9.14
C ASN A 186 -32.99 -36.12 -9.21
N VAL A 187 -31.80 -36.41 -8.68
CA VAL A 187 -31.26 -37.76 -8.61
C VAL A 187 -30.65 -38.03 -7.24
N ASP A 188 -30.36 -39.30 -6.98
CA ASP A 188 -29.69 -39.66 -5.75
C ASP A 188 -28.23 -39.20 -5.75
N PHE A 189 -27.59 -39.25 -4.58
CA PHE A 189 -26.19 -38.89 -4.47
C PHE A 189 -25.52 -39.85 -3.50
N ALA A 190 -24.20 -39.89 -3.57
CA ALA A 190 -23.39 -40.75 -2.71
C ALA A 190 -22.02 -40.11 -2.56
N LEU A 191 -21.23 -40.67 -1.65
CA LEU A 191 -19.94 -40.11 -1.30
C LEU A 191 -18.97 -41.25 -1.05
N ILE A 192 -17.71 -41.05 -1.43
CA ILE A 192 -16.65 -42.03 -1.26
C ILE A 192 -15.54 -41.38 -0.44
N HIS A 193 -15.09 -42.08 0.60
CA HIS A 193 -14.05 -41.58 1.49
C HIS A 193 -12.96 -42.63 1.63
N LYS A 194 -11.74 -42.28 1.23
CA LYS A 194 -10.58 -43.12 1.45
C LYS A 194 -10.20 -43.04 2.93
N GLU A 195 -10.49 -44.11 3.67
CA GLU A 195 -10.12 -44.17 5.09
C GLU A 195 -8.94 -45.12 5.28
N ARG A 204 -8.29 -47.51 3.24
CA ARG A 204 -9.48 -48.27 2.84
C ARG A 204 -10.56 -47.32 2.31
N MET A 205 -11.25 -47.72 1.24
CA MET A 205 -12.23 -46.87 0.59
C MET A 205 -13.62 -47.28 1.03
N VAL A 206 -14.43 -46.30 1.41
CA VAL A 206 -15.78 -46.52 1.93
C VAL A 206 -16.77 -45.76 1.07
N LEU A 207 -17.92 -46.39 0.81
CA LEU A 207 -19.01 -45.78 0.05
C LEU A 207 -20.18 -45.56 0.98
N VAL A 208 -20.77 -44.36 0.93
CA VAL A 208 -21.96 -44.02 1.69
C VAL A 208 -22.98 -43.50 0.71
N GLY A 209 -24.18 -44.05 0.77
CA GLY A 209 -25.22 -43.79 -0.21
C GLY A 209 -25.55 -45.04 -1.00
N ASP A 210 -26.49 -44.89 -1.92
CA ASP A 210 -27.00 -46.00 -2.70
C ASP A 210 -26.69 -45.78 -4.18
N VAL A 211 -25.94 -46.71 -4.77
CA VAL A 211 -25.64 -46.65 -6.20
C VAL A 211 -25.88 -48.01 -6.84
N LYS A 212 -26.62 -48.88 -6.14
CA LYS A 212 -26.92 -50.21 -6.66
C LYS A 212 -27.94 -50.12 -7.80
N ASP A 213 -27.66 -50.82 -8.89
CA ASP A 213 -28.50 -51.03 -10.08
C ASP A 213 -28.59 -49.83 -11.01
N ARG A 214 -27.89 -48.71 -10.74
CA ARG A 214 -28.06 -47.53 -11.56
C ARG A 214 -26.70 -46.90 -11.88
N VAL A 215 -26.74 -46.01 -12.87
CA VAL A 215 -25.52 -45.38 -13.37
C VAL A 215 -24.92 -44.47 -12.30
N ALA A 216 -23.59 -44.46 -12.21
CA ALA A 216 -22.84 -43.63 -11.28
C ALA A 216 -21.99 -42.64 -12.05
N ILE A 217 -21.95 -41.40 -11.56
CA ILE A 217 -21.20 -40.32 -12.19
C ILE A 217 -20.30 -39.68 -11.14
N LEU A 218 -18.99 -39.91 -11.24
CA LEU A 218 -18.05 -39.21 -10.39
C LEU A 218 -17.88 -37.78 -10.90
N VAL A 219 -18.02 -36.80 -10.02
CA VAL A 219 -17.84 -35.40 -10.38
C VAL A 219 -16.99 -34.72 -9.33
N ASP A 220 -15.95 -34.01 -9.78
CA ASP A 220 -15.11 -33.17 -8.95
C ASP A 220 -14.66 -32.00 -9.81
N ASP A 221 -13.89 -31.09 -9.21
CA ASP A 221 -13.47 -29.91 -9.95
C ASP A 221 -12.29 -30.20 -10.86
N MET A 222 -11.48 -31.20 -10.55
CA MET A 222 -10.30 -31.46 -11.35
C MET A 222 -9.90 -32.93 -11.27
N ALA A 223 -8.94 -33.28 -12.12
CA ALA A 223 -8.36 -34.63 -12.17
C ALA A 223 -6.88 -34.44 -12.43
N ASP A 224 -6.06 -34.71 -11.41
CA ASP A 224 -4.63 -34.52 -11.57
C ASP A 224 -3.97 -35.86 -11.89
N THR A 225 -3.63 -36.63 -10.86
CA THR A 225 -3.06 -37.95 -11.08
C THR A 225 -4.12 -39.02 -11.28
N CYS A 226 -5.39 -38.71 -10.99
CA CYS A 226 -6.52 -39.60 -11.22
C CYS A 226 -6.46 -40.86 -10.36
N GLY A 227 -5.63 -40.85 -9.32
CA GLY A 227 -5.54 -42.00 -8.43
C GLY A 227 -6.84 -42.31 -7.71
N THR A 228 -7.55 -41.27 -7.26
CA THR A 228 -8.76 -41.52 -6.46
C THR A 228 -9.95 -41.92 -7.33
N ILE A 229 -10.14 -41.28 -8.48
CA ILE A 229 -11.34 -41.57 -9.28
C ILE A 229 -11.33 -43.00 -9.79
N CYS A 230 -10.15 -43.59 -9.97
CA CYS A 230 -10.08 -44.94 -10.53
C CYS A 230 -10.39 -45.99 -9.48
N HIS A 231 -9.83 -45.84 -8.27
CA HIS A 231 -10.16 -46.75 -7.19
C HIS A 231 -11.61 -46.57 -6.76
N ALA A 232 -12.09 -45.33 -6.74
CA ALA A 232 -13.50 -45.05 -6.52
C ALA A 232 -14.36 -45.71 -7.60
N ALA A 233 -13.85 -45.80 -8.82
CA ALA A 233 -14.60 -46.44 -9.90
C ALA A 233 -14.73 -47.93 -9.67
N ASP A 234 -13.62 -48.59 -9.31
CA ASP A 234 -13.71 -50.01 -9.00
C ASP A 234 -14.60 -50.25 -7.80
N LYS A 235 -14.56 -49.36 -6.80
CA LYS A 235 -15.48 -49.46 -5.67
C LYS A 235 -16.92 -49.33 -6.13
N LEU A 236 -17.19 -48.46 -7.10
CA LEU A 236 -18.56 -48.29 -7.59
C LEU A 236 -19.02 -49.51 -8.36
N LEU A 237 -18.09 -50.25 -8.98
CA LEU A 237 -18.49 -51.50 -9.63
C LEU A 237 -18.64 -52.65 -8.64
N SER A 238 -17.77 -52.74 -7.63
CA SER A 238 -17.93 -53.73 -6.58
C SER A 238 -19.24 -53.52 -5.82
N ALA A 239 -19.70 -52.28 -5.72
CA ALA A 239 -20.99 -51.96 -5.10
C ALA A 239 -22.16 -52.09 -6.05
N GLY A 240 -21.91 -52.45 -7.31
CA GLY A 240 -22.97 -52.76 -8.25
C GLY A 240 -23.64 -51.59 -8.94
N ALA A 241 -22.98 -50.99 -9.91
CA ALA A 241 -23.56 -49.91 -10.71
C ALA A 241 -23.42 -50.29 -12.17
N THR A 242 -24.46 -50.05 -12.97
CA THR A 242 -24.44 -50.40 -14.39
C THR A 242 -23.19 -49.86 -15.07
N ARG A 243 -23.07 -48.54 -15.16
CA ARG A 243 -21.90 -47.90 -15.74
C ARG A 243 -21.33 -46.91 -14.73
N VAL A 244 -20.15 -46.38 -15.06
CA VAL A 244 -19.46 -45.38 -14.25
C VAL A 244 -18.88 -44.32 -15.18
N TYR A 245 -19.23 -43.07 -14.94
CA TYR A 245 -18.69 -41.93 -15.66
C TYR A 245 -17.82 -41.10 -14.72
N ALA A 246 -16.93 -40.29 -15.29
CA ALA A 246 -16.16 -39.35 -14.49
C ALA A 246 -16.19 -38.01 -15.19
N ILE A 247 -16.79 -37.00 -14.55
CA ILE A 247 -16.88 -35.66 -15.11
C ILE A 247 -16.14 -34.68 -14.20
N LEU A 248 -15.00 -34.19 -14.66
CA LEU A 248 -14.18 -33.24 -13.93
C LEU A 248 -14.09 -31.95 -14.73
N THR A 249 -14.10 -30.80 -14.04
CA THR A 249 -13.96 -29.53 -14.75
C THR A 249 -12.56 -29.42 -15.36
N HIS A 250 -11.53 -29.53 -14.53
CA HIS A 250 -10.16 -29.31 -14.96
C HIS A 250 -9.46 -30.65 -15.25
N GLY A 251 -9.10 -30.85 -16.52
CA GLY A 251 -8.43 -32.03 -17.02
C GLY A 251 -6.91 -32.01 -16.97
N ILE A 252 -6.32 -31.89 -15.78
CA ILE A 252 -4.87 -31.75 -15.67
C ILE A 252 -4.14 -33.01 -16.16
N PHE A 253 -4.58 -34.18 -15.72
CA PHE A 253 -4.02 -35.49 -16.09
C PHE A 253 -2.48 -35.50 -16.04
N SER A 254 -1.94 -35.33 -14.84
CA SER A 254 -0.49 -35.38 -14.70
C SER A 254 -0.03 -36.79 -14.32
N GLY A 255 1.25 -37.05 -14.56
CA GLY A 255 1.85 -38.28 -14.10
C GLY A 255 1.30 -39.51 -14.78
N PRO A 256 0.89 -40.49 -13.97
CA PRO A 256 0.38 -41.75 -14.52
C PRO A 256 -1.10 -41.73 -14.86
N ALA A 257 -1.67 -40.53 -14.97
CA ALA A 257 -3.12 -40.41 -15.10
C ALA A 257 -3.65 -41.16 -16.32
N ILE A 258 -3.06 -40.92 -17.50
CA ILE A 258 -3.56 -41.55 -18.72
C ILE A 258 -3.40 -43.06 -18.65
N SER A 259 -2.23 -43.52 -18.19
CA SER A 259 -2.02 -44.95 -18.01
C SER A 259 -3.10 -45.56 -17.12
N ARG A 260 -3.54 -44.83 -16.09
CA ARG A 260 -4.51 -45.35 -15.15
C ARG A 260 -5.93 -45.32 -15.71
N ILE A 261 -6.26 -44.32 -16.54
CA ILE A 261 -7.60 -44.28 -17.11
C ILE A 261 -7.74 -45.32 -18.22
N ASN A 262 -6.68 -45.58 -18.98
CA ASN A 262 -6.75 -46.59 -20.03
C ASN A 262 -7.06 -47.96 -19.46
N ASN A 263 -6.61 -48.24 -18.23
CA ASN A 263 -6.92 -49.48 -17.54
C ASN A 263 -8.08 -49.31 -16.57
N ALA A 264 -8.65 -48.12 -16.48
CA ALA A 264 -9.77 -47.87 -15.60
C ALA A 264 -11.05 -48.43 -16.21
N CYS A 265 -12.09 -48.50 -15.40
CA CYS A 265 -13.37 -49.08 -15.80
C CYS A 265 -14.42 -48.00 -16.04
N PHE A 266 -14.02 -46.92 -16.70
CA PHE A 266 -14.93 -45.83 -17.01
C PHE A 266 -15.63 -46.02 -18.34
N GLU A 267 -16.87 -45.54 -18.40
CA GLU A 267 -17.54 -45.42 -19.69
C GLU A 267 -17.01 -44.21 -20.45
N ALA A 268 -16.83 -43.09 -19.75
CA ALA A 268 -16.20 -41.91 -20.31
C ALA A 268 -15.61 -41.06 -19.19
N VAL A 269 -14.63 -40.24 -19.56
CA VAL A 269 -14.05 -39.25 -18.68
C VAL A 269 -14.13 -37.91 -19.40
N VAL A 270 -14.93 -36.99 -18.85
CA VAL A 270 -15.34 -35.76 -19.50
C VAL A 270 -14.69 -34.61 -18.76
N VAL A 271 -14.04 -33.72 -19.50
CA VAL A 271 -13.41 -32.53 -18.94
C VAL A 271 -13.77 -31.35 -19.82
N THR A 272 -13.49 -30.15 -19.32
CA THR A 272 -13.61 -28.96 -20.15
C THR A 272 -12.26 -28.64 -20.78
N ASN A 273 -12.24 -27.64 -21.66
CA ASN A 273 -11.02 -27.21 -22.31
C ASN A 273 -10.39 -26.02 -21.60
N THR A 274 -10.53 -25.98 -20.26
CA THR A 274 -9.72 -25.07 -19.46
C THR A 274 -8.23 -25.36 -19.65
N ILE A 275 -7.90 -26.61 -19.94
CA ILE A 275 -6.53 -27.05 -20.24
C ILE A 275 -6.57 -27.71 -21.61
N PRO A 276 -5.54 -27.57 -22.44
CA PRO A 276 -5.53 -28.31 -23.71
C PRO A 276 -5.61 -29.82 -23.47
N GLN A 277 -6.46 -30.47 -24.26
CA GLN A 277 -6.71 -31.90 -24.12
C GLN A 277 -6.37 -32.70 -25.37
N GLU A 278 -5.92 -32.03 -26.43
CA GLU A 278 -5.72 -32.67 -27.73
C GLU A 278 -4.71 -33.82 -27.65
N ASP A 279 -3.52 -33.53 -27.10
CA ASP A 279 -2.51 -34.58 -27.01
C ASP A 279 -2.91 -35.64 -26.01
N LYS A 280 -3.61 -35.24 -24.94
CA LYS A 280 -4.09 -36.22 -23.96
C LYS A 280 -5.16 -37.10 -24.59
N MET A 281 -6.01 -36.53 -25.43
CA MET A 281 -7.04 -37.33 -26.09
C MET A 281 -6.44 -38.29 -27.10
N LYS A 282 -5.27 -37.94 -27.66
CA LYS A 282 -4.62 -38.88 -28.57
C LYS A 282 -4.19 -40.16 -27.88
N HIS A 283 -3.84 -40.10 -26.60
CA HIS A 283 -3.35 -41.27 -25.86
C HIS A 283 -4.40 -41.91 -24.97
N CYS A 284 -5.63 -41.40 -24.93
CA CYS A 284 -6.67 -41.97 -24.10
C CYS A 284 -8.00 -41.83 -24.81
N SER A 285 -8.56 -42.96 -25.28
CA SER A 285 -9.80 -42.95 -26.04
C SER A 285 -11.02 -42.60 -25.18
N LYS A 286 -10.91 -42.67 -23.86
CA LYS A 286 -12.06 -42.47 -22.98
C LYS A 286 -12.35 -41.00 -22.67
N ILE A 287 -11.58 -40.07 -23.23
CA ILE A 287 -11.66 -38.67 -22.82
C ILE A 287 -12.65 -37.92 -23.71
N GLN A 288 -13.61 -37.25 -23.09
CA GLN A 288 -14.53 -36.34 -23.76
C GLN A 288 -14.29 -34.94 -23.24
N VAL A 289 -14.37 -33.94 -24.13
CA VAL A 289 -14.08 -32.57 -23.75
C VAL A 289 -15.31 -31.71 -23.99
N ILE A 290 -15.59 -30.81 -23.05
CA ILE A 290 -16.69 -29.87 -23.12
C ILE A 290 -16.10 -28.49 -23.43
N ASP A 291 -16.63 -27.83 -24.44
CA ASP A 291 -16.13 -26.52 -24.84
C ASP A 291 -16.81 -25.45 -23.99
N ILE A 292 -16.02 -24.74 -23.19
CA ILE A 292 -16.53 -23.66 -22.35
C ILE A 292 -16.04 -22.30 -22.85
N SER A 293 -15.61 -22.23 -24.10
CA SER A 293 -15.09 -20.98 -24.65
C SER A 293 -16.19 -19.93 -24.79
N MET A 294 -17.45 -20.35 -24.94
CA MET A 294 -18.52 -19.37 -25.00
C MET A 294 -18.86 -18.81 -23.63
N ILE A 295 -18.62 -19.58 -22.57
CA ILE A 295 -18.83 -19.06 -21.23
C ILE A 295 -17.76 -18.03 -20.88
N LEU A 296 -16.53 -18.26 -21.34
CA LEU A 296 -15.46 -17.28 -21.14
C LEU A 296 -15.65 -16.08 -22.03
N ALA A 297 -16.04 -16.31 -23.29
CA ALA A 297 -16.29 -15.21 -24.22
C ALA A 297 -17.46 -14.36 -23.74
N GLU A 298 -18.50 -14.99 -23.18
CA GLU A 298 -19.62 -14.22 -22.67
C GLU A 298 -19.26 -13.50 -21.38
N ALA A 299 -18.47 -14.13 -20.52
CA ALA A 299 -17.96 -13.42 -19.34
C ALA A 299 -17.15 -12.19 -19.76
N ILE A 300 -16.42 -12.28 -20.87
CA ILE A 300 -15.64 -11.16 -21.37
C ILE A 300 -16.54 -10.10 -21.98
N ARG A 301 -17.54 -10.50 -22.76
CA ARG A 301 -18.43 -9.53 -23.41
C ARG A 301 -19.26 -8.79 -22.38
N ARG A 302 -19.84 -9.49 -21.41
CA ARG A 302 -20.60 -8.83 -20.36
C ARG A 302 -19.68 -8.02 -19.44
N THR A 303 -18.48 -8.53 -19.16
CA THR A 303 -17.54 -7.79 -18.33
C THR A 303 -17.09 -6.49 -19.01
N HIS A 304 -16.93 -6.51 -20.33
CA HIS A 304 -16.55 -5.32 -21.07
C HIS A 304 -17.65 -4.27 -21.00
N ASN A 305 -18.77 -4.55 -21.67
CA ASN A 305 -19.97 -3.71 -21.62
C ASN A 305 -20.27 -3.23 -20.20
N GLY A 306 -20.95 -4.07 -19.43
CA GLY A 306 -21.39 -3.72 -18.09
C GLY A 306 -22.68 -4.43 -17.76
N GLU A 307 -22.67 -5.75 -17.90
CA GLU A 307 -23.86 -6.57 -17.86
C GLU A 307 -23.69 -7.71 -16.85
N SER A 308 -24.80 -8.20 -16.32
CA SER A 308 -24.75 -9.22 -15.29
C SER A 308 -24.29 -10.55 -15.88
N VAL A 309 -23.13 -11.04 -15.43
CA VAL A 309 -22.62 -12.34 -15.85
C VAL A 309 -23.42 -13.49 -15.26
N SER A 310 -24.23 -13.24 -14.24
CA SER A 310 -24.92 -14.29 -13.48
C SER A 310 -25.85 -15.14 -14.34
N TYR A 311 -26.15 -14.75 -15.58
CA TYR A 311 -26.93 -15.62 -16.47
C TYR A 311 -26.18 -16.92 -16.75
N LEU A 312 -24.85 -16.84 -16.85
CA LEU A 312 -23.99 -17.95 -17.24
C LEU A 312 -24.06 -19.14 -16.29
N PHE A 313 -24.72 -18.96 -15.14
CA PHE A 313 -24.73 -19.98 -14.10
C PHE A 313 -26.00 -20.82 -14.12
N SER A 314 -26.68 -20.89 -15.27
CA SER A 314 -27.87 -21.73 -15.42
C SER A 314 -28.31 -21.84 -16.88
N HIS A 315 -27.50 -21.35 -17.82
CA HIS A 315 -28.00 -21.22 -19.18
C HIS A 315 -27.21 -21.98 -20.25
N VAL A 316 -25.89 -21.77 -20.31
CA VAL A 316 -25.01 -22.33 -21.34
C VAL A 316 -25.38 -21.75 -22.70
N PRO A 317 -24.67 -20.71 -23.18
CA PRO A 317 -24.90 -20.18 -24.52
C PRO A 317 -24.30 -21.06 -25.62
N PRO B 2 9.12 -12.03 28.23
CA PRO B 2 8.60 -11.70 29.56
C PRO B 2 7.69 -10.48 29.54
N ASN B 3 7.63 -9.81 28.39
CA ASN B 3 6.92 -8.55 28.24
C ASN B 3 5.60 -8.83 27.53
N ILE B 4 4.59 -9.22 28.30
CA ILE B 4 3.32 -9.68 27.76
C ILE B 4 2.20 -8.95 28.47
N LYS B 5 1.24 -8.47 27.69
CA LYS B 5 0.03 -7.88 28.23
C LYS B 5 -1.19 -8.51 27.58
N ILE B 6 -2.21 -8.79 28.37
CA ILE B 6 -3.47 -9.32 27.88
C ILE B 6 -4.57 -8.32 28.21
N PHE B 7 -5.21 -7.80 27.18
CA PHE B 7 -6.34 -6.91 27.35
C PHE B 7 -7.61 -7.64 26.93
N SER B 8 -8.72 -7.29 27.57
CA SER B 8 -10.01 -7.94 27.32
C SER B 8 -11.01 -6.93 26.78
N GLY B 9 -11.81 -7.37 25.82
CA GLY B 9 -12.96 -6.62 25.36
C GLY B 9 -14.20 -6.93 26.18
N SER B 10 -15.30 -6.27 25.82
CA SER B 10 -16.55 -6.44 26.53
C SER B 10 -17.31 -7.71 26.16
N SER B 11 -16.74 -8.59 25.32
CA SER B 11 -17.53 -9.70 24.80
C SER B 11 -17.39 -10.95 25.68
N HIS B 12 -16.15 -11.38 25.96
CA HIS B 12 -15.95 -12.62 26.73
C HIS B 12 -14.90 -12.34 27.81
N GLN B 13 -15.33 -11.67 28.88
CA GLN B 13 -14.42 -11.36 29.98
C GLN B 13 -14.03 -12.62 30.76
N ASP B 14 -14.94 -13.59 30.82
CA ASP B 14 -14.65 -14.84 31.53
C ASP B 14 -13.49 -15.56 30.86
N LEU B 15 -13.55 -15.69 29.54
CA LEU B 15 -12.48 -16.39 28.82
C LEU B 15 -11.15 -15.66 28.96
N SER B 16 -11.18 -14.32 28.91
CA SER B 16 -9.96 -13.55 29.12
C SER B 16 -9.38 -13.80 30.50
N GLN B 17 -10.22 -13.83 31.53
CA GLN B 17 -9.71 -14.08 32.87
C GLN B 17 -9.13 -15.47 33.00
N LYS B 18 -9.81 -16.48 32.43
CA LYS B 18 -9.26 -17.83 32.46
C LYS B 18 -7.91 -17.89 31.76
N ILE B 19 -7.78 -17.23 30.61
CA ILE B 19 -6.51 -17.25 29.87
C ILE B 19 -5.40 -16.62 30.71
N ALA B 20 -5.67 -15.41 31.24
CA ALA B 20 -4.66 -14.73 32.05
C ALA B 20 -4.29 -15.53 33.28
N ASP B 21 -5.28 -16.21 33.88
CA ASP B 21 -5.00 -17.08 35.03
C ASP B 21 -4.08 -18.21 34.62
N ARG B 22 -4.36 -18.83 33.47
CA ARG B 22 -3.54 -19.95 33.02
C ARG B 22 -2.13 -19.51 32.67
N LEU B 23 -1.95 -18.26 32.24
CA LEU B 23 -0.63 -17.70 32.01
C LEU B 23 -0.02 -17.05 33.26
N GLY B 24 -0.75 -17.01 34.37
CA GLY B 24 -0.22 -16.38 35.56
C GLY B 24 -0.11 -14.88 35.47
N LEU B 25 -0.99 -14.23 34.72
CA LEU B 25 -0.98 -12.80 34.52
C LEU B 25 -2.26 -12.19 35.06
N GLU B 26 -2.25 -10.86 35.19
CA GLU B 26 -3.48 -10.13 35.43
C GLU B 26 -3.93 -9.51 34.12
N LEU B 27 -5.22 -9.17 34.06
CA LEU B 27 -5.71 -8.51 32.87
C LEU B 27 -5.25 -7.07 32.88
N GLY B 28 -4.99 -6.53 31.71
CA GLY B 28 -4.47 -5.19 31.58
C GLY B 28 -5.53 -4.17 31.92
N LYS B 29 -5.08 -2.99 32.32
CA LYS B 29 -6.02 -1.95 32.74
C LYS B 29 -6.55 -1.29 31.48
N VAL B 30 -7.79 -1.62 31.13
CA VAL B 30 -8.50 -1.02 30.02
C VAL B 30 -9.93 -0.73 30.46
N VAL B 31 -10.39 0.48 30.19
CA VAL B 31 -11.81 0.81 30.31
C VAL B 31 -12.39 0.79 28.92
N THR B 32 -13.41 -0.04 28.74
CA THR B 32 -14.03 -0.28 27.43
C THR B 32 -15.54 -0.17 27.62
N LYS B 33 -16.10 0.95 27.16
CA LYS B 33 -17.53 1.23 27.34
C LYS B 33 -18.02 1.93 26.07
N LYS B 34 -19.18 2.59 26.17
CA LYS B 34 -19.70 3.40 25.08
C LYS B 34 -19.96 4.82 25.55
N PHE B 35 -19.87 5.75 24.60
CA PHE B 35 -20.15 7.15 24.85
C PHE B 35 -21.66 7.37 24.95
N SER B 36 -22.04 8.63 25.19
CA SER B 36 -23.46 8.95 25.33
C SER B 36 -24.22 8.69 24.04
N ASN B 37 -23.59 8.92 22.88
CA ASN B 37 -24.23 8.74 21.59
C ASN B 37 -23.98 7.36 20.98
N GLN B 38 -23.51 6.41 21.78
CA GLN B 38 -23.31 4.99 21.44
C GLN B 38 -22.01 4.76 20.68
N GLU B 39 -21.10 5.74 20.66
CA GLU B 39 -19.78 5.53 20.10
C GLU B 39 -18.89 4.78 21.09
N THR B 40 -18.00 3.95 20.57
CA THR B 40 -17.14 3.14 21.43
C THR B 40 -16.10 4.01 22.13
N CYS B 41 -15.92 3.77 23.43
CA CYS B 41 -14.96 4.50 24.25
C CYS B 41 -13.94 3.50 24.79
N VAL B 42 -12.67 3.73 24.47
CA VAL B 42 -11.59 2.82 24.86
C VAL B 42 -10.43 3.64 25.42
N GLU B 43 -10.07 3.40 26.68
CA GLU B 43 -8.84 3.94 27.22
C GLU B 43 -8.07 2.79 27.85
N ILE B 44 -6.94 2.42 27.26
CA ILE B 44 -6.06 1.44 27.89
C ILE B 44 -5.30 2.19 28.99
N GLY B 45 -5.46 1.73 30.23
CA GLY B 45 -5.00 2.50 31.36
C GLY B 45 -3.68 2.06 31.96
N GLU B 46 -2.80 1.56 31.11
CA GLU B 46 -1.45 1.18 31.51
C GLU B 46 -0.61 1.11 30.25
N SER B 47 0.69 1.36 30.41
CA SER B 47 1.58 1.43 29.27
C SER B 47 1.70 0.07 28.57
N VAL B 48 1.77 0.13 27.24
CA VAL B 48 2.02 -1.01 26.38
C VAL B 48 3.27 -0.79 25.53
N ARG B 49 4.06 0.22 25.88
CA ARG B 49 5.30 0.55 25.19
C ARG B 49 6.23 -0.65 25.21
N GLY B 50 6.61 -1.14 24.03
CA GLY B 50 7.54 -2.25 23.97
C GLY B 50 6.96 -3.58 24.39
N GLU B 51 5.64 -3.68 24.56
CA GLU B 51 5.01 -4.88 25.08
C GLU B 51 4.47 -5.76 23.97
N ASP B 52 4.34 -7.04 24.27
CA ASP B 52 3.72 -8.02 23.37
C ASP B 52 2.26 -8.13 23.80
N VAL B 53 1.37 -7.45 23.07
CA VAL B 53 -0.02 -7.27 23.49
C VAL B 53 -0.91 -8.29 22.81
N TYR B 54 -1.84 -8.86 23.58
CA TYR B 54 -2.87 -9.76 23.08
C TYR B 54 -4.23 -9.21 23.50
N ILE B 55 -5.13 -9.06 22.54
CA ILE B 55 -6.47 -8.54 22.80
C ILE B 55 -7.46 -9.65 22.48
N VAL B 56 -8.20 -10.07 23.50
CA VAL B 56 -9.14 -11.19 23.37
C VAL B 56 -10.53 -10.58 23.19
N GLN B 57 -11.09 -10.74 21.99
CA GLN B 57 -12.44 -10.29 21.68
C GLN B 57 -13.05 -11.32 20.75
N SER B 58 -14.18 -11.89 21.15
CA SER B 58 -14.82 -12.92 20.34
C SER B 58 -15.92 -12.27 19.50
N GLY B 59 -16.14 -12.84 18.32
CA GLY B 59 -17.17 -12.31 17.46
C GLY B 59 -18.54 -12.81 17.89
N CYS B 60 -19.13 -12.14 18.87
CA CYS B 60 -20.37 -12.57 19.49
C CYS B 60 -21.00 -11.41 20.24
N GLY B 61 -22.27 -11.57 20.62
CA GLY B 61 -22.99 -10.52 21.30
C GLY B 61 -23.56 -9.51 20.31
N GLU B 62 -23.36 -8.22 20.61
CA GLU B 62 -23.57 -7.15 19.64
C GLU B 62 -22.28 -7.04 18.83
N ILE B 63 -22.26 -7.71 17.68
CA ILE B 63 -21.00 -8.00 16.99
C ILE B 63 -20.30 -6.72 16.54
N ASN B 64 -21.04 -5.75 16.00
CA ASN B 64 -20.38 -4.59 15.43
C ASN B 64 -19.77 -3.70 16.50
N ASP B 65 -20.37 -3.65 17.69
CA ASP B 65 -19.78 -2.89 18.79
C ASP B 65 -18.48 -3.55 19.26
N ASN B 66 -18.45 -4.89 19.25
CA ASN B 66 -17.26 -5.61 19.69
C ASN B 66 -16.16 -5.56 18.65
N LEU B 67 -16.53 -5.58 17.37
CA LEU B 67 -15.55 -5.40 16.30
C LEU B 67 -14.93 -4.02 16.35
N MET B 68 -15.76 -2.98 16.53
CA MET B 68 -15.22 -1.63 16.60
C MET B 68 -14.36 -1.44 17.84
N GLU B 69 -14.78 -2.04 18.96
CA GLU B 69 -13.99 -2.03 20.18
C GLU B 69 -12.63 -2.69 19.96
N LEU B 70 -12.63 -3.85 19.29
CA LEU B 70 -11.39 -4.55 18.97
C LEU B 70 -10.48 -3.69 18.11
N LEU B 71 -11.03 -3.09 17.06
CA LEU B 71 -10.22 -2.26 16.17
C LEU B 71 -9.65 -1.05 16.90
N ILE B 72 -10.44 -0.43 17.77
CA ILE B 72 -9.97 0.74 18.49
C ILE B 72 -8.86 0.35 19.47
N MET B 73 -8.98 -0.82 20.11
CA MET B 73 -7.91 -1.27 20.99
C MET B 73 -6.63 -1.58 20.21
N ILE B 74 -6.75 -2.28 19.08
CA ILE B 74 -5.56 -2.57 18.26
C ILE B 74 -4.88 -1.28 17.82
N ASN B 75 -5.66 -0.32 17.32
CA ASN B 75 -5.08 0.91 16.83
C ASN B 75 -4.46 1.72 17.97
N ALA B 76 -5.11 1.72 19.13
CA ALA B 76 -4.56 2.42 20.29
C ALA B 76 -3.23 1.82 20.72
N CYS B 77 -3.19 0.49 20.86
CA CYS B 77 -1.94 -0.18 21.24
C CYS B 77 -0.86 0.05 20.20
N LYS B 78 -1.24 0.08 18.92
CA LYS B 78 -0.27 0.30 17.86
C LYS B 78 0.30 1.71 17.93
N ILE B 79 -0.56 2.71 18.15
CA ILE B 79 -0.07 4.07 18.31
C ILE B 79 0.63 4.25 19.65
N ALA B 80 0.31 3.41 20.63
CA ALA B 80 1.02 3.42 21.91
C ALA B 80 2.37 2.72 21.84
N SER B 81 2.89 2.51 20.64
CA SER B 81 4.26 2.02 20.42
C SER B 81 4.48 0.61 20.97
N ALA B 82 3.42 -0.20 21.01
CA ALA B 82 3.60 -1.61 21.36
C ALA B 82 4.44 -2.31 20.29
N SER B 83 5.20 -3.30 20.73
CA SER B 83 6.08 -4.00 19.79
C SER B 83 5.28 -4.87 18.83
N ARG B 84 4.24 -5.54 19.34
CA ARG B 84 3.37 -6.36 18.51
C ARG B 84 1.98 -6.41 19.14
N VAL B 85 0.96 -6.40 18.29
CA VAL B 85 -0.44 -6.47 18.71
C VAL B 85 -1.08 -7.68 18.05
N THR B 86 -1.62 -8.58 18.87
CA THR B 86 -2.23 -9.82 18.40
C THR B 86 -3.69 -9.84 18.81
N ALA B 87 -4.57 -10.00 17.84
CA ALA B 87 -6.01 -10.11 18.09
C ALA B 87 -6.36 -11.58 18.31
N VAL B 88 -6.76 -11.91 19.54
CA VAL B 88 -7.21 -13.26 19.87
C VAL B 88 -8.73 -13.26 19.68
N ILE B 89 -9.19 -13.76 18.53
CA ILE B 89 -10.61 -13.78 18.18
C ILE B 89 -11.08 -15.23 18.12
N PRO B 90 -11.60 -15.79 19.22
CA PRO B 90 -12.03 -17.20 19.17
C PRO B 90 -13.07 -17.51 18.12
N CYS B 91 -14.13 -16.72 18.03
CA CYS B 91 -15.16 -16.88 17.00
C CYS B 91 -15.07 -15.70 16.04
N PHE B 92 -14.68 -15.97 14.81
CA PHE B 92 -14.42 -14.90 13.84
C PHE B 92 -15.72 -14.38 13.27
N PRO B 93 -16.02 -13.09 13.41
CA PRO B 93 -17.29 -12.56 12.89
C PRO B 93 -17.25 -12.50 11.38
N TYR B 94 -18.45 -12.51 10.78
CA TYR B 94 -18.61 -12.35 9.34
C TYR B 94 -17.90 -13.46 8.56
N ALA B 95 -17.67 -14.61 9.20
CA ALA B 95 -16.91 -15.68 8.57
C ALA B 95 -17.73 -16.43 7.53
N ARG B 96 -19.04 -16.50 7.72
CA ARG B 96 -19.91 -17.15 6.74
C ARG B 96 -20.02 -16.36 5.45
N GLN B 97 -19.59 -15.10 5.42
CA GLN B 97 -19.58 -14.29 4.20
C GLN B 97 -18.17 -14.29 3.61
N ASP B 98 -17.79 -15.45 3.05
CA ASP B 98 -16.42 -15.67 2.59
C ASP B 98 -16.32 -15.92 1.09
N LYS B 99 -17.37 -15.64 0.31
CA LYS B 99 -17.34 -15.85 -1.13
C LYS B 99 -18.44 -15.03 -1.76
N LYS B 100 -18.43 -14.96 -3.08
CA LYS B 100 -19.49 -14.30 -3.84
C LYS B 100 -20.35 -15.37 -4.51
N ASP B 101 -21.46 -15.73 -3.84
CA ASP B 101 -22.41 -16.71 -4.35
C ASP B 101 -23.56 -16.06 -5.10
N LYS B 102 -23.82 -14.78 -4.85
CA LYS B 102 -24.94 -14.06 -5.43
C LYS B 102 -24.43 -12.93 -6.32
N SER B 103 -25.37 -12.24 -6.96
CA SER B 103 -25.03 -11.37 -8.08
C SER B 103 -24.43 -10.05 -7.66
N ARG B 104 -24.52 -9.64 -6.39
CA ARG B 104 -23.94 -8.38 -5.96
C ARG B 104 -23.42 -8.46 -4.53
N ALA B 105 -22.99 -9.65 -4.09
CA ALA B 105 -22.72 -9.88 -2.69
C ALA B 105 -21.37 -9.35 -2.24
N PRO B 106 -21.26 -8.96 -0.98
CA PRO B 106 -19.98 -8.56 -0.39
C PRO B 106 -19.28 -9.74 0.25
N ILE B 107 -17.95 -9.65 0.31
CA ILE B 107 -17.14 -10.62 1.05
C ILE B 107 -16.78 -10.00 2.39
N SER B 108 -17.73 -10.01 3.32
CA SER B 108 -17.53 -9.32 4.59
C SER B 108 -16.34 -9.85 5.37
N ALA B 109 -16.05 -11.14 5.26
CA ALA B 109 -14.90 -11.69 5.97
C ALA B 109 -13.60 -11.04 5.51
N LYS B 110 -13.46 -10.81 4.20
CA LYS B 110 -12.26 -10.16 3.70
C LYS B 110 -12.21 -8.69 4.09
N LEU B 111 -13.37 -8.04 4.13
CA LEU B 111 -13.46 -6.67 4.64
C LEU B 111 -12.97 -6.61 6.08
N VAL B 112 -13.40 -7.55 6.92
CA VAL B 112 -12.95 -7.59 8.31
C VAL B 112 -11.46 -7.83 8.37
N ALA B 113 -10.95 -8.74 7.54
CA ALA B 113 -9.51 -8.98 7.50
C ALA B 113 -8.74 -7.72 7.15
N ASN B 114 -9.31 -6.88 6.27
CA ASN B 114 -8.65 -5.64 5.88
C ASN B 114 -8.75 -4.58 6.97
N MET B 115 -9.84 -4.57 7.75
CA MET B 115 -9.96 -3.60 8.83
C MET B 115 -9.07 -3.96 10.01
N LEU B 116 -8.95 -5.25 10.32
CA LEU B 116 -7.98 -5.67 11.33
C LEU B 116 -6.56 -5.39 10.87
N SER B 117 -6.26 -5.65 9.59
CA SER B 117 -4.93 -5.36 9.06
C SER B 117 -4.63 -3.88 9.15
N VAL B 118 -5.58 -3.03 8.74
CA VAL B 118 -5.34 -1.59 8.70
C VAL B 118 -5.33 -0.98 10.09
N ALA B 119 -5.99 -1.62 11.06
CA ALA B 119 -5.90 -1.11 12.43
C ALA B 119 -4.50 -1.29 13.00
N GLY B 120 -3.83 -2.38 12.66
CA GLY B 120 -2.46 -2.57 13.07
C GLY B 120 -2.17 -3.96 13.62
N ALA B 121 -3.09 -4.90 13.39
CA ALA B 121 -2.91 -6.25 13.87
C ALA B 121 -1.73 -6.91 13.18
N ASP B 122 -0.89 -7.58 13.97
CA ASP B 122 0.26 -8.31 13.43
C ASP B 122 0.06 -9.82 13.47
N HIS B 123 -0.95 -10.32 14.17
CA HIS B 123 -1.14 -11.75 14.37
C HIS B 123 -2.61 -11.99 14.70
N ILE B 124 -3.10 -13.14 14.26
CA ILE B 124 -4.48 -13.54 14.52
C ILE B 124 -4.45 -14.94 15.12
N ILE B 125 -5.17 -15.11 16.23
CA ILE B 125 -5.34 -16.41 16.88
C ILE B 125 -6.84 -16.66 16.99
N THR B 126 -7.31 -17.69 16.30
CA THR B 126 -8.74 -17.99 16.25
C THR B 126 -8.93 -19.50 16.38
N MET B 127 -10.18 -19.92 16.40
CA MET B 127 -10.52 -21.33 16.61
C MET B 127 -11.61 -21.74 15.64
N ASP B 128 -11.34 -22.79 14.87
CA ASP B 128 -12.28 -23.39 13.94
C ASP B 128 -12.94 -22.34 13.04
N LEU B 129 -12.12 -21.72 12.20
CA LEU B 129 -12.64 -20.87 11.14
C LEU B 129 -13.68 -21.63 10.33
N HIS B 130 -14.76 -20.94 9.98
CA HIS B 130 -15.78 -21.54 9.14
C HIS B 130 -15.17 -22.12 7.86
N ALA B 131 -14.34 -21.32 7.20
CA ALA B 131 -13.49 -21.78 6.10
C ALA B 131 -12.04 -21.51 6.45
N SER B 132 -11.18 -22.51 6.26
CA SER B 132 -9.77 -22.34 6.62
C SER B 132 -9.11 -21.30 5.71
N GLN B 133 -9.64 -21.10 4.51
CA GLN B 133 -9.03 -20.20 3.53
C GLN B 133 -9.06 -18.74 3.99
N ILE B 134 -9.79 -18.43 5.07
CA ILE B 134 -9.75 -17.09 5.65
C ILE B 134 -8.36 -16.76 6.14
N GLN B 135 -7.53 -17.79 6.40
CA GLN B 135 -6.12 -17.54 6.67
C GLN B 135 -5.46 -16.77 5.54
N GLY B 136 -5.90 -16.99 4.31
CA GLY B 136 -5.42 -16.26 3.16
C GLY B 136 -6.04 -14.91 2.96
N PHE B 137 -7.05 -14.55 3.76
CA PHE B 137 -7.60 -13.21 3.67
C PHE B 137 -6.67 -12.17 4.28
N PHE B 138 -5.57 -12.60 4.89
CA PHE B 138 -4.65 -11.66 5.51
C PHE B 138 -3.32 -11.69 4.75
N ASP B 139 -2.29 -11.19 5.40
CA ASP B 139 -0.91 -11.13 4.92
C ASP B 139 -0.01 -11.20 6.13
N ILE B 140 -0.54 -11.77 7.21
CA ILE B 140 0.08 -11.89 8.51
C ILE B 140 -0.24 -13.30 9.04
N PRO B 141 0.54 -13.77 10.01
CA PRO B 141 0.27 -15.12 10.54
C PRO B 141 -1.12 -15.20 11.14
N VAL B 142 -1.82 -16.28 10.82
CA VAL B 142 -3.16 -16.54 11.35
C VAL B 142 -3.16 -17.96 11.89
N ASP B 143 -3.17 -18.10 13.21
CA ASP B 143 -3.24 -19.41 13.86
C ASP B 143 -4.71 -19.82 13.96
N ASN B 144 -5.09 -20.85 13.22
CA ASN B 144 -6.45 -21.38 13.25
C ASN B 144 -6.42 -22.67 14.07
N LEU B 145 -6.87 -22.56 15.33
CA LEU B 145 -6.83 -23.71 16.23
C LEU B 145 -8.05 -24.60 16.02
N TYR B 146 -7.85 -25.90 16.26
CA TYR B 146 -8.89 -26.90 16.17
C TYR B 146 -9.41 -27.23 17.55
N ALA B 147 -10.72 -27.43 17.67
CA ALA B 147 -11.28 -27.99 18.88
C ALA B 147 -11.33 -29.50 18.83
N GLU B 148 -10.90 -30.09 17.71
CA GLU B 148 -10.97 -31.52 17.48
C GLU B 148 -10.36 -32.38 18.59
N PRO B 149 -9.15 -32.09 19.11
CA PRO B 149 -8.66 -32.90 20.22
C PRO B 149 -9.52 -32.82 21.48
N ALA B 150 -10.05 -31.64 21.82
CA ALA B 150 -10.86 -31.54 23.03
C ALA B 150 -12.22 -32.20 22.84
N VAL B 151 -12.73 -32.19 21.62
CA VAL B 151 -13.95 -32.92 21.31
C VAL B 151 -13.72 -34.42 21.35
N LEU B 152 -12.58 -34.88 20.83
CA LEU B 152 -12.24 -36.30 20.93
C LEU B 152 -12.16 -36.73 22.39
N LYS B 153 -11.48 -35.92 23.21
CA LYS B 153 -11.38 -36.23 24.64
C LYS B 153 -12.76 -36.30 25.28
N TRP B 154 -13.62 -35.32 24.96
CA TRP B 154 -14.98 -35.33 25.49
C TRP B 154 -15.73 -36.59 25.09
N ILE B 155 -15.75 -36.90 23.79
CA ILE B 155 -16.49 -38.05 23.28
C ILE B 155 -16.01 -39.33 23.97
N ARG B 156 -14.70 -39.49 24.07
CA ARG B 156 -14.15 -40.70 24.68
C ARG B 156 -14.54 -40.80 26.15
N GLU B 157 -14.51 -39.68 26.87
CA GLU B 157 -14.74 -39.72 28.31
C GLU B 157 -16.20 -39.64 28.73
N ASN B 158 -17.13 -39.32 27.83
CA ASN B 158 -18.52 -39.15 28.27
C ASN B 158 -19.53 -40.06 27.56
N ILE B 159 -19.26 -40.48 26.34
CA ILE B 159 -20.16 -41.35 25.60
C ILE B 159 -19.69 -42.79 25.77
N SER B 160 -20.52 -43.61 26.41
CA SER B 160 -20.14 -44.99 26.72
C SER B 160 -19.95 -45.82 25.46
N GLU B 161 -20.88 -45.73 24.51
CA GLU B 161 -20.84 -46.54 23.29
C GLU B 161 -20.03 -45.89 22.17
N TRP B 162 -18.99 -45.11 22.50
CA TRP B 162 -18.28 -44.35 21.47
C TRP B 162 -17.50 -45.23 20.51
N ARG B 163 -17.07 -46.42 20.96
CA ARG B 163 -16.27 -47.28 20.10
C ARG B 163 -17.07 -47.78 18.89
N ASN B 164 -18.39 -47.70 18.95
CA ASN B 164 -19.25 -48.08 17.83
C ASN B 164 -20.34 -47.02 17.65
N CYS B 165 -19.94 -45.75 17.56
CA CYS B 165 -20.86 -44.66 17.30
C CYS B 165 -20.82 -44.29 15.83
N THR B 166 -21.47 -43.18 15.47
CA THR B 166 -21.54 -42.69 14.10
C THR B 166 -21.47 -41.18 14.09
N ILE B 167 -20.40 -40.61 13.56
CA ILE B 167 -20.22 -39.17 13.50
C ILE B 167 -20.96 -38.65 12.26
N VAL B 168 -21.88 -37.72 12.45
CA VAL B 168 -22.82 -37.32 11.42
C VAL B 168 -22.62 -35.84 11.09
N SER B 169 -22.68 -35.52 9.78
CA SER B 169 -22.64 -34.14 9.27
C SER B 169 -24.05 -33.66 9.00
N PRO B 170 -24.45 -32.49 9.50
CA PRO B 170 -25.82 -32.02 9.25
C PRO B 170 -26.03 -31.44 7.86
N ASP B 171 -24.98 -30.93 7.22
CA ASP B 171 -25.03 -30.48 5.85
C ASP B 171 -23.83 -31.04 5.11
N ALA B 172 -23.78 -30.80 3.79
CA ALA B 172 -22.54 -31.03 3.07
C ALA B 172 -21.49 -30.05 3.58
N GLY B 173 -20.25 -30.22 3.15
CA GLY B 173 -19.18 -29.34 3.60
C GLY B 173 -18.71 -29.61 5.01
N GLY B 174 -19.51 -30.28 5.84
CA GLY B 174 -19.08 -30.63 7.17
C GLY B 174 -18.60 -32.06 7.12
N ALA B 175 -18.35 -32.52 5.90
CA ALA B 175 -17.95 -33.90 5.67
C ALA B 175 -16.51 -34.14 6.09
N LYS B 176 -15.61 -33.18 5.85
CA LYS B 176 -14.23 -33.38 6.26
C LYS B 176 -14.13 -33.36 7.78
N ARG B 177 -14.89 -32.45 8.41
CA ARG B 177 -14.89 -32.34 9.86
C ARG B 177 -15.27 -33.66 10.51
N VAL B 178 -16.29 -34.33 9.97
CA VAL B 178 -16.79 -35.56 10.58
C VAL B 178 -15.92 -36.75 10.18
N THR B 179 -15.39 -36.76 8.95
CA THR B 179 -14.55 -37.87 8.52
C THR B 179 -13.22 -37.89 9.24
N SER B 180 -12.70 -36.73 9.65
CA SER B 180 -11.47 -36.72 10.44
C SER B 180 -11.72 -37.28 11.85
N ILE B 181 -12.87 -36.95 12.45
CA ILE B 181 -13.20 -37.47 13.77
C ILE B 181 -13.53 -38.95 13.69
N ALA B 182 -14.11 -39.38 12.58
CA ALA B 182 -14.38 -40.82 12.39
C ALA B 182 -13.09 -41.59 12.21
N ASP B 183 -12.17 -41.06 11.40
CA ASP B 183 -10.89 -41.73 11.23
C ASP B 183 -10.09 -41.71 12.53
N ARG B 184 -10.23 -40.66 13.33
CA ARG B 184 -9.46 -40.55 14.57
C ARG B 184 -10.07 -41.37 15.72
N LEU B 185 -11.39 -41.52 15.76
CA LEU B 185 -12.01 -42.41 16.73
C LEU B 185 -12.11 -43.85 16.23
N ASN B 186 -11.81 -44.08 14.95
CA ASN B 186 -12.05 -45.37 14.31
C ASN B 186 -13.51 -45.78 14.47
N VAL B 187 -14.38 -44.96 13.89
CA VAL B 187 -15.83 -45.18 13.89
C VAL B 187 -16.43 -44.92 12.52
N ASP B 188 -17.76 -44.94 12.47
CA ASP B 188 -18.47 -44.63 11.25
C ASP B 188 -18.93 -43.20 11.10
N PHE B 189 -19.13 -42.80 9.85
CA PHE B 189 -19.57 -41.46 9.52
C PHE B 189 -20.84 -41.60 8.69
N ALA B 190 -21.59 -40.51 8.64
CA ALA B 190 -22.81 -40.44 7.86
C ALA B 190 -23.00 -38.98 7.48
N LEU B 191 -23.91 -38.72 6.56
CA LEU B 191 -24.06 -37.38 6.05
C LEU B 191 -25.54 -37.12 5.78
N ILE B 192 -25.96 -35.89 6.05
CA ILE B 192 -27.34 -35.46 5.90
C ILE B 192 -27.37 -34.29 4.93
N HIS B 193 -28.27 -34.34 3.97
CA HIS B 193 -28.40 -33.30 2.97
C HIS B 193 -29.84 -32.80 2.94
N LYS B 194 -30.00 -31.48 2.97
CA LYS B 194 -31.30 -30.82 3.01
C LYS B 194 -32.16 -31.23 1.84
N GLU B 195 -32.11 -30.50 0.73
CA GLU B 195 -32.98 -30.72 -0.42
C GLU B 195 -34.44 -30.46 -0.04
N ARG B 204 -37.93 -32.14 3.26
CA ARG B 204 -37.44 -33.48 2.94
C ARG B 204 -35.92 -33.54 3.06
N MET B 205 -35.44 -34.13 4.15
CA MET B 205 -34.02 -34.33 4.42
C MET B 205 -33.62 -35.78 4.13
N VAL B 206 -32.44 -35.98 3.55
CA VAL B 206 -31.99 -37.31 3.15
C VAL B 206 -30.71 -37.65 3.92
N LEU B 207 -30.62 -38.90 4.35
CA LEU B 207 -29.48 -39.42 5.09
C LEU B 207 -28.77 -40.51 4.30
N VAL B 208 -27.44 -40.44 4.26
CA VAL B 208 -26.61 -41.46 3.64
C VAL B 208 -25.63 -41.94 4.71
N GLY B 209 -25.55 -43.26 4.88
CA GLY B 209 -24.84 -43.86 5.99
C GLY B 209 -25.80 -44.63 6.88
N ASP B 210 -25.28 -45.06 8.04
CA ASP B 210 -25.94 -46.12 8.80
C ASP B 210 -26.79 -45.66 9.98
N VAL B 211 -26.13 -45.30 11.08
CA VAL B 211 -26.68 -44.87 12.37
C VAL B 211 -27.69 -45.84 12.99
N LYS B 212 -28.00 -46.96 12.33
CA LYS B 212 -28.98 -47.89 12.90
C LYS B 212 -28.44 -48.55 14.17
N ASP B 213 -29.24 -48.48 15.24
CA ASP B 213 -28.92 -49.13 16.52
C ASP B 213 -27.57 -48.66 17.03
N ARG B 214 -27.25 -47.41 16.77
CA ARG B 214 -25.96 -46.83 17.11
C ARG B 214 -26.16 -45.42 17.66
N VAL B 215 -25.22 -45.01 18.52
CA VAL B 215 -25.22 -43.64 19.01
C VAL B 215 -24.83 -42.71 17.88
N ALA B 216 -25.59 -41.64 17.68
CA ALA B 216 -25.38 -40.68 16.62
C ALA B 216 -24.84 -39.39 17.19
N ILE B 217 -23.78 -38.86 16.59
CA ILE B 217 -23.14 -37.62 17.04
C ILE B 217 -23.03 -36.67 15.86
N LEU B 218 -23.85 -35.63 15.87
CA LEU B 218 -23.72 -34.53 14.91
C LEU B 218 -22.53 -33.67 15.30
N VAL B 219 -21.68 -33.35 14.34
CA VAL B 219 -20.52 -32.48 14.58
C VAL B 219 -20.47 -31.42 13.49
N ASP B 220 -20.38 -30.16 13.90
CA ASP B 220 -20.20 -29.06 12.97
C ASP B 220 -19.39 -27.97 13.69
N ASP B 221 -19.07 -26.90 12.96
CA ASP B 221 -18.23 -25.85 13.53
C ASP B 221 -19.01 -24.87 14.40
N MET B 222 -20.31 -24.71 14.16
CA MET B 222 -21.08 -23.70 14.87
C MET B 222 -22.53 -24.12 14.93
N ALA B 223 -23.27 -23.49 15.84
CA ALA B 223 -24.70 -23.71 16.00
C ALA B 223 -25.34 -22.34 16.20
N ASP B 224 -26.04 -21.86 15.19
CA ASP B 224 -26.63 -20.53 15.29
C ASP B 224 -28.11 -20.61 15.64
N THR B 225 -28.98 -20.75 14.63
CA THR B 225 -30.41 -20.87 14.88
C THR B 225 -30.86 -22.30 15.17
N CYS B 226 -30.01 -23.29 14.90
CA CYS B 226 -30.18 -24.69 15.26
C CYS B 226 -31.33 -25.41 14.57
N GLY B 227 -31.91 -24.84 13.51
CA GLY B 227 -32.97 -25.56 12.80
C GLY B 227 -32.49 -26.83 12.12
N THR B 228 -31.31 -26.78 11.50
CA THR B 228 -30.85 -27.92 10.70
C THR B 228 -30.39 -29.07 11.58
N ILE B 229 -29.86 -28.78 12.78
CA ILE B 229 -29.41 -29.86 13.65
C ILE B 229 -30.55 -30.45 14.47
N CYS B 230 -31.64 -29.71 14.68
CA CYS B 230 -32.81 -30.30 15.32
C CYS B 230 -33.57 -31.19 14.34
N HIS B 231 -33.76 -30.71 13.11
CA HIS B 231 -34.38 -31.58 12.11
C HIS B 231 -33.48 -32.77 11.80
N ALA B 232 -32.17 -32.55 11.79
CA ALA B 232 -31.22 -33.64 11.63
C ALA B 232 -31.32 -34.64 12.77
N ALA B 233 -31.47 -34.15 14.00
CA ALA B 233 -31.60 -35.05 15.14
C ALA B 233 -32.83 -35.94 15.00
N ASP B 234 -33.98 -35.34 14.69
CA ASP B 234 -35.19 -36.15 14.58
C ASP B 234 -35.11 -37.13 13.42
N LYS B 235 -34.51 -36.73 12.28
CA LYS B 235 -34.29 -37.71 11.23
C LYS B 235 -33.37 -38.83 11.68
N LEU B 236 -32.37 -38.54 12.51
CA LEU B 236 -31.49 -39.60 12.98
C LEU B 236 -32.24 -40.55 13.89
N LEU B 237 -33.26 -40.07 14.61
CA LEU B 237 -34.05 -40.98 15.41
C LEU B 237 -35.06 -41.76 14.56
N SER B 238 -35.58 -41.15 13.49
CA SER B 238 -36.52 -41.85 12.62
C SER B 238 -35.82 -42.83 11.65
N ALA B 239 -34.49 -42.74 11.58
CA ALA B 239 -33.66 -43.74 10.94
C ALA B 239 -33.24 -44.84 11.91
N GLY B 240 -33.67 -44.74 13.17
CA GLY B 240 -33.43 -45.78 14.14
C GLY B 240 -32.06 -45.67 14.77
N ALA B 241 -31.89 -44.69 15.66
CA ALA B 241 -30.63 -44.49 16.36
C ALA B 241 -30.89 -44.53 17.85
N THR B 242 -29.85 -44.88 18.61
CA THR B 242 -30.00 -45.01 20.06
C THR B 242 -30.21 -43.65 20.70
N ARG B 243 -29.17 -42.82 20.69
CA ARG B 243 -29.26 -41.42 21.11
C ARG B 243 -28.78 -40.53 19.98
N VAL B 244 -28.94 -39.21 20.17
CA VAL B 244 -28.36 -38.21 19.30
C VAL B 244 -27.69 -37.16 20.18
N TYR B 245 -26.41 -36.91 19.94
CA TYR B 245 -25.68 -35.81 20.54
C TYR B 245 -25.47 -34.73 19.49
N ALA B 246 -25.07 -33.55 19.92
CA ALA B 246 -24.63 -32.50 18.99
C ALA B 246 -23.42 -31.82 19.59
N ILE B 247 -22.27 -31.92 18.95
CA ILE B 247 -21.05 -31.28 19.42
C ILE B 247 -20.60 -30.26 18.39
N LEU B 248 -20.76 -28.98 18.70
CA LEU B 248 -20.40 -27.87 17.84
C LEU B 248 -19.37 -27.00 18.54
N THR B 249 -18.41 -26.45 17.78
CA THR B 249 -17.38 -25.60 18.38
C THR B 249 -17.96 -24.32 18.94
N HIS B 250 -18.63 -23.54 18.10
CA HIS B 250 -19.11 -22.20 18.42
C HIS B 250 -20.58 -22.28 18.84
N GLY B 251 -20.90 -21.71 20.00
CA GLY B 251 -22.24 -21.81 20.54
C GLY B 251 -23.27 -20.87 19.95
N ILE B 252 -22.94 -19.60 19.75
CA ILE B 252 -23.82 -18.58 19.20
C ILE B 252 -25.25 -18.64 19.75
N PHE B 253 -26.01 -19.67 19.36
CA PHE B 253 -27.40 -19.89 19.77
C PHE B 253 -28.22 -18.59 19.72
N SER B 254 -28.39 -18.08 18.50
CA SER B 254 -29.19 -16.87 18.32
C SER B 254 -30.64 -17.22 18.01
N GLY B 255 -31.48 -16.20 18.00
CA GLY B 255 -32.87 -16.36 17.64
C GLY B 255 -33.59 -17.38 18.50
N PRO B 256 -34.32 -18.30 17.85
CA PRO B 256 -35.10 -19.30 18.57
C PRO B 256 -34.33 -20.55 18.96
N ALA B 257 -33.00 -20.52 18.86
CA ALA B 257 -32.20 -21.73 19.00
C ALA B 257 -32.47 -22.41 20.34
N ILE B 258 -32.47 -21.63 21.42
CA ILE B 258 -32.65 -22.21 22.73
C ILE B 258 -34.00 -22.91 22.83
N SER B 259 -35.07 -22.24 22.39
CA SER B 259 -36.37 -22.88 22.43
C SER B 259 -36.34 -24.20 21.68
N ARG B 260 -35.65 -24.22 20.53
CA ARG B 260 -35.68 -25.41 19.71
C ARG B 260 -34.91 -26.54 20.38
N ILE B 261 -33.83 -26.22 21.07
CA ILE B 261 -33.06 -27.28 21.72
C ILE B 261 -33.85 -27.83 22.89
N ASN B 262 -34.64 -26.98 23.55
CA ASN B 262 -35.44 -27.49 24.65
C ASN B 262 -36.48 -28.49 24.16
N ASN B 263 -36.96 -28.36 22.91
CA ASN B 263 -37.96 -29.29 22.42
C ASN B 263 -37.37 -30.41 21.56
N ALA B 264 -36.12 -30.28 21.12
CA ALA B 264 -35.50 -31.33 20.33
C ALA B 264 -35.23 -32.56 21.18
N CYS B 265 -34.76 -33.61 20.53
CA CYS B 265 -34.50 -34.89 21.19
C CYS B 265 -33.02 -35.14 21.37
N PHE B 266 -32.27 -34.13 21.81
CA PHE B 266 -30.83 -34.32 22.03
C PHE B 266 -30.58 -34.88 23.42
N GLU B 267 -29.56 -35.73 23.51
CA GLU B 267 -29.07 -36.13 24.83
C GLU B 267 -28.21 -35.02 25.42
N ALA B 268 -27.37 -34.40 24.59
CA ALA B 268 -26.61 -33.24 25.00
C ALA B 268 -26.23 -32.42 23.78
N VAL B 269 -25.97 -31.14 24.03
CA VAL B 269 -25.43 -30.22 23.04
C VAL B 269 -24.19 -29.62 23.66
N VAL B 270 -23.04 -29.90 23.08
CA VAL B 270 -21.73 -29.60 23.65
C VAL B 270 -21.11 -28.52 22.79
N VAL B 271 -20.63 -27.45 23.42
CA VAL B 271 -19.97 -26.36 22.73
C VAL B 271 -18.71 -26.01 23.49
N THR B 272 -17.88 -25.20 22.86
CA THR B 272 -16.74 -24.62 23.56
C THR B 272 -17.16 -23.26 24.11
N ASN B 273 -16.29 -22.68 24.92
CA ASN B 273 -16.55 -21.35 25.48
C ASN B 273 -15.86 -20.26 24.69
N THR B 274 -15.76 -20.46 23.36
CA THR B 274 -15.40 -19.36 22.48
C THR B 274 -16.40 -18.22 22.59
N ILE B 275 -17.65 -18.55 22.92
CA ILE B 275 -18.74 -17.61 23.16
C ILE B 275 -19.25 -17.87 24.57
N PRO B 276 -19.62 -16.85 25.33
CA PRO B 276 -20.19 -17.12 26.66
C PRO B 276 -21.44 -17.98 26.57
N GLN B 277 -21.54 -18.95 27.47
CA GLN B 277 -22.65 -19.89 27.50
C GLN B 277 -23.41 -19.82 28.81
N GLU B 278 -22.94 -19.01 29.76
CA GLU B 278 -23.52 -18.97 31.10
C GLU B 278 -25.00 -18.58 31.06
N ASP B 279 -25.33 -17.53 30.31
CA ASP B 279 -26.72 -17.15 30.16
C ASP B 279 -27.49 -18.20 29.37
N LYS B 280 -26.84 -18.79 28.37
CA LYS B 280 -27.49 -19.80 27.55
C LYS B 280 -27.77 -21.07 28.34
N MET B 281 -26.84 -21.45 29.22
CA MET B 281 -26.98 -22.68 30.00
C MET B 281 -28.10 -22.56 31.04
N LYS B 282 -28.44 -21.35 31.47
CA LYS B 282 -29.52 -21.19 32.43
C LYS B 282 -30.85 -21.60 31.84
N HIS B 283 -31.05 -21.38 30.54
CA HIS B 283 -32.32 -21.63 29.88
C HIS B 283 -32.35 -22.94 29.09
N CYS B 284 -31.25 -23.69 29.08
CA CYS B 284 -31.20 -24.95 28.35
C CYS B 284 -30.34 -25.93 29.12
N SER B 285 -30.93 -27.02 29.59
CA SER B 285 -30.23 -28.02 30.41
C SER B 285 -29.39 -28.99 29.58
N LYS B 286 -29.58 -29.04 28.27
CA LYS B 286 -28.80 -29.94 27.43
C LYS B 286 -27.42 -29.38 27.09
N ILE B 287 -27.14 -28.13 27.41
CA ILE B 287 -25.92 -27.47 26.99
C ILE B 287 -24.80 -27.79 27.98
N GLN B 288 -23.75 -28.44 27.48
CA GLN B 288 -22.52 -28.65 28.22
C GLN B 288 -21.41 -27.91 27.49
N VAL B 289 -20.46 -27.36 28.25
CA VAL B 289 -19.43 -26.49 27.68
C VAL B 289 -18.06 -27.12 27.88
N ILE B 290 -17.21 -27.00 26.85
CA ILE B 290 -15.84 -27.49 26.88
C ILE B 290 -14.93 -26.28 27.04
N ASP B 291 -14.14 -26.27 28.10
CA ASP B 291 -13.25 -25.14 28.37
C ASP B 291 -12.03 -25.25 27.46
N ILE B 292 -11.85 -24.30 26.57
CA ILE B 292 -10.72 -24.27 25.64
C ILE B 292 -9.76 -23.14 25.98
N SER B 293 -9.83 -22.60 27.20
CA SER B 293 -8.98 -21.48 27.58
C SER B 293 -7.51 -21.88 27.65
N MET B 294 -7.22 -23.16 27.90
CA MET B 294 -5.83 -23.58 27.96
C MET B 294 -5.21 -23.71 26.58
N ILE B 295 -6.02 -23.99 25.55
CA ILE B 295 -5.49 -24.06 24.20
C ILE B 295 -5.16 -22.66 23.69
N LEU B 296 -5.99 -21.67 24.05
CA LEU B 296 -5.70 -20.30 23.66
C LEU B 296 -4.55 -19.73 24.48
N ALA B 297 -4.51 -20.07 25.78
CA ALA B 297 -3.41 -19.63 26.61
C ALA B 297 -2.10 -20.22 26.12
N GLU B 298 -2.12 -21.48 25.68
CA GLU B 298 -0.90 -22.10 25.18
C GLU B 298 -0.50 -21.50 23.84
N ALA B 299 -1.49 -21.15 23.01
CA ALA B 299 -1.18 -20.45 21.76
C ALA B 299 -0.52 -19.11 22.05
N ILE B 300 -0.96 -18.42 23.10
CA ILE B 300 -0.39 -17.11 23.43
C ILE B 300 1.01 -17.25 24.00
N ARG B 301 1.20 -18.20 24.93
CA ARG B 301 2.51 -18.39 25.55
C ARG B 301 3.54 -18.89 24.54
N ARG B 302 3.14 -19.83 23.67
CA ARG B 302 4.06 -20.28 22.62
C ARG B 302 4.30 -19.18 21.59
N THR B 303 3.28 -18.39 21.27
CA THR B 303 3.45 -17.28 20.33
C THR B 303 4.39 -16.22 20.89
N HIS B 304 4.35 -15.99 22.20
CA HIS B 304 5.26 -15.05 22.83
C HIS B 304 6.69 -15.53 22.66
N ASN B 305 7.00 -16.70 23.22
CA ASN B 305 8.28 -17.37 22.96
C ASN B 305 8.37 -17.71 21.48
N GLY B 306 9.43 -18.43 21.09
CA GLY B 306 9.45 -19.00 19.75
C GLY B 306 8.39 -20.08 19.63
N GLU B 307 8.77 -21.33 19.93
CA GLU B 307 7.91 -22.49 20.18
C GLU B 307 6.72 -22.71 19.23
N SER B 308 6.65 -23.89 18.63
CA SER B 308 5.61 -24.15 17.65
C SER B 308 4.31 -24.59 18.31
N VAL B 309 3.19 -24.03 17.81
CA VAL B 309 1.84 -24.24 18.32
C VAL B 309 1.33 -25.61 17.86
N SER B 310 2.17 -26.35 17.14
CA SER B 310 1.75 -27.62 16.53
C SER B 310 1.18 -28.61 17.56
N TYR B 311 1.51 -28.44 18.84
CA TYR B 311 0.91 -29.24 19.90
C TYR B 311 -0.62 -29.26 19.83
N LEU B 312 -1.23 -28.08 19.81
CA LEU B 312 -2.65 -27.89 20.08
C LEU B 312 -3.58 -28.57 19.09
N PHE B 313 -3.04 -29.48 18.28
CA PHE B 313 -3.78 -30.15 17.21
C PHE B 313 -3.68 -31.66 17.30
N SER B 314 -3.12 -32.16 18.40
CA SER B 314 -2.90 -33.58 18.60
C SER B 314 -3.32 -34.02 20.00
N HIS B 315 -3.11 -33.16 20.99
CA HIS B 315 -3.44 -33.45 22.37
C HIS B 315 -3.81 -32.16 23.10
N VAL B 316 -4.52 -32.31 24.21
CA VAL B 316 -5.19 -31.23 24.91
C VAL B 316 -4.35 -30.80 26.09
N PRO B 317 -4.15 -29.53 26.36
CA PRO B 317 -3.25 -29.12 27.45
C PRO B 317 -3.69 -29.57 28.84
N LEU B 318 -4.98 -29.48 29.15
CA LEU B 318 -5.48 -29.84 30.47
C LEU B 318 -7.00 -29.88 30.51
N PRO C 2 -23.28 6.81 -18.05
CA PRO C 2 -22.58 6.42 -16.83
C PRO C 2 -23.26 7.01 -15.59
N ASN C 3 -24.58 6.93 -15.54
CA ASN C 3 -25.38 7.80 -14.66
C ASN C 3 -25.30 7.36 -13.20
N ILE C 4 -26.23 7.92 -12.40
CA ILE C 4 -26.20 7.89 -10.94
C ILE C 4 -27.03 6.74 -10.40
N LYS C 5 -26.51 6.10 -9.36
CA LYS C 5 -27.24 5.17 -8.54
C LYS C 5 -27.14 5.67 -7.11
N ILE C 6 -28.27 5.86 -6.44
CA ILE C 6 -28.29 6.32 -5.06
C ILE C 6 -28.86 5.20 -4.18
N PHE C 7 -28.15 4.90 -3.10
CA PHE C 7 -28.57 3.89 -2.15
C PHE C 7 -28.70 4.53 -0.78
N SER C 8 -29.59 3.99 0.05
CA SER C 8 -29.81 4.51 1.38
C SER C 8 -29.42 3.45 2.39
N GLY C 9 -28.80 3.88 3.48
CA GLY C 9 -28.61 3.00 4.62
C GLY C 9 -29.79 3.10 5.56
N SER C 10 -29.73 2.30 6.61
CA SER C 10 -30.80 2.26 7.60
C SER C 10 -30.73 3.40 8.61
N SER C 11 -29.83 4.37 8.44
CA SER C 11 -29.63 5.41 9.44
C SER C 11 -30.40 6.69 9.18
N HIS C 12 -31.16 6.79 8.08
CA HIS C 12 -31.86 8.02 7.73
C HIS C 12 -32.45 7.88 6.34
N GLN C 13 -33.52 7.09 6.21
CA GLN C 13 -34.11 6.87 4.90
C GLN C 13 -34.85 8.10 4.39
N ASP C 14 -35.36 8.93 5.30
CA ASP C 14 -36.06 10.16 4.87
C ASP C 14 -35.12 11.09 4.12
N LEU C 15 -33.92 11.32 4.65
CA LEU C 15 -32.98 12.23 3.99
C LEU C 15 -32.57 11.69 2.63
N SER C 16 -32.32 10.38 2.55
CA SER C 16 -32.04 9.76 1.26
C SER C 16 -33.22 9.96 0.30
N GLN C 17 -34.44 9.85 0.83
CA GLN C 17 -35.63 9.98 0.01
C GLN C 17 -35.74 11.39 -0.55
N LYS C 18 -35.50 12.40 0.29
CA LYS C 18 -35.52 13.80 -0.17
C LYS C 18 -34.45 14.04 -1.23
N ILE C 19 -33.24 13.51 -1.00
CA ILE C 19 -32.15 13.74 -1.97
C ILE C 19 -32.51 13.14 -3.31
N ALA C 20 -32.92 11.87 -3.31
CA ALA C 20 -33.28 11.22 -4.57
C ALA C 20 -34.47 11.91 -5.23
N ASP C 21 -35.41 12.42 -4.43
CA ASP C 21 -36.54 13.16 -4.99
C ASP C 21 -36.07 14.42 -5.70
N ARG C 22 -35.18 15.20 -5.07
CA ARG C 22 -34.71 16.43 -5.69
C ARG C 22 -33.88 16.17 -6.94
N LEU C 23 -33.21 15.03 -6.99
CA LEU C 23 -32.44 14.65 -8.17
C LEU C 23 -33.30 14.00 -9.25
N GLY C 24 -34.60 13.82 -9.00
CA GLY C 24 -35.45 13.15 -9.95
C GLY C 24 -35.18 11.66 -10.02
N LEU C 25 -34.77 11.06 -8.91
CA LEU C 25 -34.42 9.65 -8.82
C LEU C 25 -35.34 8.94 -7.82
N GLU C 26 -35.29 7.61 -7.82
CA GLU C 26 -36.11 6.80 -6.93
C GLU C 26 -35.40 6.34 -5.66
N LEU C 27 -34.25 5.68 -5.81
CA LEU C 27 -33.34 5.12 -4.80
C LEU C 27 -33.02 3.69 -5.18
N GLY C 28 -31.79 3.26 -4.91
CA GLY C 28 -31.37 1.94 -5.32
C GLY C 28 -32.00 0.85 -4.47
N LYS C 29 -32.23 -0.29 -5.11
CA LYS C 29 -32.89 -1.40 -4.43
C LYS C 29 -31.82 -2.12 -3.61
N VAL C 30 -31.84 -1.89 -2.30
CA VAL C 30 -30.93 -2.55 -1.37
C VAL C 30 -31.73 -2.98 -0.15
N VAL C 31 -31.49 -4.20 0.30
CA VAL C 31 -32.00 -4.68 1.57
C VAL C 31 -30.87 -4.59 2.58
N THR C 32 -31.12 -3.91 3.69
CA THR C 32 -30.12 -3.69 4.73
C THR C 32 -30.77 -4.09 6.04
N LYS C 33 -30.38 -5.25 6.57
CA LYS C 33 -30.99 -5.79 7.78
C LYS C 33 -29.88 -6.37 8.64
N LYS C 34 -30.25 -7.19 9.60
CA LYS C 34 -29.29 -7.90 10.43
C LYS C 34 -29.58 -9.39 10.34
N PHE C 35 -28.53 -10.18 10.50
CA PHE C 35 -28.68 -11.62 10.55
C PHE C 35 -29.22 -12.01 11.92
N SER C 36 -29.46 -13.30 12.13
CA SER C 36 -30.01 -13.74 13.40
C SER C 36 -29.09 -13.40 14.56
N ASN C 37 -27.78 -13.49 14.34
CA ASN C 37 -26.79 -13.23 15.39
C ASN C 37 -26.27 -11.79 15.38
N GLN C 38 -26.99 -10.88 14.72
CA GLN C 38 -26.78 -9.43 14.71
C GLN C 38 -25.67 -8.99 13.75
N GLU C 39 -25.22 -9.85 12.85
CA GLU C 39 -24.30 -9.43 11.80
C GLU C 39 -25.05 -8.69 10.71
N THR C 40 -24.38 -7.69 10.13
CA THR C 40 -25.01 -6.86 9.12
C THR C 40 -25.24 -7.63 7.82
N CYS C 41 -26.42 -7.46 7.24
CA CYS C 41 -26.79 -8.10 5.98
C CYS C 41 -27.10 -7.02 4.96
N VAL C 42 -26.39 -7.05 3.84
CA VAL C 42 -26.54 -6.06 2.76
C VAL C 42 -26.71 -6.81 1.46
N GLU C 43 -27.84 -6.57 0.79
CA GLU C 43 -28.17 -7.21 -0.49
C GLU C 43 -28.48 -6.12 -1.50
N ILE C 44 -27.59 -5.90 -2.46
CA ILE C 44 -27.83 -4.95 -3.54
C ILE C 44 -28.71 -5.64 -4.57
N GLY C 45 -29.89 -5.10 -4.82
CA GLY C 45 -30.83 -5.78 -5.67
C GLY C 45 -30.92 -5.22 -7.07
N GLU C 46 -29.82 -4.66 -7.58
CA GLU C 46 -29.79 -4.14 -8.94
C GLU C 46 -28.34 -3.96 -9.37
N SER C 47 -28.11 -4.04 -10.68
CA SER C 47 -26.76 -3.93 -11.20
C SER C 47 -26.21 -2.54 -10.93
N VAL C 48 -24.92 -2.47 -10.61
CA VAL C 48 -24.30 -1.17 -10.35
C VAL C 48 -23.05 -1.00 -11.21
N ARG C 49 -22.86 -1.90 -12.17
CA ARG C 49 -21.72 -1.86 -13.07
C ARG C 49 -21.66 -0.54 -13.84
N GLY C 50 -20.53 0.15 -13.76
CA GLY C 50 -20.35 1.36 -14.51
C GLY C 50 -21.09 2.57 -13.98
N GLU C 51 -21.63 2.49 -12.77
CA GLU C 51 -22.43 3.56 -12.22
C GLU C 51 -21.62 4.44 -11.27
N ASP C 52 -22.08 5.67 -11.09
CA ASP C 52 -21.54 6.59 -10.11
C ASP C 52 -22.42 6.46 -8.86
N VAL C 53 -21.93 5.77 -7.85
CA VAL C 53 -22.75 5.36 -6.72
C VAL C 53 -22.58 6.36 -5.58
N TYR C 54 -23.69 6.71 -4.95
CA TYR C 54 -23.69 7.54 -3.75
C TYR C 54 -24.45 6.78 -2.68
N ILE C 55 -23.83 6.63 -1.51
CA ILE C 55 -24.42 5.87 -0.40
C ILE C 55 -24.60 6.84 0.76
N VAL C 56 -25.83 6.99 1.22
CA VAL C 56 -26.19 7.97 2.25
C VAL C 56 -26.25 7.22 3.58
N GLN C 57 -25.28 7.50 4.46
CA GLN C 57 -25.25 6.92 5.80
C GLN C 57 -24.68 7.96 6.75
N SER C 58 -25.47 8.34 7.75
CA SER C 58 -25.07 9.33 8.74
C SER C 58 -24.62 8.64 10.02
N GLY C 59 -23.73 9.31 10.75
CA GLY C 59 -23.27 8.76 12.01
C GLY C 59 -24.26 9.02 13.13
N CYS C 60 -25.27 8.14 13.25
CA CYS C 60 -26.37 8.36 14.17
C CYS C 60 -27.07 7.03 14.42
N GLY C 61 -27.80 6.97 15.54
CA GLY C 61 -28.37 5.71 16.00
C GLY C 61 -27.31 4.83 16.62
N GLU C 62 -27.52 3.52 16.52
CA GLU C 62 -26.45 2.58 16.83
C GLU C 62 -25.36 2.76 15.79
N ILE C 63 -24.36 3.58 16.14
CA ILE C 63 -23.42 4.10 15.16
C ILE C 63 -22.61 3.00 14.51
N ASN C 64 -22.17 2.00 15.29
CA ASN C 64 -21.29 0.99 14.73
C ASN C 64 -22.02 0.08 13.75
N ASP C 65 -23.32 -0.15 13.95
CA ASP C 65 -24.07 -0.97 13.01
C ASP C 65 -24.23 -0.26 11.67
N ASN C 66 -24.45 1.07 11.70
CA ASN C 66 -24.63 1.84 10.48
C ASN C 66 -23.30 2.09 9.78
N LEU C 67 -22.23 2.27 10.57
CA LEU C 67 -20.89 2.37 10.03
C LEU C 67 -20.49 1.07 9.32
N MET C 68 -20.74 -0.07 9.98
CA MET C 68 -20.38 -1.36 9.39
C MET C 68 -21.22 -1.64 8.16
N GLU C 69 -22.52 -1.30 8.23
CA GLU C 69 -23.38 -1.44 7.06
C GLU C 69 -22.89 -0.58 5.91
N LEU C 70 -22.47 0.65 6.20
CA LEU C 70 -21.92 1.52 5.17
C LEU C 70 -20.68 0.90 4.54
N LEU C 71 -19.78 0.38 5.36
CA LEU C 71 -18.55 -0.22 4.83
C LEU C 71 -18.87 -1.42 3.95
N ILE C 72 -19.81 -2.25 4.36
CA ILE C 72 -20.16 -3.43 3.58
C ILE C 72 -20.83 -3.02 2.27
N MET C 73 -21.64 -1.96 2.30
CA MET C 73 -22.26 -1.45 1.08
C MET C 73 -21.20 -0.96 0.11
N ILE C 74 -20.22 -0.22 0.61
CA ILE C 74 -19.11 0.26 -0.21
C ILE C 74 -18.35 -0.92 -0.83
N ASN C 75 -18.02 -1.92 0.00
CA ASN C 75 -17.21 -3.03 -0.51
C ASN C 75 -17.97 -3.84 -1.56
N ALA C 76 -19.26 -4.08 -1.33
CA ALA C 76 -20.05 -4.80 -2.30
C ALA C 76 -20.11 -4.04 -3.61
N CYS C 77 -20.40 -2.74 -3.54
CA CYS C 77 -20.46 -1.94 -4.75
C CYS C 77 -19.12 -1.90 -5.46
N LYS C 78 -18.03 -1.87 -4.69
CA LYS C 78 -16.70 -1.80 -5.30
C LYS C 78 -16.35 -3.07 -6.05
N ILE C 79 -16.52 -4.24 -5.42
CA ILE C 79 -16.30 -5.47 -6.17
C ILE C 79 -17.49 -5.79 -7.06
N ALA C 80 -18.55 -4.99 -7.00
CA ALA C 80 -19.61 -5.02 -8.00
C ALA C 80 -19.23 -4.26 -9.25
N SER C 81 -17.95 -3.93 -9.42
CA SER C 81 -17.43 -3.25 -10.60
C SER C 81 -18.10 -1.88 -10.81
N ALA C 82 -18.53 -1.25 -9.73
CA ALA C 82 -19.05 0.11 -9.86
C ALA C 82 -17.95 1.05 -10.34
N SER C 83 -18.35 2.06 -11.12
CA SER C 83 -17.36 2.97 -11.68
C SER C 83 -16.75 3.85 -10.60
N ARG C 84 -17.57 4.34 -9.68
CA ARG C 84 -17.11 5.16 -8.56
C ARG C 84 -18.11 5.01 -7.42
N VAL C 85 -17.61 4.98 -6.20
CA VAL C 85 -18.45 4.85 -5.00
C VAL C 85 -18.18 6.06 -4.10
N THR C 86 -19.24 6.79 -3.77
CA THR C 86 -19.14 8.00 -2.96
C THR C 86 -19.97 7.81 -1.70
N ALA C 87 -19.33 7.94 -0.54
CA ALA C 87 -20.00 7.85 0.75
C ALA C 87 -20.47 9.24 1.18
N VAL C 88 -21.78 9.47 1.20
CA VAL C 88 -22.34 10.72 1.68
C VAL C 88 -22.66 10.52 3.16
N ILE C 89 -21.88 11.18 4.02
CA ILE C 89 -21.96 10.98 5.47
C ILE C 89 -22.29 12.31 6.15
N PRO C 90 -23.57 12.64 6.35
CA PRO C 90 -23.90 13.98 6.87
C PRO C 90 -23.24 14.33 8.19
N CYS C 91 -23.38 13.48 9.20
CA CYS C 91 -22.73 13.65 10.50
C CYS C 91 -21.65 12.59 10.63
N PHE C 92 -20.40 12.99 10.61
CA PHE C 92 -19.29 12.04 10.55
C PHE C 92 -19.06 11.44 11.92
N PRO C 93 -19.13 10.12 12.07
CA PRO C 93 -19.00 9.50 13.39
C PRO C 93 -17.56 9.56 13.89
N TYR C 94 -17.43 9.47 15.23
CA TYR C 94 -16.15 9.41 15.93
C TYR C 94 -15.28 10.64 15.66
N ALA C 95 -15.91 11.78 15.35
CA ALA C 95 -15.14 12.97 14.99
C ALA C 95 -14.50 13.64 16.18
N ARG C 96 -15.11 13.55 17.37
CA ARG C 96 -14.49 14.13 18.54
C ARG C 96 -13.24 13.38 18.99
N GLN C 97 -13.02 12.17 18.50
CA GLN C 97 -11.78 11.43 18.74
C GLN C 97 -10.86 11.60 17.54
N ASP C 98 -10.30 12.80 17.42
CA ASP C 98 -9.53 13.20 16.25
C ASP C 98 -8.06 13.46 16.55
N LYS C 99 -7.57 13.09 17.74
CA LYS C 99 -6.18 13.34 18.09
C LYS C 99 -5.79 12.51 19.30
N LYS C 100 -4.49 12.53 19.61
CA LYS C 100 -3.95 11.85 20.78
C LYS C 100 -3.71 12.94 21.84
N ASP C 101 -4.72 13.15 22.68
CA ASP C 101 -4.66 14.14 23.75
C ASP C 101 -4.24 13.49 25.06
N LYS C 102 -4.90 12.39 25.43
CA LYS C 102 -4.55 11.64 26.62
C LYS C 102 -3.44 10.63 26.29
N SER C 103 -3.05 9.85 27.30
CA SER C 103 -1.79 9.12 27.25
C SER C 103 -1.81 8.04 26.18
N ARG C 104 -2.82 7.18 26.21
CA ARG C 104 -2.88 6.03 25.32
C ARG C 104 -4.20 6.01 24.53
N ALA C 105 -4.68 7.21 24.19
CA ALA C 105 -5.96 7.36 23.52
C ALA C 105 -5.85 7.06 22.02
N PRO C 106 -6.95 6.60 21.42
CA PRO C 106 -6.98 6.36 19.97
C PRO C 106 -7.45 7.56 19.19
N ILE C 107 -7.04 7.60 17.91
CA ILE C 107 -7.57 8.58 16.97
C ILE C 107 -8.66 7.89 16.16
N SER C 108 -9.84 7.72 16.79
CA SER C 108 -10.90 6.92 16.18
C SER C 108 -11.33 7.49 14.84
N ALA C 109 -11.35 8.82 14.69
CA ALA C 109 -11.77 9.41 13.43
C ALA C 109 -10.85 9.00 12.29
N LYS C 110 -9.55 8.92 12.56
CA LYS C 110 -8.60 8.52 11.53
C LYS C 110 -8.74 7.03 11.22
N LEU C 111 -9.01 6.22 12.24
CA LEU C 111 -9.33 4.81 12.03
C LEU C 111 -10.53 4.66 11.11
N VAL C 112 -11.59 5.43 11.35
CA VAL C 112 -12.78 5.36 10.51
C VAL C 112 -12.43 5.78 9.09
N ALA C 113 -11.62 6.82 8.94
CA ALA C 113 -11.20 7.25 7.61
C ALA C 113 -10.44 6.14 6.90
N ASN C 114 -9.67 5.35 7.64
CA ASN C 114 -8.92 4.26 7.02
C ASN C 114 -9.80 3.07 6.69
N MET C 115 -10.86 2.82 7.45
CA MET C 115 -11.76 1.73 7.10
C MET C 115 -12.62 2.09 5.90
N LEU C 116 -13.03 3.36 5.80
CA LEU C 116 -13.71 3.83 4.59
C LEU C 116 -12.79 3.76 3.38
N SER C 117 -11.52 4.16 3.55
CA SER C 117 -10.57 4.09 2.45
C SER C 117 -10.37 2.65 2.01
N VAL C 118 -10.15 1.73 2.97
CA VAL C 118 -9.85 0.35 2.62
C VAL C 118 -11.08 -0.39 2.12
N ALA C 119 -12.28 0.07 2.48
CA ALA C 119 -13.49 -0.55 1.96
C ALA C 119 -13.65 -0.31 0.46
N GLY C 120 -13.26 0.87 -0.01
CA GLY C 120 -13.27 1.16 -1.44
C GLY C 120 -13.86 2.52 -1.76
N ALA C 121 -14.02 3.37 -0.74
CA ALA C 121 -14.58 4.69 -0.96
C ALA C 121 -13.63 5.55 -1.79
N ASP C 122 -14.19 6.25 -2.77
CA ASP C 122 -13.42 7.16 -3.60
C ASP C 122 -13.71 8.62 -3.30
N HIS C 123 -14.77 8.93 -2.57
CA HIS C 123 -15.18 10.31 -2.37
C HIS C 123 -16.03 10.37 -1.11
N ILE C 124 -15.91 11.48 -0.39
CA ILE C 124 -16.66 11.70 0.84
C ILE C 124 -17.35 13.06 0.74
N ILE C 125 -18.65 13.09 1.06
CA ILE C 125 -19.42 14.32 1.13
C ILE C 125 -20.06 14.37 2.51
N THR C 126 -19.69 15.37 3.30
CA THR C 126 -20.15 15.52 4.68
C THR C 126 -20.50 16.98 4.93
N MET C 127 -20.98 17.26 6.15
CA MET C 127 -21.42 18.61 6.49
C MET C 127 -20.92 18.98 7.87
N ASP C 128 -20.21 20.10 7.95
CA ASP C 128 -19.72 20.68 9.21
C ASP C 128 -19.02 19.63 10.06
N LEU C 129 -17.89 19.15 9.54
CA LEU C 129 -16.99 18.31 10.31
C LEU C 129 -16.66 19.00 11.64
N HIS C 130 -16.61 18.21 12.71
CA HIS C 130 -16.23 18.77 14.01
C HIS C 130 -14.89 19.50 13.90
N ALA C 131 -13.91 18.83 13.29
CA ALA C 131 -12.65 19.46 12.91
C ALA C 131 -12.48 19.34 11.41
N SER C 132 -12.16 20.45 10.76
CA SER C 132 -12.02 20.44 9.30
C SER C 132 -10.85 19.58 8.86
N GLN C 133 -9.86 19.37 9.74
CA GLN C 133 -8.67 18.61 9.39
C GLN C 133 -8.98 17.16 9.07
N ILE C 134 -10.21 16.69 9.33
CA ILE C 134 -10.60 15.35 8.95
C ILE C 134 -10.59 15.20 7.44
N GLN C 135 -10.70 16.32 6.70
CA GLN C 135 -10.47 16.26 5.26
C GLN C 135 -9.08 15.72 4.95
N GLY C 136 -8.11 16.00 5.80
CA GLY C 136 -6.76 15.49 5.69
C GLY C 136 -6.55 14.08 6.22
N PHE C 137 -7.57 13.48 6.84
CA PHE C 137 -7.42 12.09 7.26
C PHE C 137 -7.47 11.13 6.08
N PHE C 138 -7.75 11.61 4.87
CA PHE C 138 -7.89 10.74 3.74
C PHE C 138 -6.75 10.99 2.74
N ASP C 139 -6.99 10.56 1.51
CA ASP C 139 -6.12 10.73 0.36
C ASP C 139 -7.03 10.79 -0.86
N ILE C 140 -8.28 11.16 -0.61
CA ILE C 140 -9.37 11.24 -1.58
C ILE C 140 -10.16 12.53 -1.26
N PRO C 141 -10.92 13.00 -2.25
CA PRO C 141 -11.67 14.26 -2.00
C PRO C 141 -12.66 14.14 -0.87
N VAL C 142 -12.71 15.17 -0.03
CA VAL C 142 -13.64 15.25 1.10
C VAL C 142 -14.31 16.62 1.06
N ASP C 143 -15.61 16.64 0.75
CA ASP C 143 -16.37 17.88 0.76
C ASP C 143 -16.86 18.15 2.18
N ASN C 144 -16.40 19.25 2.77
CA ASN C 144 -16.86 19.69 4.09
C ASN C 144 -17.88 20.80 3.86
N LEU C 145 -19.15 20.41 3.71
CA LEU C 145 -20.21 21.39 3.47
C LEU C 145 -20.50 22.17 4.74
N TYR C 146 -20.78 23.46 4.58
CA TYR C 146 -21.17 24.32 5.69
C TYR C 146 -22.68 24.48 5.70
N ALA C 147 -23.26 24.47 6.89
CA ALA C 147 -24.66 24.84 7.07
C ALA C 147 -24.81 26.33 7.33
N GLU C 148 -23.69 27.06 7.35
CA GLU C 148 -23.67 28.49 7.67
C GLU C 148 -24.62 29.34 6.82
N PRO C 149 -24.68 29.20 5.49
CA PRO C 149 -25.66 30.01 4.73
C PRO C 149 -27.11 29.73 5.10
N ALA C 150 -27.48 28.46 5.31
CA ALA C 150 -28.86 28.18 5.64
C ALA C 150 -29.21 28.62 7.05
N VAL C 151 -28.21 28.63 7.94
CA VAL C 151 -28.41 29.17 9.28
C VAL C 151 -28.59 30.69 9.22
N LEU C 152 -27.79 31.38 8.40
CA LEU C 152 -27.94 32.81 8.23
C LEU C 152 -29.33 33.14 7.69
N LYS C 153 -29.77 32.42 6.66
CA LYS C 153 -31.10 32.64 6.09
C LYS C 153 -32.17 32.41 7.13
N TRP C 154 -32.04 31.34 7.93
CA TRP C 154 -33.02 31.07 8.98
C TRP C 154 -33.08 32.22 9.97
N ILE C 155 -31.92 32.69 10.43
CA ILE C 155 -31.89 33.77 11.42
C ILE C 155 -32.58 35.00 10.87
N ARG C 156 -32.20 35.42 9.65
CA ARG C 156 -32.80 36.63 9.08
C ARG C 156 -34.31 36.49 8.90
N GLU C 157 -34.78 35.32 8.49
CA GLU C 157 -36.21 35.16 8.21
C GLU C 157 -37.04 34.82 9.44
N ASN C 158 -36.41 34.51 10.58
CA ASN C 158 -37.15 34.10 11.77
C ASN C 158 -36.87 34.98 12.99
N ILE C 159 -35.72 35.63 13.07
CA ILE C 159 -35.37 36.46 14.22
C ILE C 159 -35.74 37.90 13.88
N SER C 160 -36.67 38.47 14.65
CA SER C 160 -37.09 39.85 14.39
C SER C 160 -35.96 40.83 14.67
N GLU C 161 -35.31 40.69 15.83
CA GLU C 161 -34.26 41.60 16.27
C GLU C 161 -32.86 41.15 15.85
N TRP C 162 -32.72 40.47 14.70
CA TRP C 162 -31.44 39.88 14.35
C TRP C 162 -30.37 40.93 14.05
N ARG C 163 -30.77 42.15 13.65
CA ARG C 163 -29.77 43.17 13.34
C ARG C 163 -28.98 43.60 14.57
N ASN C 164 -29.50 43.34 15.77
CA ASN C 164 -28.81 43.66 17.01
C ASN C 164 -28.87 42.48 17.96
N CYS C 165 -28.50 41.30 17.45
CA CYS C 165 -28.37 40.13 18.29
C CYS C 165 -26.89 39.97 18.61
N THR C 166 -26.54 38.87 19.27
CA THR C 166 -25.15 38.58 19.62
C THR C 166 -24.94 37.08 19.51
N ILE C 167 -24.04 36.66 18.62
CA ILE C 167 -23.80 35.24 18.38
C ILE C 167 -22.81 34.73 19.43
N VAL C 168 -23.22 33.72 20.20
CA VAL C 168 -22.45 33.25 21.33
C VAL C 168 -21.94 31.84 21.05
N SER C 169 -20.70 31.57 21.49
CA SER C 169 -20.04 30.26 21.45
C SER C 169 -20.20 29.56 22.77
N PRO C 170 -20.75 28.33 22.80
CA PRO C 170 -20.98 27.68 24.11
C PRO C 170 -19.72 27.20 24.79
N ASP C 171 -18.64 26.94 24.05
CA ASP C 171 -17.34 26.57 24.57
C ASP C 171 -16.28 27.51 24.01
N ALA C 172 -15.04 27.28 24.42
CA ALA C 172 -13.91 28.02 23.85
C ALA C 172 -13.81 27.71 22.35
N GLY C 173 -13.43 26.47 22.03
CA GLY C 173 -13.31 25.96 20.68
C GLY C 173 -14.24 26.44 19.58
N GLY C 174 -15.41 26.99 19.93
CA GLY C 174 -16.36 27.39 18.90
C GLY C 174 -16.34 28.85 18.52
N ALA C 175 -15.25 29.54 18.85
CA ALA C 175 -15.18 30.99 18.60
C ALA C 175 -15.06 31.31 17.12
N LYS C 176 -14.38 30.45 16.35
CA LYS C 176 -14.18 30.72 14.93
C LYS C 176 -15.51 30.71 14.19
N ARG C 177 -16.36 29.74 14.51
CA ARG C 177 -17.67 29.60 13.90
C ARG C 177 -18.53 30.84 14.16
N VAL C 178 -18.53 31.30 15.41
CA VAL C 178 -19.45 32.37 15.80
C VAL C 178 -18.93 33.72 15.34
N THR C 179 -17.61 33.91 15.26
CA THR C 179 -17.11 35.15 14.69
C THR C 179 -17.33 35.19 13.18
N SER C 180 -17.28 34.02 12.52
CA SER C 180 -17.69 33.96 11.12
C SER C 180 -19.13 34.43 10.94
N ILE C 181 -20.06 33.82 11.68
CA ILE C 181 -21.48 34.17 11.54
C ILE C 181 -21.71 35.64 11.91
N ALA C 182 -21.14 36.08 13.04
CA ALA C 182 -21.28 37.46 13.46
C ALA C 182 -20.80 38.43 12.40
N ASP C 183 -19.64 38.11 11.77
CA ASP C 183 -19.15 38.96 10.69
C ASP C 183 -20.09 38.95 9.50
N ARG C 184 -20.79 37.83 9.27
CA ARG C 184 -21.70 37.78 8.13
C ARG C 184 -23.00 38.53 8.37
N LEU C 185 -23.49 38.55 9.61
CA LEU C 185 -24.67 39.34 9.95
C LEU C 185 -24.35 40.78 10.34
N ASN C 186 -23.07 41.10 10.55
CA ASN C 186 -22.65 42.37 11.14
C ASN C 186 -23.37 42.60 12.47
N VAL C 187 -23.05 41.74 13.43
CA VAL C 187 -23.58 41.82 14.79
C VAL C 187 -22.42 41.56 15.75
N ASP C 188 -22.74 41.49 17.04
CA ASP C 188 -21.74 41.25 18.05
C ASP C 188 -21.63 39.75 18.34
N PHE C 189 -20.56 39.38 19.03
CA PHE C 189 -20.32 38.00 19.44
C PHE C 189 -19.92 37.97 20.91
N ALA C 190 -19.96 36.77 21.48
CA ALA C 190 -19.65 36.56 22.89
C ALA C 190 -19.13 35.15 23.06
N LEU C 191 -18.62 34.86 24.26
CA LEU C 191 -17.98 33.58 24.53
C LEU C 191 -18.32 33.13 25.94
N ILE C 192 -18.49 31.83 26.11
CA ILE C 192 -18.75 31.20 27.40
C ILE C 192 -17.70 30.13 27.62
N HIS C 193 -17.09 30.14 28.81
CA HIS C 193 -16.04 29.20 29.17
C HIS C 193 -16.38 28.51 30.48
N LYS C 194 -16.36 27.18 30.46
CA LYS C 194 -16.51 26.38 31.67
C LYS C 194 -15.20 26.39 32.46
N GLU C 195 -15.29 26.03 33.72
CA GLU C 195 -14.09 25.98 34.58
C GLU C 195 -14.08 24.75 35.48
N ARG C 204 -18.60 27.30 38.24
CA ARG C 204 -18.82 28.61 37.64
C ARG C 204 -18.56 28.56 36.14
N MET C 205 -19.36 29.32 35.39
CA MET C 205 -19.25 29.44 33.94
C MET C 205 -19.16 30.93 33.61
N VAL C 206 -18.28 31.29 32.69
CA VAL C 206 -17.91 32.69 32.48
C VAL C 206 -18.37 33.17 31.11
N LEU C 207 -18.93 34.38 31.07
CA LEU C 207 -19.39 35.01 29.86
C LEU C 207 -18.55 36.25 29.59
N VAL C 208 -18.09 36.40 28.35
CA VAL C 208 -17.31 37.56 27.93
C VAL C 208 -17.89 38.10 26.62
N GLY C 209 -18.10 39.41 26.55
CA GLY C 209 -18.65 40.05 25.36
C GLY C 209 -19.97 40.76 25.50
N ASP C 210 -20.61 40.80 26.67
CA ASP C 210 -21.80 41.61 26.90
C ASP C 210 -22.97 41.30 25.97
N VAL C 211 -23.97 40.56 26.47
CA VAL C 211 -25.14 40.21 25.70
C VAL C 211 -26.36 40.85 26.34
N LYS C 212 -26.13 41.91 27.11
CA LYS C 212 -27.20 42.60 27.83
C LYS C 212 -28.17 43.33 26.89
N ASP C 213 -29.47 43.12 27.12
CA ASP C 213 -30.56 43.82 26.44
C ASP C 213 -30.42 43.71 24.91
N ARG C 214 -30.49 42.45 24.46
CA ARG C 214 -30.33 42.07 23.06
C ARG C 214 -30.52 40.56 22.97
N VAL C 215 -30.71 40.08 21.76
CA VAL C 215 -31.00 38.67 21.53
C VAL C 215 -29.69 37.89 21.43
N ALA C 216 -29.64 36.72 22.06
CA ALA C 216 -28.45 35.89 22.10
C ALA C 216 -28.70 34.60 21.32
N ILE C 217 -27.81 34.29 20.38
CA ILE C 217 -27.90 33.08 19.58
C ILE C 217 -26.66 32.24 19.84
N LEU C 218 -26.83 31.13 20.56
CA LEU C 218 -25.75 30.15 20.72
C LEU C 218 -25.57 29.36 19.44
N VAL C 219 -24.33 29.25 18.96
CA VAL C 219 -24.05 28.49 17.75
C VAL C 219 -22.84 27.60 18.00
N ASP C 220 -23.00 26.31 17.72
CA ASP C 220 -21.90 25.35 17.72
C ASP C 220 -22.24 24.29 16.67
N ASP C 221 -21.33 23.33 16.50
CA ASP C 221 -21.51 22.35 15.45
C ASP C 221 -22.50 21.25 15.81
N MET C 222 -22.72 20.97 17.10
CA MET C 222 -23.57 19.86 17.46
C MET C 222 -24.21 20.09 18.82
N ALA C 223 -25.16 19.21 19.15
CA ALA C 223 -25.82 19.16 20.44
C ALA C 223 -25.98 17.69 20.78
N ASP C 224 -25.21 17.22 21.75
CA ASP C 224 -25.30 15.81 22.13
C ASP C 224 -26.20 15.69 23.35
N THR C 225 -25.63 15.86 24.54
CA THR C 225 -26.39 15.82 25.78
C THR C 225 -27.01 17.16 26.14
N CYS C 226 -26.57 18.25 25.49
CA CYS C 226 -27.09 19.61 25.61
C CYS C 226 -26.91 20.21 26.99
N GLY C 227 -26.10 19.60 27.87
CA GLY C 227 -25.84 20.19 29.17
C GLY C 227 -25.11 21.52 29.04
N THR C 228 -24.19 21.60 28.08
CA THR C 228 -23.33 22.77 27.96
C THR C 228 -24.12 23.96 27.42
N ILE C 229 -25.02 23.72 26.46
CA ILE C 229 -25.80 24.82 25.90
C ILE C 229 -26.95 25.21 26.82
N CYS C 230 -27.45 24.27 27.64
CA CYS C 230 -28.48 24.64 28.60
C CYS C 230 -27.89 25.48 29.73
N HIS C 231 -26.70 25.11 30.22
CA HIS C 231 -26.05 25.94 31.21
C HIS C 231 -25.67 27.29 30.62
N ALA C 232 -25.14 27.28 29.39
CA ALA C 232 -24.82 28.53 28.70
C ALA C 232 -26.04 29.43 28.56
N ALA C 233 -27.20 28.83 28.26
CA ALA C 233 -28.43 29.62 28.15
C ALA C 233 -28.82 30.21 29.50
N ASP C 234 -28.66 29.43 30.58
CA ASP C 234 -28.96 29.98 31.90
C ASP C 234 -28.05 31.16 32.22
N LYS C 235 -26.77 31.06 31.86
CA LYS C 235 -25.86 32.19 32.04
C LYS C 235 -26.29 33.38 31.19
N LEU C 236 -26.82 33.13 29.99
CA LEU C 236 -27.25 34.25 29.16
C LEU C 236 -28.46 34.95 29.75
N LEU C 237 -29.35 34.20 30.39
CA LEU C 237 -30.43 34.85 31.15
C LEU C 237 -29.86 35.68 32.28
N SER C 238 -28.98 35.09 33.09
CA SER C 238 -28.45 35.82 34.25
C SER C 238 -27.78 37.12 33.84
N ALA C 239 -27.09 37.13 32.71
CA ALA C 239 -26.47 38.35 32.20
C ALA C 239 -27.48 39.28 31.54
N GLY C 240 -28.75 38.90 31.49
CA GLY C 240 -29.78 39.79 31.01
C GLY C 240 -29.85 39.82 29.49
N ALA C 241 -30.41 38.77 28.91
CA ALA C 241 -30.55 38.67 27.46
C ALA C 241 -32.02 38.50 27.12
N THR C 242 -32.53 39.33 26.22
CA THR C 242 -33.95 39.32 25.89
C THR C 242 -34.41 37.94 25.47
N ARG C 243 -33.71 37.33 24.52
CA ARG C 243 -34.03 35.99 24.05
C ARG C 243 -32.74 35.23 23.80
N VAL C 244 -32.83 33.91 23.95
CA VAL C 244 -31.68 33.02 23.78
C VAL C 244 -32.09 31.86 22.89
N TYR C 245 -31.46 31.76 21.73
CA TYR C 245 -31.67 30.68 20.78
C TYR C 245 -30.46 29.75 20.80
N ALA C 246 -30.61 28.61 20.13
CA ALA C 246 -29.51 27.68 19.91
C ALA C 246 -29.65 27.11 18.50
N ILE C 247 -28.68 27.40 17.64
CA ILE C 247 -28.65 26.90 16.29
C ILE C 247 -27.42 26.01 16.15
N LEU C 248 -27.64 24.70 16.08
CA LEU C 248 -26.59 23.71 15.95
C LEU C 248 -26.79 22.94 14.66
N THR C 249 -25.69 22.59 13.99
CA THR C 249 -25.81 21.84 12.76
C THR C 249 -26.33 20.43 13.03
N HIS C 250 -25.63 19.67 13.89
CA HIS C 250 -25.94 18.27 14.11
C HIS C 250 -26.80 18.10 15.37
N GLY C 251 -28.03 17.61 15.16
CA GLY C 251 -29.01 17.37 16.18
C GLY C 251 -28.93 16.00 16.82
N ILE C 252 -27.82 15.70 17.49
CA ILE C 252 -27.63 14.36 18.05
C ILE C 252 -28.70 14.06 19.10
N PHE C 253 -28.92 15.00 20.02
CA PHE C 253 -29.91 14.88 21.09
C PHE C 253 -29.92 13.50 21.73
N SER C 254 -28.87 13.18 22.48
CA SER C 254 -28.76 11.91 23.17
C SER C 254 -28.91 12.09 24.67
N GLY C 255 -29.45 11.07 25.32
CA GLY C 255 -29.66 11.07 26.76
C GLY C 255 -30.80 11.98 27.17
N PRO C 256 -30.56 12.80 28.18
CA PRO C 256 -31.62 13.67 28.70
C PRO C 256 -31.77 14.98 27.94
N ALA C 257 -31.29 15.02 26.70
CA ALA C 257 -31.21 16.29 25.96
C ALA C 257 -32.55 16.99 25.90
N ILE C 258 -33.61 16.26 25.52
CA ILE C 258 -34.93 16.89 25.39
C ILE C 258 -35.40 17.42 26.74
N SER C 259 -35.21 16.64 27.81
CA SER C 259 -35.56 17.12 29.14
C SER C 259 -34.87 18.44 29.45
N ARG C 260 -33.61 18.57 29.05
CA ARG C 260 -32.84 19.76 29.41
C ARG C 260 -33.23 20.95 28.53
N ILE C 261 -33.64 20.70 27.28
CA ILE C 261 -34.06 21.79 26.42
C ILE C 261 -35.45 22.28 26.83
N ASN C 262 -36.35 21.36 27.19
CA ASN C 262 -37.67 21.75 27.68
C ASN C 262 -37.58 22.48 29.02
N ASN C 263 -36.56 22.17 29.83
CA ASN C 263 -36.42 22.84 31.11
C ASN C 263 -35.52 24.06 31.05
N ALA C 264 -35.10 24.47 29.86
CA ALA C 264 -34.32 25.68 29.70
C ALA C 264 -35.20 26.80 29.16
N CYS C 265 -34.55 27.88 28.70
CA CYS C 265 -35.23 29.11 28.34
C CYS C 265 -35.06 29.45 26.86
N PHE C 266 -35.14 28.45 25.99
CA PHE C 266 -34.99 28.69 24.57
C PHE C 266 -36.32 29.08 23.95
N GLU C 267 -36.27 30.02 23.00
CA GLU C 267 -37.44 30.28 22.18
C GLU C 267 -37.56 29.20 21.12
N ALA C 268 -36.43 28.79 20.56
CA ALA C 268 -36.34 27.65 19.66
C ALA C 268 -34.92 27.09 19.75
N VAL C 269 -34.79 25.83 19.37
CA VAL C 269 -33.49 25.17 19.23
C VAL C 269 -33.47 24.60 17.82
N VAL C 270 -32.55 25.09 16.99
CA VAL C 270 -32.59 24.86 15.55
C VAL C 270 -31.45 23.94 15.17
N VAL C 271 -31.77 22.87 14.45
CA VAL C 271 -30.79 21.91 13.94
C VAL C 271 -31.13 21.60 12.50
N THR C 272 -30.18 20.97 11.80
CA THR C 272 -30.42 20.46 10.46
C THR C 272 -30.82 18.97 10.52
N ASN C 273 -31.19 18.42 9.37
CA ASN C 273 -31.62 17.03 9.27
C ASN C 273 -30.48 16.10 8.84
N THR C 274 -29.24 16.41 9.26
CA THR C 274 -28.17 15.43 9.15
C THR C 274 -28.51 14.17 9.93
N ILE C 275 -29.30 14.31 11.00
CA ILE C 275 -29.80 13.24 11.84
C ILE C 275 -31.32 13.32 11.80
N PRO C 276 -32.07 12.21 11.83
CA PRO C 276 -33.53 12.31 11.85
C PRO C 276 -34.00 13.09 13.08
N GLN C 277 -34.96 14.00 12.85
CA GLN C 277 -35.47 14.85 13.92
C GLN C 277 -36.98 14.73 14.13
N GLU C 278 -37.68 13.96 13.30
CA GLU C 278 -39.14 13.91 13.41
C GLU C 278 -39.57 13.37 14.76
N ASP C 279 -38.93 12.30 15.24
CA ASP C 279 -39.28 11.78 16.56
C ASP C 279 -38.88 12.77 17.65
N LYS C 280 -37.74 13.44 17.48
CA LYS C 280 -37.34 14.44 18.47
C LYS C 280 -38.28 15.63 18.47
N MET C 281 -38.72 16.08 17.29
CA MET C 281 -39.61 17.23 17.23
C MET C 281 -40.99 16.93 17.78
N LYS C 282 -41.41 15.66 17.73
CA LYS C 282 -42.70 15.31 18.30
C LYS C 282 -42.71 15.50 19.82
N HIS C 283 -41.57 15.31 20.47
CA HIS C 283 -41.49 15.39 21.91
C HIS C 283 -40.92 16.70 22.41
N CYS C 284 -40.56 17.63 21.52
CA CYS C 284 -40.01 18.92 21.93
C CYS C 284 -40.49 19.99 20.97
N SER C 285 -41.43 20.82 21.42
CA SER C 285 -42.00 21.89 20.59
C SER C 285 -41.00 22.98 20.25
N LYS C 286 -39.80 22.95 20.82
CA LYS C 286 -38.82 24.01 20.64
C LYS C 286 -37.83 23.72 19.51
N ILE C 287 -37.87 22.54 18.90
CA ILE C 287 -36.88 22.12 17.94
C ILE C 287 -37.36 22.45 16.54
N GLN C 288 -36.51 23.10 15.75
CA GLN C 288 -36.80 23.53 14.40
C GLN C 288 -35.76 22.93 13.47
N VAL C 289 -36.17 22.55 12.25
CA VAL C 289 -35.27 21.83 11.37
C VAL C 289 -35.00 22.66 10.11
N ILE C 290 -33.74 22.67 9.70
CA ILE C 290 -33.25 23.35 8.52
C ILE C 290 -32.93 22.27 7.49
N ASP C 291 -33.92 21.88 6.70
CA ASP C 291 -33.72 20.88 5.66
C ASP C 291 -32.49 21.23 4.84
N ILE C 292 -31.48 20.37 4.87
CA ILE C 292 -30.27 20.56 4.08
C ILE C 292 -30.16 19.50 2.99
N SER C 293 -31.27 18.85 2.64
CA SER C 293 -31.24 17.82 1.61
C SER C 293 -30.97 18.42 0.23
N MET C 294 -31.32 19.69 0.02
CA MET C 294 -31.04 20.31 -1.27
C MET C 294 -29.56 20.66 -1.42
N ILE C 295 -28.86 20.89 -0.32
CA ILE C 295 -27.42 21.10 -0.40
C ILE C 295 -26.71 19.79 -0.70
N LEU C 296 -27.20 18.69 -0.10
CA LEU C 296 -26.61 17.38 -0.37
C LEU C 296 -26.98 16.89 -1.77
N ALA C 297 -28.21 17.13 -2.19
CA ALA C 297 -28.62 16.77 -3.54
C ALA C 297 -27.83 17.56 -4.58
N GLU C 298 -27.56 18.84 -4.29
CA GLU C 298 -26.82 19.66 -5.24
C GLU C 298 -25.35 19.26 -5.29
N ALA C 299 -24.77 18.92 -4.15
CA ALA C 299 -23.38 18.47 -4.13
C ALA C 299 -23.20 17.16 -4.89
N ILE C 300 -24.17 16.25 -4.79
CA ILE C 300 -24.10 14.99 -5.53
C ILE C 300 -24.14 15.25 -7.03
N ARG C 301 -25.06 16.12 -7.47
CA ARG C 301 -25.22 16.42 -8.89
C ARG C 301 -23.98 17.10 -9.46
N ARG C 302 -23.44 18.06 -8.71
CA ARG C 302 -22.22 18.74 -9.12
C ARG C 302 -21.05 17.77 -9.15
N THR C 303 -21.03 16.85 -8.18
CA THR C 303 -19.97 15.84 -8.13
C THR C 303 -20.05 14.91 -9.33
N HIS C 304 -21.27 14.56 -9.76
CA HIS C 304 -21.42 13.71 -10.94
C HIS C 304 -20.99 14.45 -12.19
N ASN C 305 -21.75 15.48 -12.59
CA ASN C 305 -21.36 16.31 -13.74
C ASN C 305 -19.87 16.67 -13.72
N GLY C 306 -19.30 16.93 -12.54
CA GLY C 306 -17.93 17.36 -12.45
C GLY C 306 -17.79 18.86 -12.34
N GLU C 307 -18.69 19.50 -11.60
CA GLU C 307 -18.74 20.94 -11.46
C GLU C 307 -18.27 21.36 -10.07
N SER C 308 -18.13 22.66 -9.87
CA SER C 308 -17.60 23.17 -8.62
C SER C 308 -18.70 23.36 -7.60
N VAL C 309 -18.48 22.83 -6.39
CA VAL C 309 -19.48 22.88 -5.31
C VAL C 309 -19.37 24.17 -4.49
N SER C 310 -18.46 25.08 -4.87
CA SER C 310 -18.29 26.32 -4.11
C SER C 310 -19.56 27.16 -4.10
N TYR C 311 -20.41 27.02 -5.13
CA TYR C 311 -21.72 27.68 -5.11
C TYR C 311 -22.45 27.44 -3.80
N LEU C 312 -22.37 26.22 -3.29
CA LEU C 312 -23.02 25.79 -2.06
C LEU C 312 -22.46 26.44 -0.81
N PHE C 313 -21.52 27.40 -0.87
CA PHE C 313 -21.09 28.08 0.33
C PHE C 313 -21.44 29.56 0.34
N SER C 314 -21.99 30.07 -0.76
CA SER C 314 -22.48 31.45 -0.82
C SER C 314 -23.99 31.55 -0.82
N HIS C 315 -24.70 30.55 -1.34
CA HIS C 315 -26.13 30.64 -1.53
C HIS C 315 -26.83 29.38 -1.04
N VAL C 316 -28.08 29.53 -0.63
CA VAL C 316 -28.96 28.42 -0.30
C VAL C 316 -29.78 28.08 -1.56
N PRO C 317 -29.88 26.81 -1.94
CA PRO C 317 -30.69 26.46 -3.13
C PRO C 317 -32.18 26.64 -2.94
N LEU C 318 -32.97 25.72 -3.51
CA LEU C 318 -34.44 25.79 -3.54
C LEU C 318 -34.91 27.10 -4.18
N ASN D 3 21.25 0.86 20.44
CA ASN D 3 21.50 2.13 21.14
C ASN D 3 21.07 3.32 20.28
N ILE D 4 21.30 4.54 20.79
CA ILE D 4 20.79 5.76 20.20
C ILE D 4 21.85 6.44 19.33
N LYS D 5 21.42 6.92 18.16
CA LYS D 5 22.17 7.87 17.37
C LYS D 5 21.26 9.07 17.15
N ILE D 6 21.76 10.26 17.46
CA ILE D 6 21.05 11.50 17.17
C ILE D 6 21.80 12.22 16.06
N PHE D 7 21.06 12.60 15.03
CA PHE D 7 21.60 13.35 13.91
C PHE D 7 20.97 14.73 13.85
N SER D 8 21.72 15.69 13.32
CA SER D 8 21.24 17.05 13.20
C SER D 8 21.19 17.41 11.73
N GLY D 9 20.15 18.14 11.35
CA GLY D 9 20.08 18.76 10.05
C GLY D 9 20.69 20.14 10.08
N SER D 10 20.69 20.81 8.94
CA SER D 10 21.29 22.13 8.91
C SER D 10 20.41 23.20 9.52
N SER D 11 19.21 22.84 9.98
CA SER D 11 18.29 23.77 10.62
C SER D 11 18.37 23.56 12.12
N HIS D 12 18.89 24.56 12.84
CA HIS D 12 18.98 24.56 14.30
C HIS D 12 19.95 23.49 14.81
N GLN D 13 21.25 23.77 14.64
CA GLN D 13 22.27 22.87 15.17
C GLN D 13 22.39 22.99 16.69
N ASP D 14 22.06 24.17 17.22
CA ASP D 14 22.14 24.42 18.65
C ASP D 14 21.22 23.50 19.44
N LEU D 15 19.95 23.40 19.02
CA LEU D 15 18.99 22.58 19.74
C LEU D 15 19.37 21.11 19.69
N SER D 16 19.85 20.65 18.53
CA SER D 16 20.35 19.27 18.43
C SER D 16 21.49 19.05 19.40
N GLN D 17 22.40 20.04 19.51
CA GLN D 17 23.53 19.90 20.41
C GLN D 17 23.07 19.80 21.86
N LYS D 18 22.10 20.64 22.24
CA LYS D 18 21.54 20.58 23.58
C LYS D 18 20.90 19.23 23.85
N ILE D 19 20.14 18.71 22.89
CA ILE D 19 19.45 17.44 23.06
C ILE D 19 20.46 16.31 23.25
N ALA D 20 21.47 16.25 22.38
CA ALA D 20 22.49 15.20 22.49
C ALA D 20 23.27 15.32 23.80
N ASP D 21 23.54 16.55 24.24
CA ASP D 21 24.21 16.75 25.52
C ASP D 21 23.37 16.23 26.67
N ARG D 22 22.06 16.50 26.62
CA ARG D 22 21.18 16.06 27.70
C ARG D 22 21.08 14.54 27.73
N LEU D 23 21.21 13.90 26.58
CA LEU D 23 21.24 12.45 26.49
C LEU D 23 22.65 11.86 26.64
N GLY D 24 23.67 12.69 26.79
CA GLY D 24 25.02 12.18 26.94
C GLY D 24 25.60 11.58 25.69
N LEU D 25 25.23 12.10 24.53
CA LEU D 25 25.64 11.58 23.24
C LEU D 25 26.45 12.63 22.48
N GLU D 26 27.05 12.16 21.39
CA GLU D 26 27.64 13.05 20.41
C GLU D 26 26.64 13.24 19.28
N LEU D 27 26.96 14.15 18.38
CA LEU D 27 26.14 14.22 17.18
C LEU D 27 26.58 13.08 16.27
N GLY D 28 25.63 12.56 15.49
CA GLY D 28 25.88 11.30 14.79
C GLY D 28 26.84 11.41 13.60
N LYS D 29 27.61 12.50 13.52
CA LYS D 29 28.49 12.74 12.38
C LYS D 29 27.74 12.64 11.05
N VAL D 30 27.36 13.80 10.50
CA VAL D 30 26.71 13.88 9.20
C VAL D 30 27.28 15.09 8.48
N VAL D 31 27.57 14.93 7.19
CA VAL D 31 27.89 16.06 6.33
C VAL D 31 26.61 16.43 5.61
N THR D 32 26.18 17.68 5.77
CA THR D 32 24.92 18.17 5.27
C THR D 32 25.17 19.49 4.54
N LYS D 33 25.11 19.45 3.22
CA LYS D 33 25.39 20.63 2.42
C LYS D 33 24.45 20.60 1.22
N LYS D 34 24.78 21.39 0.21
CA LYS D 34 24.06 21.40 -1.05
C LYS D 34 25.06 21.17 -2.17
N PHE D 35 24.57 20.56 -3.25
CA PHE D 35 25.40 20.35 -4.42
C PHE D 35 25.57 21.67 -5.17
N SER D 36 26.35 21.63 -6.25
CA SER D 36 26.62 22.86 -7.00
C SER D 36 25.33 23.44 -7.56
N ASN D 37 24.40 22.60 -7.99
CA ASN D 37 23.15 23.06 -8.57
C ASN D 37 22.02 23.16 -7.55
N GLN D 38 22.35 23.16 -6.26
CA GLN D 38 21.44 23.35 -5.13
C GLN D 38 20.66 22.09 -4.78
N GLU D 39 21.05 20.91 -5.26
CA GLU D 39 20.43 19.69 -4.78
C GLU D 39 21.00 19.37 -3.40
N THR D 40 20.16 18.85 -2.53
CA THR D 40 20.58 18.59 -1.16
C THR D 40 21.58 17.42 -1.14
N CYS D 41 22.66 17.59 -0.40
CA CYS D 41 23.71 16.58 -0.27
C CYS D 41 23.79 16.13 1.17
N VAL D 42 23.60 14.83 1.39
CA VAL D 42 23.58 14.23 2.72
C VAL D 42 24.52 13.04 2.68
N GLU D 43 25.58 13.10 3.49
CA GLU D 43 26.53 12.00 3.62
C GLU D 43 26.68 11.67 5.09
N ILE D 44 26.10 10.54 5.50
CA ILE D 44 26.22 10.04 6.87
C ILE D 44 27.54 9.29 7.00
N GLY D 45 28.40 9.73 7.92
CA GLY D 45 29.72 9.16 8.01
C GLY D 45 29.95 8.16 9.13
N GLU D 46 28.90 7.40 9.48
CA GLU D 46 29.04 6.37 10.49
C GLU D 46 27.87 5.41 10.38
N SER D 47 28.09 4.16 10.79
CA SER D 47 27.07 3.12 10.70
C SER D 47 25.90 3.40 11.62
N VAL D 48 24.70 3.06 11.15
CA VAL D 48 23.46 3.11 11.91
C VAL D 48 22.75 1.76 11.92
N ARG D 49 23.44 0.70 11.49
CA ARG D 49 22.87 -0.64 11.45
C ARG D 49 22.38 -1.04 12.84
N GLY D 50 21.10 -1.35 12.94
CA GLY D 50 20.53 -1.78 14.20
C GLY D 50 20.33 -0.68 15.22
N GLU D 51 20.50 0.58 14.83
CA GLU D 51 20.41 1.69 15.77
C GLU D 51 19.03 2.33 15.72
N ASP D 52 18.66 2.96 16.83
CA ASP D 52 17.45 3.77 16.93
C ASP D 52 17.86 5.21 16.66
N VAL D 53 17.62 5.69 15.44
CA VAL D 53 18.17 6.98 15.01
C VAL D 53 17.10 8.05 15.17
N TYR D 54 17.51 9.22 15.63
CA TYR D 54 16.65 10.39 15.76
C TYR D 54 17.30 11.51 14.95
N ILE D 55 16.52 12.13 14.07
CA ILE D 55 17.01 13.19 13.21
C ILE D 55 16.27 14.46 13.58
N VAL D 56 17.01 15.48 13.99
CA VAL D 56 16.44 16.73 14.47
C VAL D 56 16.51 17.72 13.31
N GLN D 57 15.34 18.06 12.76
CA GLN D 57 15.24 19.07 11.71
C GLN D 57 13.94 19.84 11.93
N SER D 58 14.06 21.15 12.10
CA SER D 58 12.91 22.01 12.30
C SER D 58 12.52 22.70 11.00
N GLY D 59 11.24 23.01 10.87
CA GLY D 59 10.75 23.70 9.69
C GLY D 59 11.02 25.19 9.76
N CYS D 60 12.21 25.61 9.32
CA CYS D 60 12.64 27.00 9.49
C CYS D 60 13.78 27.29 8.52
N GLY D 61 13.91 28.56 8.17
CA GLY D 61 14.92 28.96 7.19
C GLY D 61 14.40 28.80 5.79
N GLU D 62 15.19 28.16 4.93
CA GLU D 62 14.73 27.74 3.61
C GLU D 62 14.05 26.39 3.81
N ILE D 63 12.72 26.43 3.99
CA ILE D 63 12.00 25.29 4.53
C ILE D 63 12.10 24.07 3.62
N ASN D 64 11.98 24.28 2.30
CA ASN D 64 11.94 23.10 1.43
C ASN D 64 13.29 22.41 1.38
N ASP D 65 14.40 23.15 1.52
CA ASP D 65 15.72 22.54 1.56
C ASP D 65 15.90 21.71 2.83
N ASN D 66 15.37 22.19 3.96
CA ASN D 66 15.51 21.46 5.22
C ASN D 66 14.55 20.27 5.27
N LEU D 67 13.37 20.43 4.71
CA LEU D 67 12.42 19.32 4.59
C LEU D 67 12.99 18.22 3.70
N MET D 68 13.52 18.61 2.54
CA MET D 68 14.09 17.62 1.63
C MET D 68 15.33 16.98 2.24
N GLU D 69 16.13 17.77 2.95
CA GLU D 69 17.28 17.26 3.69
C GLU D 69 16.86 16.22 4.72
N LEU D 70 15.80 16.52 5.48
CA LEU D 70 15.27 15.58 6.45
C LEU D 70 14.81 14.30 5.77
N LEU D 71 14.09 14.43 4.66
CA LEU D 71 13.58 13.26 3.95
C LEU D 71 14.74 12.39 3.43
N ILE D 72 15.80 13.03 2.95
CA ILE D 72 16.95 12.29 2.43
C ILE D 72 17.69 11.60 3.57
N MET D 73 17.79 12.25 4.73
CA MET D 73 18.42 11.58 5.89
C MET D 73 17.61 10.37 6.30
N ILE D 74 16.29 10.51 6.36
CA ILE D 74 15.42 9.38 6.68
C ILE D 74 15.64 8.25 5.67
N ASN D 75 15.70 8.58 4.39
CA ASN D 75 15.84 7.55 3.36
C ASN D 75 17.18 6.84 3.48
N ALA D 76 18.25 7.60 3.73
CA ALA D 76 19.57 7.00 3.89
C ALA D 76 19.60 6.08 5.10
N CYS D 77 19.09 6.55 6.24
CA CYS D 77 19.08 5.72 7.44
C CYS D 77 18.23 4.47 7.26
N LYS D 78 17.13 4.59 6.52
CA LYS D 78 16.26 3.44 6.29
C LYS D 78 16.96 2.40 5.42
N ILE D 79 17.61 2.84 4.34
CA ILE D 79 18.40 1.91 3.54
C ILE D 79 19.69 1.52 4.25
N ALA D 80 19.99 2.15 5.39
CA ALA D 80 21.16 1.82 6.18
C ALA D 80 20.89 0.76 7.24
N SER D 81 19.75 0.08 7.16
CA SER D 81 19.39 -1.00 8.08
C SER D 81 19.29 -0.49 9.52
N ALA D 82 18.95 0.78 9.69
CA ALA D 82 18.65 1.29 11.02
C ALA D 82 17.43 0.58 11.60
N SER D 83 17.41 0.43 12.92
CA SER D 83 16.31 -0.29 13.54
C SER D 83 15.02 0.53 13.47
N ARG D 84 15.12 1.83 13.71
CA ARG D 84 13.97 2.73 13.63
C ARG D 84 14.48 4.13 13.34
N VAL D 85 13.70 4.89 12.56
CA VAL D 85 14.04 6.26 12.20
C VAL D 85 12.92 7.16 12.72
N THR D 86 13.28 8.13 13.54
CA THR D 86 12.33 9.05 14.17
C THR D 86 12.66 10.47 13.74
N ALA D 87 11.68 11.15 13.17
CA ALA D 87 11.83 12.54 12.76
C ALA D 87 11.44 13.44 13.93
N VAL D 88 12.41 14.12 14.51
CA VAL D 88 12.16 15.11 15.55
C VAL D 88 12.02 16.46 14.85
N ILE D 89 10.81 16.99 14.83
CA ILE D 89 10.49 18.23 14.12
C ILE D 89 9.87 19.22 15.09
N PRO D 90 10.67 20.05 15.78
CA PRO D 90 10.08 20.97 16.77
C PRO D 90 9.04 21.91 16.18
N CYS D 91 9.32 22.52 15.03
CA CYS D 91 8.35 23.35 14.31
C CYS D 91 7.97 22.63 13.03
N PHE D 92 6.73 22.14 12.96
CA PHE D 92 6.30 21.31 11.84
C PHE D 92 5.96 22.19 10.64
N PRO D 93 6.61 21.99 9.50
CA PRO D 93 6.38 22.87 8.35
C PRO D 93 5.02 22.62 7.71
N TYR D 94 4.55 23.64 6.99
CA TYR D 94 3.33 23.56 6.17
C TYR D 94 2.10 23.22 7.02
N ALA D 95 2.14 23.54 8.30
CA ALA D 95 1.06 23.13 9.20
C ALA D 95 -0.19 23.98 9.05
N ARG D 96 -0.05 25.25 8.66
CA ARG D 96 -1.25 26.07 8.48
C ARG D 96 -2.09 25.65 7.27
N GLN D 97 -1.55 24.83 6.37
CA GLN D 97 -2.33 24.28 5.27
C GLN D 97 -2.79 22.86 5.63
N ASP D 98 -3.77 22.81 6.54
CA ASP D 98 -4.23 21.57 7.15
C ASP D 98 -5.67 21.23 6.78
N LYS D 99 -6.24 21.88 5.78
CA LYS D 99 -7.61 21.62 5.35
C LYS D 99 -7.81 22.20 3.97
N LYS D 100 -8.94 21.86 3.34
CA LYS D 100 -9.32 22.45 2.06
C LYS D 100 -10.40 23.47 2.40
N ASP D 101 -9.96 24.71 2.60
CA ASP D 101 -10.78 25.85 2.97
C ASP D 101 -11.23 26.67 1.76
N LYS D 102 -10.64 26.43 0.59
CA LYS D 102 -11.06 27.08 -0.63
C LYS D 102 -10.98 26.06 -1.77
N SER D 103 -11.50 26.46 -2.93
CA SER D 103 -11.54 25.56 -4.07
C SER D 103 -10.14 25.24 -4.56
N ARG D 104 -9.91 23.96 -4.86
CA ARG D 104 -8.67 23.49 -5.46
C ARG D 104 -7.46 23.76 -4.57
N ALA D 105 -7.68 23.83 -3.27
CA ALA D 105 -6.60 24.08 -2.33
C ALA D 105 -5.90 22.77 -1.98
N PRO D 106 -4.60 22.82 -1.70
CA PRO D 106 -3.89 21.62 -1.22
C PRO D 106 -3.89 21.54 0.30
N ILE D 107 -3.81 20.30 0.79
CA ILE D 107 -3.57 20.09 2.22
C ILE D 107 -2.09 19.77 2.36
N SER D 108 -1.26 20.81 2.30
CA SER D 108 0.19 20.62 2.26
C SER D 108 0.73 19.89 3.48
N ALA D 109 0.13 20.11 4.65
CA ALA D 109 0.58 19.40 5.85
C ALA D 109 0.42 17.90 5.67
N LYS D 110 -0.68 17.49 5.02
CA LYS D 110 -0.92 16.08 4.77
C LYS D 110 0.07 15.52 3.76
N LEU D 111 0.39 16.32 2.74
CA LEU D 111 1.42 15.96 1.78
C LEU D 111 2.77 15.73 2.47
N VAL D 112 3.13 16.63 3.39
CA VAL D 112 4.38 16.48 4.14
C VAL D 112 4.33 15.22 4.99
N ALA D 113 3.18 14.95 5.62
CA ALA D 113 3.05 13.73 6.42
C ALA D 113 3.26 12.49 5.56
N ASN D 114 2.79 12.52 4.32
CA ASN D 114 2.94 11.35 3.46
C ASN D 114 4.36 11.23 2.92
N MET D 115 5.06 12.34 2.70
CA MET D 115 6.44 12.26 2.25
C MET D 115 7.35 11.75 3.35
N LEU D 116 7.08 12.15 4.61
CA LEU D 116 7.79 11.56 5.73
C LEU D 116 7.48 10.08 5.86
N SER D 117 6.22 9.69 5.63
CA SER D 117 5.88 8.27 5.69
C SER D 117 6.64 7.46 4.64
N VAL D 118 6.64 7.91 3.38
CA VAL D 118 7.30 7.12 2.34
C VAL D 118 8.81 7.21 2.43
N ALA D 119 9.36 8.25 3.07
CA ALA D 119 10.80 8.30 3.26
C ALA D 119 11.26 7.18 4.17
N GLY D 120 10.46 6.85 5.19
CA GLY D 120 10.74 5.72 6.05
C GLY D 120 10.58 6.04 7.52
N ALA D 121 9.97 7.18 7.82
CA ALA D 121 9.80 7.58 9.21
C ALA D 121 8.88 6.62 9.95
N ASP D 122 9.27 6.26 11.17
CA ASP D 122 8.47 5.41 12.02
C ASP D 122 7.84 6.14 13.20
N HIS D 123 8.30 7.34 13.49
CA HIS D 123 7.88 8.10 14.67
C HIS D 123 8.11 9.57 14.41
N ILE D 124 7.22 10.40 14.93
CA ILE D 124 7.34 11.84 14.79
C ILE D 124 7.23 12.46 16.17
N ILE D 125 8.17 13.33 16.52
CA ILE D 125 8.17 14.07 17.77
C ILE D 125 8.21 15.55 17.41
N THR D 126 7.15 16.27 17.75
CA THR D 126 6.98 17.66 17.36
C THR D 126 6.51 18.44 18.57
N MET D 127 6.33 19.75 18.41
CA MET D 127 5.99 20.59 19.55
C MET D 127 4.88 21.56 19.17
N ASP D 128 3.79 21.51 19.93
CA ASP D 128 2.64 22.42 19.77
C ASP D 128 2.24 22.54 18.30
N LEU D 129 1.75 21.42 17.76
CA LEU D 129 1.16 21.43 16.42
C LEU D 129 0.12 22.54 16.32
N HIS D 130 0.13 23.24 15.19
CA HIS D 130 -0.83 24.31 14.96
C HIS D 130 -2.26 23.81 15.18
N ALA D 131 -2.60 22.67 14.57
CA ALA D 131 -3.82 21.93 14.87
C ALA D 131 -3.41 20.54 15.31
N SER D 132 -3.96 20.08 16.45
CA SER D 132 -3.57 18.78 16.97
C SER D 132 -3.98 17.64 16.05
N GLN D 133 -5.02 17.84 15.24
CA GLN D 133 -5.54 16.79 14.36
C GLN D 133 -4.50 16.36 13.33
N ILE D 134 -3.40 17.09 13.19
CA ILE D 134 -2.33 16.70 12.29
C ILE D 134 -1.69 15.39 12.74
N GLN D 135 -1.83 15.02 14.02
CA GLN D 135 -1.45 13.69 14.45
C GLN D 135 -2.17 12.61 13.65
N GLY D 136 -3.38 12.89 13.20
CA GLY D 136 -4.13 11.98 12.38
C GLY D 136 -3.75 11.94 10.92
N PHE D 137 -2.83 12.80 10.48
CA PHE D 137 -2.37 12.71 9.10
C PHE D 137 -1.45 11.52 8.85
N PHE D 138 -1.06 10.80 9.89
CA PHE D 138 -0.14 9.69 9.71
C PHE D 138 -0.85 8.36 10.00
N ASP D 139 -0.04 7.35 10.28
CA ASP D 139 -0.45 6.00 10.66
C ASP D 139 0.64 5.46 11.56
N ILE D 140 1.39 6.37 12.16
CA ILE D 140 2.54 6.11 13.03
C ILE D 140 2.44 7.02 14.23
N PRO D 141 3.11 6.68 15.32
CA PRO D 141 3.02 7.54 16.51
C PRO D 141 3.54 8.94 16.23
N VAL D 142 2.79 9.93 16.68
CA VAL D 142 3.17 11.35 16.55
C VAL D 142 2.98 11.99 17.91
N ASP D 143 4.09 12.35 18.56
CA ASP D 143 4.04 13.01 19.86
C ASP D 143 3.84 14.50 19.66
N ASN D 144 2.77 15.04 20.22
CA ASN D 144 2.50 16.48 20.20
C ASN D 144 2.83 17.03 21.59
N LEU D 145 4.03 17.57 21.74
CA LEU D 145 4.50 18.08 23.02
C LEU D 145 3.97 19.49 23.27
N TYR D 146 3.94 19.87 24.54
CA TYR D 146 3.43 21.16 24.99
C TYR D 146 4.55 21.97 25.64
N ALA D 147 4.59 23.27 25.35
CA ALA D 147 5.42 24.19 26.11
C ALA D 147 4.67 24.78 27.28
N GLU D 148 3.41 24.42 27.44
CA GLU D 148 2.55 24.99 28.48
C GLU D 148 3.17 24.96 29.88
N PRO D 149 3.79 23.87 30.35
CA PRO D 149 4.46 23.97 31.66
C PRO D 149 5.57 25.01 31.68
N ALA D 150 6.33 25.14 30.60
CA ALA D 150 7.41 26.10 30.56
C ALA D 150 6.89 27.53 30.41
N VAL D 151 5.75 27.70 29.73
CA VAL D 151 5.13 29.02 29.65
C VAL D 151 4.57 29.43 31.00
N LEU D 152 3.91 28.51 31.70
CA LEU D 152 3.40 28.79 33.04
C LEU D 152 4.54 29.15 33.98
N LYS D 153 5.61 28.37 33.95
CA LYS D 153 6.76 28.64 34.80
C LYS D 153 7.37 30.00 34.47
N TRP D 154 7.49 30.32 33.17
CA TRP D 154 8.04 31.61 32.79
C TRP D 154 7.19 32.75 33.31
N ILE D 155 5.86 32.63 33.18
CA ILE D 155 4.95 33.66 33.68
C ILE D 155 5.13 33.84 35.18
N ARG D 156 5.02 32.74 35.93
CA ARG D 156 5.10 32.80 37.38
C ARG D 156 6.43 33.39 37.85
N GLU D 157 7.51 33.06 37.16
CA GLU D 157 8.84 33.50 37.57
C GLU D 157 9.23 34.88 37.06
N ASN D 158 8.49 35.45 36.10
CA ASN D 158 8.87 36.73 35.51
C ASN D 158 7.82 37.82 35.63
N ILE D 159 6.54 37.49 35.75
CA ILE D 159 5.50 38.49 35.83
C ILE D 159 5.20 38.76 37.30
N SER D 160 5.44 40.00 37.73
CA SER D 160 5.17 40.35 39.12
C SER D 160 3.68 40.24 39.41
N GLU D 161 2.86 40.81 38.54
CA GLU D 161 1.40 40.85 38.71
C GLU D 161 0.69 39.69 38.02
N TRP D 162 1.32 38.51 37.94
CA TRP D 162 0.73 37.41 37.19
C TRP D 162 -0.57 36.91 37.83
N ARG D 163 -0.72 37.10 39.13
CA ARG D 163 -1.95 36.66 39.80
C ARG D 163 -3.16 37.47 39.34
N ASN D 164 -2.93 38.65 38.76
CA ASN D 164 -3.99 39.51 38.24
C ASN D 164 -3.66 39.97 36.83
N CYS D 165 -3.33 39.01 35.98
CA CYS D 165 -3.17 39.24 34.56
C CYS D 165 -4.47 38.78 33.90
N THR D 166 -4.47 38.67 32.58
CA THR D 166 -5.67 38.19 31.90
C THR D 166 -5.39 37.18 30.80
N ILE D 167 -4.28 37.27 30.06
CA ILE D 167 -3.94 36.32 28.99
C ILE D 167 -4.97 36.40 27.87
N VAL D 168 -4.54 36.80 26.68
CA VAL D 168 -5.42 37.21 25.60
C VAL D 168 -5.03 36.45 24.34
N SER D 169 -6.03 36.20 23.48
CA SER D 169 -5.80 35.58 22.19
C SER D 169 -5.94 36.62 21.09
N PRO D 170 -5.02 36.67 20.12
CA PRO D 170 -5.15 37.66 19.04
C PRO D 170 -6.11 37.28 17.93
N ASP D 171 -6.41 36.00 17.76
CA ASP D 171 -7.42 35.53 16.81
C ASP D 171 -8.44 34.67 17.55
N ALA D 172 -9.48 34.24 16.84
CA ALA D 172 -10.49 33.34 17.40
C ALA D 172 -9.88 31.99 17.78
N GLY D 173 -9.49 31.20 16.77
CA GLY D 173 -8.86 29.91 16.93
C GLY D 173 -7.94 29.69 18.11
N GLY D 174 -7.42 30.77 18.70
CA GLY D 174 -6.49 30.62 19.81
C GLY D 174 -7.16 30.73 21.16
N ALA D 175 -8.50 30.60 21.19
CA ALA D 175 -9.19 30.75 22.46
C ALA D 175 -8.97 29.53 23.34
N LYS D 176 -9.01 28.33 22.76
CA LYS D 176 -8.83 27.12 23.54
C LYS D 176 -7.42 27.03 24.10
N ARG D 177 -6.43 27.42 23.30
CA ARG D 177 -5.06 27.47 23.79
C ARG D 177 -4.95 28.40 24.99
N VAL D 178 -5.67 29.52 24.97
CA VAL D 178 -5.50 30.53 26.01
C VAL D 178 -6.24 30.11 27.27
N THR D 179 -7.53 29.78 27.14
CA THR D 179 -8.34 29.42 28.30
C THR D 179 -7.75 28.29 29.12
N SER D 180 -6.91 27.44 28.52
CA SER D 180 -6.16 26.46 29.30
C SER D 180 -5.30 27.15 30.35
N ILE D 181 -4.32 27.94 29.91
CA ILE D 181 -3.34 28.48 30.86
C ILE D 181 -4.00 29.48 31.78
N ALA D 182 -4.95 30.27 31.28
CA ALA D 182 -5.74 31.13 32.14
C ALA D 182 -6.37 30.33 33.27
N ASP D 183 -6.95 29.17 32.95
CA ASP D 183 -7.52 28.33 33.99
C ASP D 183 -6.43 27.74 34.87
N ARG D 184 -5.24 27.48 34.32
CA ARG D 184 -4.18 26.88 35.10
C ARG D 184 -3.51 27.88 36.02
N LEU D 185 -3.46 29.15 35.63
CA LEU D 185 -3.00 30.22 36.51
C LEU D 185 -4.12 30.78 37.36
N ASN D 186 -5.38 30.40 37.07
CA ASN D 186 -6.57 30.96 37.69
C ASN D 186 -6.61 32.49 37.57
N VAL D 187 -6.77 32.93 36.32
CA VAL D 187 -6.89 34.34 35.97
C VAL D 187 -8.02 34.46 34.96
N ASP D 188 -8.27 35.69 34.50
CA ASP D 188 -9.29 35.93 33.50
C ASP D 188 -8.78 35.50 32.14
N PHE D 189 -9.49 35.89 31.08
CA PHE D 189 -9.00 35.73 29.71
C PHE D 189 -9.77 36.69 28.83
N ALA D 190 -9.27 36.87 27.61
CA ALA D 190 -9.88 37.80 26.67
C ALA D 190 -9.58 37.32 25.26
N LEU D 191 -10.25 37.94 24.29
CA LEU D 191 -10.17 37.53 22.90
C LEU D 191 -10.16 38.76 22.02
N ILE D 192 -9.37 38.72 20.97
CA ILE D 192 -9.26 39.81 20.01
C ILE D 192 -9.56 39.24 18.63
N HIS D 193 -10.46 39.90 17.89
CA HIS D 193 -10.85 39.41 16.58
C HIS D 193 -10.82 40.57 15.58
N LYS D 194 -10.55 40.24 14.32
CA LYS D 194 -10.64 41.22 13.24
C LYS D 194 -12.01 41.14 12.56
N ARG D 204 -9.83 47.61 11.77
CA ARG D 204 -10.95 47.23 12.61
C ARG D 204 -10.65 45.99 13.46
N MET D 205 -10.67 46.18 14.77
CA MET D 205 -10.37 45.10 15.70
C MET D 205 -11.25 45.23 16.93
N VAL D 206 -11.79 44.10 17.37
CA VAL D 206 -12.75 44.07 18.47
C VAL D 206 -12.18 43.22 19.60
N LEU D 207 -12.39 43.69 20.83
CA LEU D 207 -11.91 43.06 22.05
C LEU D 207 -13.08 42.58 22.89
N VAL D 208 -12.96 41.37 23.42
CA VAL D 208 -13.96 40.76 24.30
C VAL D 208 -13.25 40.33 25.57
N GLY D 209 -13.77 40.75 26.72
CA GLY D 209 -13.12 40.54 28.00
C GLY D 209 -12.68 41.85 28.63
N ASP D 210 -12.30 41.77 29.90
CA ASP D 210 -11.94 42.94 30.69
C ASP D 210 -10.45 42.90 31.02
N VAL D 211 -9.69 43.82 30.43
CA VAL D 211 -8.26 43.92 30.66
C VAL D 211 -7.90 45.27 31.30
N LYS D 212 -8.87 45.92 31.95
CA LYS D 212 -8.62 47.21 32.58
C LYS D 212 -7.62 47.12 33.72
N ASP D 213 -6.64 48.02 33.70
CA ASP D 213 -5.70 48.24 34.80
C ASP D 213 -4.99 46.96 35.24
N ARG D 214 -4.69 46.07 34.29
CA ARG D 214 -4.01 44.82 34.62
C ARG D 214 -2.98 44.53 33.54
N VAL D 215 -2.44 43.33 33.56
CA VAL D 215 -1.35 42.94 32.67
C VAL D 215 -1.89 41.97 31.62
N ALA D 216 -1.60 42.25 30.36
CA ALA D 216 -2.10 41.46 29.24
C ALA D 216 -0.99 40.61 28.67
N ILE D 217 -1.20 39.30 28.63
CA ILE D 217 -0.24 38.36 28.05
C ILE D 217 -0.89 37.75 26.82
N LEU D 218 -0.44 38.15 25.63
CA LEU D 218 -0.90 37.51 24.42
C LEU D 218 -0.25 36.15 24.28
N VAL D 219 -1.04 35.12 24.01
CA VAL D 219 -0.53 33.76 23.85
C VAL D 219 -1.15 33.16 22.60
N ASP D 220 -0.31 32.65 21.71
CA ASP D 220 -0.74 31.87 20.56
C ASP D 220 0.34 30.84 20.28
N ASP D 221 0.12 29.98 19.30
CA ASP D 221 1.09 28.92 19.06
C ASP D 221 2.29 29.43 18.28
N MET D 222 2.12 30.50 17.52
CA MET D 222 3.16 30.91 16.58
C MET D 222 3.08 32.41 16.35
N ALA D 223 4.20 32.97 15.90
CA ALA D 223 4.31 34.37 15.54
C ALA D 223 5.10 34.43 14.26
N ASP D 224 4.43 34.74 13.15
CA ASP D 224 5.09 34.76 11.86
C ASP D 224 5.49 36.19 11.52
N THR D 225 4.57 36.95 10.92
CA THR D 225 4.84 38.34 10.60
C THR D 225 4.54 39.28 11.76
N CYS D 226 3.85 38.78 12.80
CA CYS D 226 3.55 39.49 14.05
C CYS D 226 2.64 40.69 13.84
N GLY D 227 2.02 40.84 12.67
CA GLY D 227 1.09 41.94 12.48
C GLY D 227 -0.12 41.84 13.40
N THR D 228 -0.63 40.63 13.60
CA THR D 228 -1.84 40.45 14.40
C THR D 228 -1.57 40.63 15.88
N ILE D 229 -0.41 40.19 16.37
CA ILE D 229 -0.11 40.39 17.79
C ILE D 229 0.29 41.84 18.06
N CYS D 230 0.84 42.55 17.06
CA CYS D 230 1.17 43.95 17.28
C CYS D 230 -0.08 44.81 17.28
N HIS D 231 -0.99 44.59 16.34
CA HIS D 231 -2.25 45.32 16.38
C HIS D 231 -3.09 44.88 17.57
N ALA D 232 -2.87 43.65 18.06
CA ALA D 232 -3.55 43.19 19.26
C ALA D 232 -2.99 43.86 20.50
N ALA D 233 -1.68 44.09 20.55
CA ALA D 233 -1.09 44.85 21.64
C ALA D 233 -1.54 46.29 21.61
N ASP D 234 -1.75 46.84 20.41
CA ASP D 234 -2.24 48.21 20.30
C ASP D 234 -3.69 48.31 20.76
N LYS D 235 -4.52 47.32 20.42
CA LYS D 235 -5.87 47.30 20.97
C LYS D 235 -5.85 47.11 22.48
N LEU D 236 -4.90 46.32 22.98
CA LEU D 236 -4.81 46.09 24.42
C LEU D 236 -4.36 47.35 25.16
N LEU D 237 -3.58 48.21 24.50
CA LEU D 237 -3.27 49.49 25.13
C LEU D 237 -4.44 50.47 25.00
N SER D 238 -5.19 50.38 23.89
CA SER D 238 -6.42 51.16 23.78
C SER D 238 -7.36 50.86 24.94
N ALA D 239 -7.59 49.57 25.22
CA ALA D 239 -8.44 49.18 26.34
C ALA D 239 -7.80 49.42 27.69
N GLY D 240 -6.56 49.92 27.74
CA GLY D 240 -5.98 50.33 29.00
C GLY D 240 -5.42 49.19 29.83
N ALA D 241 -4.25 48.67 29.45
CA ALA D 241 -3.60 47.59 30.17
C ALA D 241 -2.21 48.04 30.57
N THR D 242 -1.86 47.83 31.85
CA THR D 242 -0.62 48.34 32.42
C THR D 242 0.62 47.85 31.69
N ARG D 243 0.53 46.75 30.95
CA ARG D 243 1.68 46.13 30.30
C ARG D 243 1.18 45.01 29.40
N VAL D 244 1.86 44.83 28.27
CA VAL D 244 1.48 43.82 27.29
C VAL D 244 2.67 42.90 27.05
N TYR D 245 2.44 41.59 27.16
CA TYR D 245 3.43 40.57 26.82
C TYR D 245 2.87 39.70 25.71
N ALA D 246 3.79 39.01 25.02
CA ALA D 246 3.44 38.04 23.99
C ALA D 246 4.32 36.82 24.17
N ILE D 247 3.69 35.68 24.47
CA ILE D 247 4.40 34.41 24.62
C ILE D 247 3.88 33.47 23.55
N LEU D 248 4.71 33.20 22.54
CA LEU D 248 4.36 32.30 21.44
C LEU D 248 5.36 31.16 21.45
N THR D 249 4.91 29.94 21.13
CA THR D 249 5.82 28.80 21.15
C THR D 249 6.89 28.94 20.07
N HIS D 250 6.48 29.05 18.82
CA HIS D 250 7.39 29.06 17.69
C HIS D 250 7.64 30.50 17.23
N GLY D 251 8.88 30.95 17.37
CA GLY D 251 9.27 32.28 16.94
C GLY D 251 9.75 32.34 15.51
N ILE D 252 8.83 32.33 14.55
CA ILE D 252 9.24 32.32 13.15
C ILE D 252 9.89 33.65 12.76
N PHE D 253 9.22 34.76 13.09
CA PHE D 253 9.67 36.12 12.77
C PHE D 253 10.16 36.23 11.33
N SER D 254 9.18 36.29 10.42
CA SER D 254 9.45 36.42 9.00
C SER D 254 9.25 37.86 8.54
N GLY D 255 9.96 38.23 7.47
CA GLY D 255 9.72 39.51 6.84
C GLY D 255 9.93 40.68 7.77
N PRO D 256 8.93 41.55 7.84
CA PRO D 256 9.05 42.77 8.66
C PRO D 256 8.71 42.56 10.13
N ALA D 257 8.71 41.30 10.59
CA ALA D 257 8.25 41.01 11.94
C ALA D 257 9.06 41.77 12.99
N ILE D 258 10.39 41.78 12.84
CA ILE D 258 11.27 42.40 13.83
C ILE D 258 10.98 43.90 13.96
N SER D 259 10.81 44.59 12.83
CA SER D 259 10.44 46.00 12.88
C SER D 259 9.14 46.22 13.64
N ARG D 260 8.16 45.34 13.45
CA ARG D 260 6.85 45.56 14.07
C ARG D 260 6.88 45.28 15.56
N ILE D 261 7.69 44.31 15.99
CA ILE D 261 7.79 44.09 17.43
C ILE D 261 8.62 45.18 18.09
N ASN D 262 9.64 45.70 17.39
CA ASN D 262 10.42 46.82 17.93
C ASN D 262 9.58 48.08 18.08
N ASN D 263 8.58 48.29 17.23
CA ASN D 263 7.78 49.50 17.39
C ASN D 263 6.56 49.30 18.27
N ALA D 264 6.08 48.07 18.40
CA ALA D 264 4.97 47.78 19.29
C ALA D 264 5.37 48.01 20.74
N CYS D 265 4.38 48.00 21.62
CA CYS D 265 4.56 48.39 23.03
C CYS D 265 4.61 47.18 23.95
N PHE D 266 5.41 46.18 23.59
CA PHE D 266 5.54 44.98 24.40
C PHE D 266 6.58 45.20 25.51
N GLU D 267 6.34 44.58 26.66
CA GLU D 267 7.37 44.53 27.69
C GLU D 267 8.42 43.48 27.34
N ALA D 268 7.98 42.31 26.85
CA ALA D 268 8.85 41.27 26.35
C ALA D 268 8.08 40.44 25.34
N VAL D 269 8.82 39.75 24.48
CA VAL D 269 8.25 38.80 23.53
C VAL D 269 8.98 37.47 23.72
N VAL D 270 8.24 36.45 24.13
CA VAL D 270 8.82 35.19 24.60
C VAL D 270 8.50 34.10 23.59
N VAL D 271 9.54 33.37 23.17
CA VAL D 271 9.40 32.22 22.28
C VAL D 271 10.28 31.10 22.81
N THR D 272 10.08 29.91 22.25
CA THR D 272 10.96 28.78 22.54
C THR D 272 12.05 28.72 21.47
N ASN D 273 13.02 27.82 21.69
CA ASN D 273 14.09 27.62 20.73
C ASN D 273 13.79 26.45 19.80
N THR D 274 12.52 26.24 19.47
CA THR D 274 12.18 25.37 18.35
C THR D 274 12.81 25.88 17.07
N ILE D 275 13.01 27.20 16.97
CA ILE D 275 13.68 27.85 15.85
C ILE D 275 14.86 28.65 16.43
N PRO D 276 16.01 28.69 15.76
CA PRO D 276 17.12 29.52 16.25
C PRO D 276 16.74 30.99 16.32
N GLN D 277 17.14 31.66 17.42
CA GLN D 277 16.77 33.05 17.64
C GLN D 277 17.94 34.02 17.82
N GLU D 278 19.19 33.55 17.79
CA GLU D 278 20.32 34.43 18.13
C GLU D 278 20.39 35.65 17.22
N ASP D 279 20.32 35.45 15.91
CA ASP D 279 20.45 36.58 14.99
C ASP D 279 19.28 37.54 15.13
N LYS D 280 18.07 37.01 15.31
CA LYS D 280 16.92 37.88 15.50
C LYS D 280 16.99 38.58 16.85
N MET D 281 17.50 37.91 17.88
CA MET D 281 17.64 38.57 19.18
C MET D 281 18.68 39.67 19.13
N LYS D 282 19.65 39.56 18.22
CA LYS D 282 20.62 40.63 18.06
C LYS D 282 19.97 41.90 17.53
N HIS D 283 18.92 41.77 16.72
CA HIS D 283 18.22 42.92 16.15
C HIS D 283 16.95 43.27 16.90
N CYS D 284 16.62 42.56 17.97
CA CYS D 284 15.42 42.85 18.75
C CYS D 284 15.70 42.55 20.22
N SER D 285 15.55 43.57 21.07
CA SER D 285 15.90 43.45 22.49
C SER D 285 14.79 42.85 23.34
N LYS D 286 13.57 42.73 22.81
CA LYS D 286 12.44 42.26 23.61
C LYS D 286 12.32 40.74 23.66
N ILE D 287 13.14 40.01 22.91
CA ILE D 287 12.94 38.58 22.70
C ILE D 287 13.62 37.80 23.82
N GLN D 288 12.88 36.83 24.38
CA GLN D 288 13.42 35.92 25.38
C GLN D 288 13.08 34.51 24.96
N VAL D 289 14.01 33.57 25.15
CA VAL D 289 13.87 32.22 24.62
C VAL D 289 13.85 31.23 25.77
N ILE D 290 12.99 30.21 25.65
CA ILE D 290 12.82 29.19 26.67
C ILE D 290 13.48 27.87 26.23
N ASP D 291 13.78 27.04 27.23
CA ASP D 291 14.42 25.72 27.14
C ASP D 291 13.83 24.75 26.11
N ILE D 292 12.77 24.04 26.49
CA ILE D 292 12.04 23.00 25.77
C ILE D 292 12.98 21.91 25.23
N SER D 293 14.30 22.13 25.30
CA SER D 293 15.25 21.12 24.84
C SER D 293 15.24 19.92 25.78
N MET D 294 14.91 20.14 27.05
CA MET D 294 14.76 19.05 28.01
C MET D 294 13.47 18.30 27.76
N ILE D 295 12.47 18.98 27.19
CA ILE D 295 11.21 18.33 26.87
C ILE D 295 11.36 17.40 25.67
N LEU D 296 12.19 17.79 24.69
CA LEU D 296 12.42 16.93 23.53
C LEU D 296 13.31 15.74 23.90
N ALA D 297 14.31 15.96 24.74
CA ALA D 297 15.19 14.87 25.15
C ALA D 297 14.42 13.80 25.92
N GLU D 298 13.48 14.21 26.76
CA GLU D 298 12.69 13.23 27.50
C GLU D 298 11.70 12.50 26.61
N ALA D 299 11.30 13.12 25.49
CA ALA D 299 10.46 12.41 24.54
C ALA D 299 11.26 11.39 23.74
N ILE D 300 12.53 11.71 23.45
CA ILE D 300 13.40 10.75 22.77
C ILE D 300 13.74 9.59 23.70
N ARG D 301 14.11 9.92 24.93
CA ARG D 301 14.48 8.88 25.90
C ARG D 301 13.28 8.03 26.27
N ARG D 302 12.11 8.65 26.42
CA ARG D 302 10.87 7.90 26.65
C ARG D 302 10.53 7.04 25.45
N THR D 303 10.76 7.57 24.24
CA THR D 303 10.52 6.80 23.03
C THR D 303 11.47 5.61 22.92
N HIS D 304 12.73 5.79 23.31
CA HIS D 304 13.75 4.74 23.27
C HIS D 304 13.52 3.65 24.32
N ASN D 305 12.25 3.30 24.58
CA ASN D 305 11.89 2.24 25.55
C ASN D 305 12.64 2.36 26.88
N PRO E 2 -12.21 13.39 -21.94
CA PRO E 2 -11.86 14.53 -21.10
C PRO E 2 -11.20 15.65 -21.89
N ASN E 3 -11.10 16.85 -21.34
CA ASN E 3 -10.36 17.91 -21.99
C ASN E 3 -9.05 18.20 -21.24
N ILE E 4 -8.10 18.73 -21.98
CA ILE E 4 -6.72 18.85 -21.51
C ILE E 4 -6.49 20.23 -20.92
N LYS E 5 -5.84 20.27 -19.75
CA LYS E 5 -5.37 21.50 -19.14
C LYS E 5 -3.89 21.35 -18.84
N ILE E 6 -3.10 22.37 -19.17
CA ILE E 6 -1.66 22.33 -18.91
C ILE E 6 -1.31 23.49 -18.00
N PHE E 7 -0.54 23.21 -16.95
CA PHE E 7 -0.20 24.16 -15.90
C PHE E 7 1.31 24.34 -15.86
N SER E 8 1.76 25.51 -15.41
CA SER E 8 3.17 25.82 -15.33
C SER E 8 3.60 26.05 -13.88
N GLY E 9 4.79 25.55 -13.56
CA GLY E 9 5.44 25.87 -12.30
C GLY E 9 6.32 27.10 -12.44
N SER E 10 6.96 27.47 -11.34
CA SER E 10 7.78 28.67 -11.39
C SER E 10 9.13 28.44 -12.07
N SER E 11 9.43 27.22 -12.50
CA SER E 11 10.67 26.91 -13.20
C SER E 11 10.39 26.78 -14.69
N HIS E 12 11.08 27.56 -15.50
CA HIS E 12 10.97 27.52 -16.96
C HIS E 12 9.54 27.81 -17.42
N GLN E 13 9.15 29.07 -17.31
CA GLN E 13 7.81 29.46 -17.79
C GLN E 13 7.76 29.56 -19.30
N ASP E 14 8.88 29.89 -19.94
CA ASP E 14 8.92 30.00 -21.40
C ASP E 14 8.57 28.68 -22.06
N LEU E 15 9.15 27.58 -21.56
CA LEU E 15 8.86 26.27 -22.16
C LEU E 15 7.40 25.90 -21.99
N SER E 16 6.82 26.21 -20.83
CA SER E 16 5.40 25.96 -20.63
C SER E 16 4.55 26.74 -21.64
N GLN E 17 4.89 28.01 -21.86
CA GLN E 17 4.12 28.81 -22.80
C GLN E 17 4.28 28.30 -24.24
N LYS E 18 5.50 27.94 -24.62
CA LYS E 18 5.75 27.39 -25.94
C LYS E 18 4.95 26.11 -26.16
N ILE E 19 4.94 25.24 -25.16
CA ILE E 19 4.20 23.98 -25.26
C ILE E 19 2.71 24.27 -25.41
N ALA E 20 2.17 25.15 -24.58
CA ALA E 20 0.74 25.45 -24.65
C ALA E 20 0.37 26.07 -26.00
N ASP E 21 1.24 26.91 -26.55
CA ASP E 21 1.01 27.47 -27.87
C ASP E 21 1.03 26.39 -28.95
N ARG E 22 2.00 25.47 -28.87
CA ARG E 22 2.09 24.42 -29.89
C ARG E 22 0.89 23.48 -29.84
N LEU E 23 0.30 23.30 -28.66
CA LEU E 23 -0.91 22.51 -28.49
C LEU E 23 -2.16 23.31 -28.77
N GLY E 24 -2.01 24.61 -29.05
CA GLY E 24 -3.15 25.47 -29.30
C GLY E 24 -3.96 25.77 -28.06
N LEU E 25 -3.33 25.76 -26.89
CA LEU E 25 -4.01 26.02 -25.63
C LEU E 25 -3.37 27.23 -24.95
N GLU E 26 -4.08 27.76 -23.97
CA GLU E 26 -3.51 28.74 -23.07
C GLU E 26 -3.15 28.06 -21.75
N LEU E 27 -2.20 28.63 -21.02
CA LEU E 27 -1.82 28.04 -19.75
C LEU E 27 -2.92 28.31 -18.72
N GLY E 28 -3.11 27.36 -17.82
CA GLY E 28 -4.15 27.48 -16.82
C GLY E 28 -3.77 28.50 -15.76
N LYS E 29 -4.77 28.88 -14.95
CA LYS E 29 -4.59 29.90 -13.94
C LYS E 29 -4.00 29.27 -12.68
N VAL E 30 -2.73 29.53 -12.41
CA VAL E 30 -2.10 29.14 -11.15
C VAL E 30 -1.27 30.30 -10.65
N VAL E 31 -1.44 30.63 -9.38
CA VAL E 31 -0.52 31.53 -8.69
C VAL E 31 0.40 30.65 -7.86
N THR E 32 1.70 30.77 -8.09
CA THR E 32 2.70 29.92 -7.45
C THR E 32 3.77 30.86 -6.90
N LYS E 33 3.79 31.03 -5.59
CA LYS E 33 4.69 31.97 -4.94
C LYS E 33 5.22 31.32 -3.67
N LYS E 34 5.80 32.13 -2.79
CA LYS E 34 6.25 31.66 -1.49
C LYS E 34 5.65 32.54 -0.41
N PHE E 35 5.44 31.95 0.76
CA PHE E 35 4.91 32.66 1.91
C PHE E 35 6.01 33.50 2.55
N SER E 36 5.64 34.25 3.58
CA SER E 36 6.62 35.10 4.26
C SER E 36 7.70 34.25 4.93
N ASN E 37 7.32 33.07 5.44
CA ASN E 37 8.24 32.19 6.13
C ASN E 37 8.87 31.15 5.21
N GLN E 38 8.78 31.36 3.90
CA GLN E 38 9.42 30.57 2.83
C GLN E 38 8.67 29.29 2.49
N GLU E 39 7.43 29.11 2.94
CA GLU E 39 6.66 27.96 2.52
C GLU E 39 6.04 28.20 1.15
N THR E 40 5.95 27.13 0.37
CA THR E 40 5.42 27.24 -0.99
C THR E 40 3.92 27.50 -0.95
N CYS E 41 3.47 28.43 -1.78
CA CYS E 41 2.05 28.79 -1.88
C CYS E 41 1.60 28.47 -3.30
N VAL E 42 0.57 27.63 -3.41
CA VAL E 42 0.06 27.19 -4.70
C VAL E 42 -1.46 27.36 -4.68
N GLU E 43 -1.97 28.18 -5.60
CA GLU E 43 -3.41 28.38 -5.77
C GLU E 43 -3.75 28.11 -7.23
N ILE E 44 -4.42 26.99 -7.49
CA ILE E 44 -4.91 26.67 -8.82
C ILE E 44 -6.20 27.45 -9.01
N GLY E 45 -6.23 28.35 -9.98
CA GLY E 45 -7.35 29.26 -10.09
C GLY E 45 -8.39 28.95 -11.15
N GLU E 46 -8.59 27.68 -11.47
CA GLU E 46 -9.64 27.27 -12.41
C GLU E 46 -9.89 25.79 -12.23
N SER E 47 -11.12 25.37 -12.51
CA SER E 47 -11.52 23.99 -12.26
C SER E 47 -10.76 23.02 -13.13
N VAL E 48 -10.39 21.88 -12.54
CA VAL E 48 -9.72 20.80 -13.25
C VAL E 48 -10.50 19.51 -13.04
N ARG E 49 -11.73 19.63 -12.52
CA ARG E 49 -12.57 18.45 -12.29
C ARG E 49 -12.80 17.69 -13.59
N GLY E 50 -12.44 16.41 -13.57
CA GLY E 50 -12.63 15.57 -14.73
C GLY E 50 -11.65 15.83 -15.86
N GLU E 51 -10.62 16.63 -15.61
CA GLU E 51 -9.67 17.02 -16.64
C GLU E 51 -8.41 16.18 -16.60
N ASP E 52 -7.75 16.10 -17.75
CA ASP E 52 -6.44 15.47 -17.86
C ASP E 52 -5.41 16.61 -17.76
N VAL E 53 -4.81 16.77 -16.57
CA VAL E 53 -3.99 17.94 -16.28
C VAL E 53 -2.53 17.57 -16.47
N TYR E 54 -1.76 18.50 -17.02
CA TYR E 54 -0.32 18.36 -17.20
C TYR E 54 0.36 19.52 -16.50
N ILE E 55 1.32 19.22 -15.63
CA ILE E 55 2.05 20.23 -14.88
C ILE E 55 3.51 20.14 -15.32
N VAL E 56 4.03 21.23 -15.86
CA VAL E 56 5.37 21.29 -16.41
C VAL E 56 6.27 21.92 -15.36
N GLN E 57 7.17 21.14 -14.79
CA GLN E 57 8.14 21.63 -13.83
C GLN E 57 9.45 20.89 -14.05
N SER E 58 10.52 21.63 -14.32
CA SER E 58 11.83 21.05 -14.56
C SER E 58 12.67 21.13 -13.29
N GLY E 59 13.59 20.19 -13.14
CA GLY E 59 14.46 20.17 -11.99
C GLY E 59 15.61 21.15 -12.13
N CYS E 60 15.37 22.41 -11.80
CA CYS E 60 16.35 23.47 -12.01
C CYS E 60 15.99 24.65 -11.10
N GLY E 61 16.88 25.64 -11.08
CA GLY E 61 16.76 26.71 -10.10
C GLY E 61 16.89 26.13 -8.70
N GLU E 62 16.26 26.81 -7.74
CA GLU E 62 16.16 26.26 -6.40
C GLU E 62 15.34 24.98 -6.47
N ILE E 63 16.01 23.83 -6.61
CA ILE E 63 15.31 22.60 -7.00
C ILE E 63 14.32 22.18 -5.93
N ASN E 64 14.66 22.30 -4.65
CA ASN E 64 13.75 21.78 -3.64
C ASN E 64 12.46 22.59 -3.59
N ASP E 65 12.54 23.89 -3.88
CA ASP E 65 11.34 24.72 -3.94
C ASP E 65 10.46 24.37 -5.14
N ASN E 66 11.08 24.07 -6.29
CA ASN E 66 10.30 23.73 -7.47
C ASN E 66 9.76 22.31 -7.40
N LEU E 67 10.54 21.39 -6.82
CA LEU E 67 10.07 20.04 -6.59
C LEU E 67 8.91 20.03 -5.59
N MET E 68 9.05 20.78 -4.50
CA MET E 68 8.00 20.83 -3.49
C MET E 68 6.75 21.52 -4.03
N GLU E 69 6.95 22.59 -4.82
CA GLU E 69 5.85 23.25 -5.50
C GLU E 69 5.15 22.31 -6.47
N LEU E 70 5.93 21.55 -7.25
CA LEU E 70 5.35 20.58 -8.16
C LEU E 70 4.52 19.55 -7.42
N LEU E 71 5.05 19.03 -6.32
CA LEU E 71 4.33 18.04 -5.54
C LEU E 71 3.02 18.62 -5.01
N ILE E 72 3.06 19.89 -4.56
CA ILE E 72 1.85 20.50 -4.02
C ILE E 72 0.81 20.69 -5.13
N MET E 73 1.26 21.04 -6.34
CA MET E 73 0.32 21.17 -7.45
C MET E 73 -0.31 19.83 -7.80
N ILE E 74 0.51 18.77 -7.84
CA ILE E 74 -0.03 17.43 -8.10
C ILE E 74 -1.09 17.08 -7.06
N ASN E 75 -0.80 17.33 -5.78
CA ASN E 75 -1.73 16.96 -4.72
C ASN E 75 -3.01 17.77 -4.83
N ALA E 76 -2.89 19.06 -5.11
CA ALA E 76 -4.07 19.91 -5.24
C ALA E 76 -4.95 19.45 -6.39
N CYS E 77 -4.35 19.21 -7.57
CA CYS E 77 -5.13 18.73 -8.70
C CYS E 77 -5.76 17.38 -8.41
N LYS E 78 -5.06 16.53 -7.65
CA LYS E 78 -5.61 15.22 -7.32
C LYS E 78 -6.85 15.34 -6.44
N ILE E 79 -6.79 16.21 -5.43
CA ILE E 79 -8.00 16.43 -4.63
C ILE E 79 -9.03 17.26 -5.40
N ALA E 80 -8.59 18.07 -6.36
CA ALA E 80 -9.50 18.80 -7.23
C ALA E 80 -10.19 17.89 -8.23
N SER E 81 -10.06 16.58 -8.08
CA SER E 81 -10.84 15.58 -8.81
C SER E 81 -10.46 15.51 -10.29
N ALA E 82 -9.20 15.80 -10.61
CA ALA E 82 -8.71 15.65 -11.97
C ALA E 82 -8.76 14.20 -12.41
N SER E 83 -8.98 13.99 -13.71
CA SER E 83 -9.09 12.65 -14.25
C SER E 83 -7.75 11.93 -14.25
N ARG E 84 -6.67 12.63 -14.57
CA ARG E 84 -5.32 12.09 -14.55
C ARG E 84 -4.36 13.25 -14.34
N VAL E 85 -3.30 13.01 -13.59
CA VAL E 85 -2.29 14.02 -13.32
C VAL E 85 -0.96 13.51 -13.86
N THR E 86 -0.37 14.27 -14.78
CA THR E 86 0.87 13.92 -15.45
C THR E 86 1.91 14.97 -15.13
N ALA E 87 3.03 14.55 -14.57
CA ALA E 87 4.13 15.46 -14.26
C ALA E 87 5.05 15.54 -15.47
N VAL E 88 5.09 16.70 -16.11
CA VAL E 88 6.01 16.95 -17.22
C VAL E 88 7.27 17.55 -16.62
N ILE E 89 8.35 16.78 -16.60
CA ILE E 89 9.59 17.17 -15.94
C ILE E 89 10.74 17.11 -16.94
N PRO E 90 11.08 18.21 -17.61
CA PRO E 90 12.16 18.13 -18.61
C PRO E 90 13.49 17.62 -18.07
N CYS E 91 13.91 18.12 -16.91
CA CYS E 91 15.13 17.69 -16.24
C CYS E 91 14.76 17.08 -14.90
N PHE E 92 14.93 15.77 -14.75
CA PHE E 92 14.49 15.08 -13.55
C PHE E 92 15.49 15.36 -12.42
N PRO E 93 15.05 15.92 -11.31
CA PRO E 93 15.99 16.27 -10.23
C PRO E 93 16.49 15.03 -9.51
N TYR E 94 17.66 15.19 -8.89
CA TYR E 94 18.26 14.16 -8.03
C TYR E 94 18.52 12.87 -8.81
N ALA E 95 18.69 12.98 -10.14
CA ALA E 95 18.84 11.78 -10.96
C ALA E 95 20.21 11.16 -10.80
N ARG E 96 21.23 11.95 -10.49
CA ARG E 96 22.56 11.39 -10.28
C ARG E 96 22.67 10.56 -9.02
N GLN E 97 21.68 10.63 -8.11
CA GLN E 97 21.63 9.75 -6.96
C GLN E 97 20.71 8.57 -7.27
N ASP E 98 21.23 7.68 -8.13
CA ASP E 98 20.44 6.58 -8.66
C ASP E 98 20.95 5.21 -8.22
N LYS E 99 21.89 5.15 -7.27
CA LYS E 99 22.42 3.89 -6.79
C LYS E 99 23.14 4.13 -5.48
N LYS E 100 23.51 3.03 -4.82
CA LYS E 100 24.29 3.08 -3.58
C LYS E 100 25.73 2.61 -3.82
N ASP E 101 26.63 3.56 -4.10
CA ASP E 101 28.05 3.26 -4.23
C ASP E 101 28.85 3.54 -2.97
N LYS E 102 28.24 4.11 -1.93
CA LYS E 102 28.91 4.38 -0.67
C LYS E 102 28.05 3.88 0.49
N SER E 103 28.69 3.75 1.65
CA SER E 103 27.97 3.39 2.87
C SER E 103 27.11 4.56 3.34
N ARG E 104 25.89 4.24 3.76
CA ARG E 104 24.92 5.23 4.26
C ARG E 104 24.53 6.23 3.17
N ALA E 105 24.60 5.80 1.88
CA ALA E 105 24.25 6.72 0.81
C ALA E 105 22.74 6.71 0.58
N PRO E 106 22.18 7.83 0.14
CA PRO E 106 20.75 7.84 -0.23
C PRO E 106 20.56 7.59 -1.72
N ILE E 107 19.42 6.99 -2.04
CA ILE E 107 19.00 6.90 -3.44
C ILE E 107 17.93 7.98 -3.63
N SER E 108 18.36 9.23 -3.69
CA SER E 108 17.43 10.35 -3.70
C SER E 108 16.49 10.30 -4.89
N ALA E 109 16.95 9.78 -6.03
CA ALA E 109 16.08 9.70 -7.21
C ALA E 109 14.84 8.86 -6.93
N LYS E 110 15.00 7.75 -6.20
CA LYS E 110 13.83 6.93 -5.88
C LYS E 110 12.96 7.63 -4.84
N LEU E 111 13.57 8.33 -3.89
CA LEU E 111 12.79 9.13 -2.94
C LEU E 111 11.89 10.10 -3.69
N VAL E 112 12.44 10.77 -4.69
CA VAL E 112 11.64 11.69 -5.50
C VAL E 112 10.56 10.92 -6.24
N ALA E 113 10.90 9.74 -6.77
CA ALA E 113 9.90 8.95 -7.49
C ALA E 113 8.72 8.58 -6.60
N ASN E 114 9.00 8.27 -5.33
CA ASN E 114 7.93 7.90 -4.40
C ASN E 114 7.15 9.11 -3.91
N MET E 115 7.79 10.27 -3.81
CA MET E 115 7.05 11.47 -3.43
C MET E 115 6.15 11.94 -4.55
N LEU E 116 6.61 11.78 -5.80
CA LEU E 116 5.74 12.02 -6.95
C LEU E 116 4.59 11.02 -6.97
N SER E 117 4.88 9.75 -6.66
CA SER E 117 3.82 8.74 -6.64
C SER E 117 2.76 9.05 -5.60
N VAL E 118 3.16 9.35 -4.36
CA VAL E 118 2.17 9.61 -3.32
C VAL E 118 1.53 10.98 -3.47
N ALA E 119 2.20 11.90 -4.18
CA ALA E 119 1.57 13.19 -4.45
C ALA E 119 0.34 13.00 -5.32
N GLY E 120 0.40 12.05 -6.25
CA GLY E 120 -0.75 11.69 -7.05
C GLY E 120 -0.45 11.55 -8.53
N ALA E 121 0.83 11.54 -8.89
CA ALA E 121 1.19 11.43 -10.29
C ALA E 121 0.79 10.08 -10.85
N ASP E 122 0.18 10.11 -12.04
CA ASP E 122 -0.20 8.90 -12.75
C ASP E 122 0.66 8.64 -13.97
N HIS E 123 1.45 9.62 -14.40
CA HIS E 123 2.23 9.54 -15.63
C HIS E 123 3.39 10.52 -15.51
N ILE E 124 4.53 10.15 -16.07
CA ILE E 124 5.73 10.98 -16.04
C ILE E 124 6.24 11.12 -17.46
N ILE E 125 6.52 12.36 -17.87
CA ILE E 125 7.12 12.65 -19.17
C ILE E 125 8.37 13.48 -18.90
N THR E 126 9.53 12.94 -19.28
CA THR E 126 10.82 13.57 -19.03
C THR E 126 11.68 13.37 -20.27
N MET E 127 12.91 13.91 -20.23
CA MET E 127 13.80 13.86 -21.38
C MET E 127 15.21 13.49 -20.93
N ASP E 128 15.73 12.42 -21.51
CA ASP E 128 17.10 11.95 -21.27
C ASP E 128 17.43 11.88 -19.78
N LEU E 129 16.74 10.97 -19.10
CA LEU E 129 17.10 10.62 -17.74
C LEU E 129 18.58 10.25 -17.68
N HIS E 130 19.24 10.67 -16.59
CA HIS E 130 20.66 10.34 -16.40
C HIS E 130 20.89 8.85 -16.59
N ALA E 131 20.09 8.01 -15.94
CA ALA E 131 20.03 6.58 -16.18
C ALA E 131 18.63 6.21 -16.58
N SER E 132 18.49 5.40 -17.64
CA SER E 132 17.16 5.04 -18.12
C SER E 132 16.40 4.20 -17.10
N GLN E 133 17.12 3.48 -16.24
CA GLN E 133 16.48 2.57 -15.29
C GLN E 133 15.60 3.31 -14.29
N ILE E 134 15.66 4.64 -14.25
CA ILE E 134 14.80 5.43 -13.39
C ILE E 134 13.34 5.26 -13.79
N GLN E 135 13.06 4.82 -15.03
CA GLN E 135 11.70 4.43 -15.39
C GLN E 135 11.15 3.38 -14.44
N GLY E 136 12.02 2.52 -13.90
CA GLY E 136 11.65 1.50 -12.94
C GLY E 136 11.52 1.98 -11.51
N PHE E 137 11.85 3.23 -11.21
CA PHE E 137 11.60 3.71 -9.85
C PHE E 137 10.13 3.95 -9.59
N PHE E 138 9.29 3.81 -10.61
CA PHE E 138 7.88 4.05 -10.46
C PHE E 138 7.13 2.73 -10.63
N ASP E 139 5.82 2.85 -10.86
CA ASP E 139 4.89 1.76 -11.11
C ASP E 139 3.77 2.33 -11.94
N ILE E 140 4.10 3.41 -12.64
CA ILE E 140 3.23 4.20 -13.50
C ILE E 140 4.03 4.52 -14.75
N PRO E 141 3.36 4.85 -15.85
CA PRO E 141 4.10 5.11 -17.09
C PRO E 141 5.07 6.28 -16.93
N VAL E 142 6.30 6.08 -17.42
CA VAL E 142 7.33 7.12 -17.40
C VAL E 142 7.95 7.15 -18.79
N ASP E 143 7.67 8.22 -19.54
CA ASP E 143 8.25 8.41 -20.87
C ASP E 143 9.60 9.09 -20.72
N ASN E 144 10.65 8.43 -21.21
CA ASN E 144 12.00 9.00 -21.22
C ASN E 144 12.32 9.37 -22.67
N LEU E 145 11.92 10.59 -23.05
CA LEU E 145 12.12 11.07 -24.41
C LEU E 145 13.61 11.31 -24.69
N TYR E 146 13.95 11.28 -25.97
CA TYR E 146 15.32 11.49 -26.42
C TYR E 146 15.41 12.81 -27.17
N ALA E 147 16.50 13.54 -26.96
CA ALA E 147 16.83 14.67 -27.80
C ALA E 147 17.67 14.25 -28.99
N GLU E 148 18.00 12.96 -29.09
CA GLU E 148 18.86 12.43 -30.15
C GLU E 148 18.43 12.80 -31.56
N PRO E 149 17.16 12.67 -31.97
CA PRO E 149 16.81 13.16 -33.31
C PRO E 149 17.03 14.65 -33.48
N ALA E 150 16.81 15.44 -32.44
CA ALA E 150 16.99 16.89 -32.56
C ALA E 150 18.47 17.30 -32.53
N VAL E 151 19.31 16.58 -31.79
CA VAL E 151 20.75 16.87 -31.85
C VAL E 151 21.32 16.41 -33.17
N LEU E 152 20.87 15.26 -33.68
CA LEU E 152 21.27 14.82 -35.00
C LEU E 152 20.86 15.82 -36.08
N LYS E 153 19.62 16.32 -36.01
CA LYS E 153 19.17 17.29 -36.99
C LYS E 153 19.98 18.58 -36.88
N TRP E 154 20.31 18.98 -35.64
CA TRP E 154 21.18 20.15 -35.45
C TRP E 154 22.57 19.94 -36.02
N ILE E 155 23.09 18.70 -35.91
CA ILE E 155 24.49 18.45 -36.23
C ILE E 155 24.65 18.20 -37.73
N ARG E 156 23.69 17.52 -38.35
CA ARG E 156 23.63 17.45 -39.81
C ARG E 156 23.40 18.84 -40.41
N GLU E 157 22.56 19.65 -39.76
CA GLU E 157 22.18 20.94 -40.29
C GLU E 157 23.19 22.04 -39.99
N ASN E 158 24.15 21.81 -39.11
CA ASN E 158 25.11 22.83 -38.71
C ASN E 158 26.57 22.44 -38.93
N ILE E 159 26.90 21.16 -38.91
CA ILE E 159 28.28 20.73 -39.10
C ILE E 159 28.44 20.36 -40.57
N SER E 160 29.26 21.12 -41.28
CA SER E 160 29.53 20.79 -42.68
C SER E 160 30.31 19.48 -42.76
N GLU E 161 31.29 19.31 -41.88
CA GLU E 161 32.15 18.14 -41.88
C GLU E 161 31.54 16.98 -41.08
N TRP E 162 30.21 16.94 -40.96
CA TRP E 162 29.58 15.93 -40.11
C TRP E 162 29.76 14.55 -40.71
N ARG E 163 29.93 14.49 -42.03
CA ARG E 163 30.17 13.24 -42.72
C ARG E 163 31.50 12.63 -42.32
N ASN E 164 32.42 13.44 -41.80
CA ASN E 164 33.75 12.99 -41.39
C ASN E 164 34.16 13.60 -40.06
N CYS E 165 33.29 13.48 -39.04
CA CYS E 165 33.60 13.95 -37.71
C CYS E 165 34.01 12.79 -36.80
N THR E 166 34.09 13.06 -35.50
CA THR E 166 34.39 12.04 -34.49
C THR E 166 33.66 12.42 -33.19
N ILE E 167 32.63 11.67 -32.84
CA ILE E 167 31.84 11.96 -31.64
C ILE E 167 32.51 11.34 -30.42
N VAL E 168 32.57 12.09 -29.32
CA VAL E 168 33.37 11.69 -28.16
C VAL E 168 32.51 11.77 -26.89
N SER E 169 32.71 10.78 -25.99
CA SER E 169 32.22 10.74 -24.63
C SER E 169 33.26 11.33 -23.70
N PRO E 170 32.93 12.31 -22.86
CA PRO E 170 33.96 12.87 -21.97
C PRO E 170 34.28 12.00 -20.78
N ASP E 171 33.39 11.10 -20.36
CA ASP E 171 33.64 10.14 -19.29
C ASP E 171 33.33 8.73 -19.81
N ALA E 172 33.59 7.74 -18.95
CA ALA E 172 33.27 6.35 -19.23
C ALA E 172 31.78 6.12 -19.43
N GLY E 173 31.00 6.23 -18.36
CA GLY E 173 29.56 6.09 -18.37
C GLY E 173 28.77 6.54 -19.59
N GLY E 174 29.34 7.43 -20.40
CA GLY E 174 28.66 7.95 -21.57
C GLY E 174 29.06 7.31 -22.89
N ALA E 175 29.66 6.12 -22.84
CA ALA E 175 30.17 5.50 -24.04
C ALA E 175 29.06 5.01 -24.96
N LYS E 176 27.95 4.54 -24.38
CA LYS E 176 26.85 4.03 -25.20
C LYS E 176 26.17 5.16 -25.98
N ARG E 177 25.94 6.30 -25.33
CA ARG E 177 25.21 7.39 -25.96
C ARG E 177 25.87 7.81 -27.26
N VAL E 178 27.19 7.94 -27.27
CA VAL E 178 27.84 8.44 -28.47
C VAL E 178 27.87 7.34 -29.52
N THR E 179 27.97 6.08 -29.09
CA THR E 179 27.84 5.00 -30.05
C THR E 179 26.45 4.97 -30.64
N SER E 180 25.44 5.39 -29.88
CA SER E 180 24.10 5.51 -30.44
C SER E 180 24.05 6.66 -31.44
N ILE E 181 24.84 7.70 -31.23
CA ILE E 181 24.79 8.86 -32.12
C ILE E 181 25.78 8.69 -33.27
N ALA E 182 27.02 8.29 -32.98
CA ALA E 182 28.00 8.12 -34.04
C ALA E 182 27.53 7.07 -35.04
N ASP E 183 27.02 5.93 -34.56
CA ASP E 183 26.52 4.91 -35.47
C ASP E 183 25.31 5.42 -36.25
N ARG E 184 24.57 6.35 -35.66
CA ARG E 184 23.41 6.90 -36.35
C ARG E 184 23.86 7.84 -37.45
N LEU E 185 25.02 8.48 -37.27
CA LEU E 185 25.66 9.23 -38.35
C LEU E 185 26.59 8.37 -39.18
N ASN E 186 26.86 7.13 -38.74
CA ASN E 186 27.88 6.24 -39.32
C ASN E 186 29.20 7.00 -39.45
N VAL E 187 29.72 7.36 -38.26
CA VAL E 187 30.90 8.19 -38.11
C VAL E 187 31.79 7.59 -37.01
N ASP E 188 33.05 8.00 -36.99
CA ASP E 188 33.97 7.62 -35.93
C ASP E 188 33.47 8.11 -34.57
N PHE E 189 33.84 7.38 -33.51
CA PHE E 189 33.60 7.80 -32.14
C PHE E 189 34.89 7.70 -31.34
N ALA E 190 34.89 8.32 -30.15
CA ALA E 190 36.05 8.34 -29.27
C ALA E 190 35.59 8.48 -27.82
N LEU E 191 36.55 8.33 -26.89
CA LEU E 191 36.26 8.34 -25.47
C LEU E 191 37.43 8.98 -24.71
N ILE E 192 37.10 9.67 -23.62
CA ILE E 192 38.07 10.32 -22.75
C ILE E 192 37.85 9.84 -21.33
N HIS E 193 38.93 9.42 -20.66
CA HIS E 193 38.85 9.02 -19.25
C HIS E 193 39.97 9.68 -18.46
N LYS E 194 39.78 9.78 -17.15
CA LYS E 194 40.86 10.25 -16.26
C LYS E 194 40.92 9.40 -15.00
N MET E 205 44.16 13.17 -18.21
CA MET E 205 43.22 12.59 -19.16
C MET E 205 43.88 11.83 -20.32
N VAL E 206 43.30 10.67 -20.62
CA VAL E 206 43.74 9.78 -21.68
C VAL E 206 42.58 9.60 -22.65
N LEU E 207 42.91 9.61 -23.95
CA LEU E 207 41.92 9.48 -25.01
C LEU E 207 42.12 8.19 -25.78
N VAL E 208 41.00 7.52 -26.07
CA VAL E 208 40.96 6.30 -26.86
C VAL E 208 40.01 6.53 -28.02
N GLY E 209 40.48 6.26 -29.23
CA GLY E 209 39.77 6.60 -30.44
C GLY E 209 40.50 7.66 -31.24
N ASP E 210 40.10 7.83 -32.49
CA ASP E 210 40.82 8.75 -33.38
C ASP E 210 40.14 10.12 -33.41
N VAL E 211 40.97 11.15 -33.60
CA VAL E 211 40.52 12.53 -33.57
C VAL E 211 41.55 13.38 -34.29
N LYS E 212 42.40 12.74 -35.09
CA LYS E 212 43.38 13.41 -35.92
C LYS E 212 42.64 14.15 -37.04
N ASP E 213 42.93 15.44 -37.21
CA ASP E 213 42.42 16.27 -38.31
C ASP E 213 40.99 15.86 -38.69
N ARG E 214 40.05 16.05 -37.77
CA ARG E 214 38.71 15.50 -38.01
C ARG E 214 37.55 16.42 -37.63
N VAL E 215 37.72 17.19 -36.56
CA VAL E 215 36.72 17.99 -35.82
C VAL E 215 35.99 17.03 -34.88
N ALA E 216 35.79 17.44 -33.63
CA ALA E 216 35.39 16.56 -32.54
C ALA E 216 34.12 17.07 -31.87
N ILE E 217 33.20 16.16 -31.57
CA ILE E 217 31.89 16.51 -31.04
C ILE E 217 31.68 15.75 -29.73
N LEU E 218 31.79 16.45 -28.60
CA LEU E 218 31.47 15.88 -27.31
C LEU E 218 29.95 15.84 -27.13
N VAL E 219 29.43 14.68 -26.71
CA VAL E 219 28.01 14.52 -26.44
C VAL E 219 27.85 13.79 -25.12
N ASP E 220 27.08 14.38 -24.21
CA ASP E 220 26.70 13.74 -22.97
C ASP E 220 25.32 14.25 -22.57
N ASP E 221 24.80 13.74 -21.47
CA ASP E 221 23.45 14.07 -21.02
C ASP E 221 23.36 15.40 -20.26
N MET E 222 24.47 15.99 -19.84
CA MET E 222 24.30 17.03 -18.83
C MET E 222 25.22 18.26 -18.91
N ALA E 223 26.42 18.16 -18.34
CA ALA E 223 27.33 19.29 -18.16
C ALA E 223 26.76 20.19 -17.07
N ASP E 224 27.36 20.09 -15.88
CA ASP E 224 26.95 20.86 -14.72
C ASP E 224 27.92 22.01 -14.55
N THR E 225 29.05 21.73 -13.89
CA THR E 225 30.12 22.71 -13.72
C THR E 225 31.06 22.74 -14.92
N CYS E 226 30.97 21.74 -15.80
CA CYS E 226 31.65 21.66 -17.09
C CYS E 226 33.17 21.54 -17.00
N GLY E 227 33.73 21.23 -15.82
CA GLY E 227 35.16 21.04 -15.75
C GLY E 227 35.64 19.85 -16.58
N THR E 228 34.88 18.75 -16.54
CA THR E 228 35.26 17.52 -17.22
C THR E 228 35.00 17.57 -18.72
N ILE E 229 34.29 18.58 -19.22
CA ILE E 229 34.20 18.79 -20.66
C ILE E 229 35.14 19.90 -21.14
N CYS E 230 35.51 20.84 -20.28
CA CYS E 230 36.53 21.81 -20.68
C CYS E 230 37.90 21.16 -20.77
N HIS E 231 38.23 20.32 -19.79
CA HIS E 231 39.48 19.58 -19.88
C HIS E 231 39.43 18.58 -21.04
N ALA E 232 38.26 17.97 -21.24
CA ALA E 232 38.08 17.03 -22.35
C ALA E 232 38.22 17.72 -23.70
N ALA E 233 37.86 19.00 -23.78
CA ALA E 233 38.11 19.75 -25.00
C ALA E 233 39.60 20.01 -25.18
N ASP E 234 40.29 20.37 -24.10
CA ASP E 234 41.72 20.62 -24.21
C ASP E 234 42.46 19.38 -24.70
N LYS E 235 42.11 18.20 -24.18
CA LYS E 235 42.73 16.97 -24.67
C LYS E 235 42.42 16.71 -26.15
N LEU E 236 41.22 17.07 -26.59
CA LEU E 236 40.86 16.85 -27.99
C LEU E 236 41.65 17.75 -28.92
N LEU E 237 41.86 19.01 -28.54
CA LEU E 237 42.74 19.87 -29.32
C LEU E 237 44.16 19.34 -29.34
N SER E 238 44.69 18.99 -28.15
CA SER E 238 46.07 18.50 -28.08
C SER E 238 46.31 17.32 -29.01
N ALA E 239 45.29 16.51 -29.26
CA ALA E 239 45.38 15.41 -30.21
C ALA E 239 45.14 15.84 -31.66
N GLY E 240 44.85 17.12 -31.89
CA GLY E 240 44.76 17.65 -33.23
C GLY E 240 43.44 17.44 -33.95
N ALA E 241 42.43 18.19 -33.54
CA ALA E 241 41.12 18.19 -34.18
C ALA E 241 40.81 19.63 -34.56
N THR E 242 40.14 19.83 -35.70
CA THR E 242 39.91 21.18 -36.21
C THR E 242 39.20 22.04 -35.15
N ARG E 243 37.95 21.70 -34.85
CA ARG E 243 37.17 22.36 -33.81
C ARG E 243 36.62 21.30 -32.87
N VAL E 244 36.11 21.76 -31.72
CA VAL E 244 35.48 20.88 -30.75
C VAL E 244 34.10 21.44 -30.43
N TYR E 245 33.10 20.55 -30.40
CA TYR E 245 31.72 20.91 -30.12
C TYR E 245 31.25 20.13 -28.90
N ALA E 246 30.55 20.81 -27.99
CA ALA E 246 29.97 20.13 -26.82
C ALA E 246 28.46 20.22 -26.92
N ILE E 247 27.80 19.08 -27.07
CA ILE E 247 26.34 19.02 -27.14
C ILE E 247 25.85 18.23 -25.94
N LEU E 248 25.25 18.93 -24.98
CA LEU E 248 24.72 18.32 -23.77
C LEU E 248 23.21 18.58 -23.71
N THR E 249 22.45 17.60 -23.24
CA THR E 249 21.00 17.75 -23.17
C THR E 249 20.59 18.85 -22.19
N HIS E 250 20.98 18.72 -20.93
CA HIS E 250 20.51 19.58 -19.85
C HIS E 250 21.54 20.67 -19.56
N GLY E 251 21.15 21.92 -19.78
CA GLY E 251 22.02 23.06 -19.59
C GLY E 251 22.09 23.58 -18.17
N ILE E 252 22.59 22.76 -17.24
CA ILE E 252 22.59 23.16 -15.83
C ILE E 252 23.46 24.39 -15.63
N PHE E 253 24.70 24.35 -16.12
CA PHE E 253 25.67 25.46 -16.03
C PHE E 253 25.66 26.13 -14.65
N SER E 254 25.97 25.36 -13.62
CA SER E 254 26.03 25.90 -12.27
C SER E 254 27.47 26.27 -11.92
N GLY E 255 27.63 27.00 -10.82
CA GLY E 255 28.93 27.30 -10.29
C GLY E 255 29.82 28.05 -11.26
N PRO E 256 31.05 27.55 -11.44
CA PRO E 256 32.01 28.24 -12.32
C PRO E 256 31.89 27.87 -13.79
N ALA E 257 30.75 27.31 -14.19
CA ALA E 257 30.62 26.78 -15.55
C ALA E 257 30.86 27.84 -16.61
N ILE E 258 30.23 29.01 -16.47
CA ILE E 258 30.30 30.03 -17.51
C ILE E 258 31.72 30.56 -17.66
N SER E 259 32.40 30.86 -16.56
CA SER E 259 33.80 31.30 -16.65
C SER E 259 34.66 30.27 -17.35
N ARG E 260 34.39 28.98 -17.10
CA ARG E 260 35.24 27.94 -17.65
C ARG E 260 34.99 27.74 -19.14
N ILE E 261 33.74 27.93 -19.59
CA ILE E 261 33.46 27.83 -21.01
C ILE E 261 33.95 29.07 -21.75
N ASN E 262 33.83 30.24 -21.12
CA ASN E 262 34.34 31.46 -21.74
C ASN E 262 35.85 31.41 -21.91
N ASN E 263 36.54 30.70 -21.00
CA ASN E 263 37.98 30.57 -21.12
C ASN E 263 38.40 29.28 -21.81
N ALA E 264 37.45 28.51 -22.32
CA ALA E 264 37.72 27.27 -23.04
C ALA E 264 37.62 27.48 -24.54
N CYS E 265 38.02 26.44 -25.28
CA CYS E 265 38.18 26.55 -26.73
C CYS E 265 37.07 25.83 -27.49
N PHE E 266 35.81 26.07 -27.11
CA PHE E 266 34.70 25.43 -27.80
C PHE E 266 34.32 26.22 -29.03
N GLU E 267 33.93 25.50 -30.08
CA GLU E 267 33.30 26.16 -31.22
C GLU E 267 31.86 26.49 -30.88
N ALA E 268 31.18 25.56 -30.22
CA ALA E 268 29.86 25.82 -29.67
C ALA E 268 29.59 24.86 -28.52
N VAL E 269 28.70 25.29 -27.63
CA VAL E 269 28.17 24.46 -26.56
C VAL E 269 26.67 24.52 -26.72
N VAL E 270 26.06 23.41 -27.09
CA VAL E 270 24.67 23.32 -27.50
C VAL E 270 23.92 22.55 -26.44
N VAL E 271 22.79 23.10 -26.00
CA VAL E 271 21.96 22.45 -25.00
C VAL E 271 20.52 22.52 -25.49
N THR E 272 19.65 21.76 -24.84
CA THR E 272 18.23 21.89 -25.09
C THR E 272 17.64 22.87 -24.09
N ASN E 273 16.37 23.22 -24.30
CA ASN E 273 15.70 24.14 -23.38
C ASN E 273 14.86 23.37 -22.36
N THR E 274 15.34 22.19 -21.95
CA THR E 274 14.79 21.55 -20.76
C THR E 274 14.95 22.45 -19.55
N ILE E 275 15.99 23.28 -19.56
CA ILE E 275 16.26 24.27 -18.53
C ILE E 275 16.37 25.64 -19.20
N PRO E 276 15.87 26.72 -18.60
CA PRO E 276 16.05 28.04 -19.21
C PRO E 276 17.52 28.40 -19.35
N GLN E 277 17.88 28.97 -20.51
CA GLN E 277 19.25 29.33 -20.82
C GLN E 277 19.44 30.81 -21.12
N GLU E 278 18.36 31.61 -21.12
CA GLU E 278 18.43 32.98 -21.59
C GLU E 278 19.43 33.80 -20.77
N ASP E 279 19.35 33.69 -19.44
CA ASP E 279 20.29 34.40 -18.58
C ASP E 279 21.70 33.90 -18.82
N LYS E 280 21.84 32.60 -19.07
CA LYS E 280 23.16 32.05 -19.36
C LYS E 280 23.66 32.54 -20.71
N MET E 281 22.76 32.64 -21.70
CA MET E 281 23.16 33.05 -23.04
C MET E 281 23.56 34.52 -23.12
N LYS E 282 22.98 35.40 -22.29
CA LYS E 282 23.48 36.77 -22.36
C LYS E 282 24.90 36.87 -21.83
N HIS E 283 25.28 35.99 -20.90
CA HIS E 283 26.62 36.01 -20.32
C HIS E 283 27.58 35.02 -20.97
N CYS E 284 27.15 34.25 -21.96
CA CYS E 284 28.04 33.28 -22.61
C CYS E 284 27.68 33.19 -24.08
N SER E 285 28.54 33.73 -24.95
CA SER E 285 28.36 33.67 -26.39
C SER E 285 28.47 32.26 -26.95
N LYS E 286 28.88 31.29 -26.14
CA LYS E 286 29.14 29.95 -26.62
C LYS E 286 27.96 29.01 -26.44
N ILE E 287 26.95 29.41 -25.67
CA ILE E 287 25.79 28.56 -25.40
C ILE E 287 24.77 28.73 -26.52
N GLN E 288 24.34 27.61 -27.08
CA GLN E 288 23.27 27.55 -28.06
C GLN E 288 22.20 26.58 -27.57
N VAL E 289 20.94 26.90 -27.81
CA VAL E 289 19.83 26.13 -27.24
C VAL E 289 19.02 25.50 -28.35
N ILE E 290 18.59 24.26 -28.12
CA ILE E 290 17.75 23.49 -29.04
C ILE E 290 16.34 23.48 -28.48
N ASP E 291 15.38 23.87 -29.31
CA ASP E 291 13.99 23.88 -28.88
C ASP E 291 13.43 22.47 -28.88
N ILE E 292 13.08 21.95 -27.70
CA ILE E 292 12.45 20.64 -27.61
C ILE E 292 11.01 20.76 -27.13
N SER E 293 10.42 21.96 -27.25
CA SER E 293 9.06 22.17 -26.79
C SER E 293 8.04 21.41 -27.62
N MET E 294 8.34 21.17 -28.90
CA MET E 294 7.44 20.39 -29.73
C MET E 294 7.54 18.90 -29.46
N ILE E 295 8.70 18.44 -29.00
CA ILE E 295 8.86 17.03 -28.66
C ILE E 295 8.06 16.71 -27.40
N LEU E 296 8.04 17.64 -26.44
CA LEU E 296 7.22 17.45 -25.24
C LEU E 296 5.74 17.63 -25.54
N ALA E 297 5.41 18.61 -26.39
CA ALA E 297 4.01 18.86 -26.74
C ALA E 297 3.39 17.67 -27.46
N GLU E 298 4.17 17.02 -28.32
CA GLU E 298 3.61 15.88 -29.06
C GLU E 298 3.41 14.67 -28.16
N ALA E 299 4.26 14.49 -27.15
CA ALA E 299 4.02 13.40 -26.19
C ALA E 299 2.82 13.70 -25.32
N ILE E 300 2.57 14.98 -25.03
CA ILE E 300 1.37 15.37 -24.31
C ILE E 300 0.13 15.12 -25.16
N ARG E 301 0.21 15.46 -26.46
CA ARG E 301 -0.92 15.27 -27.35
C ARG E 301 -1.23 13.79 -27.55
N ARG E 302 -0.19 12.99 -27.76
CA ARG E 302 -0.35 11.55 -27.95
C ARG E 302 -0.82 10.87 -26.68
N THR E 303 -0.31 11.32 -25.53
CA THR E 303 -0.74 10.80 -24.24
C THR E 303 -2.20 11.13 -23.97
N HIS E 304 -2.66 12.30 -24.41
CA HIS E 304 -4.06 12.69 -24.22
C HIS E 304 -5.01 11.79 -24.98
N ASN E 305 -4.98 11.85 -26.31
CA ASN E 305 -5.83 11.03 -27.16
C ASN E 305 -5.19 9.72 -27.58
N GLY E 306 -4.29 9.17 -26.76
CA GLY E 306 -3.97 7.75 -26.79
C GLY E 306 -3.13 7.24 -27.93
N GLU E 307 -2.13 7.99 -28.39
CA GLU E 307 -1.25 7.53 -29.46
C GLU E 307 0.11 7.09 -28.93
N SER E 308 0.95 6.61 -29.85
CA SER E 308 2.27 6.10 -29.51
C SER E 308 3.32 7.19 -29.71
N VAL E 309 4.13 7.43 -28.68
CA VAL E 309 5.16 8.46 -28.69
C VAL E 309 6.45 7.91 -29.30
N SER E 310 6.42 6.63 -29.70
CA SER E 310 7.59 6.00 -30.31
C SER E 310 8.11 6.77 -31.51
N TYR E 311 7.21 7.42 -32.26
CA TYR E 311 7.59 8.23 -33.41
C TYR E 311 8.55 9.35 -33.05
N LEU E 312 8.46 9.89 -31.83
CA LEU E 312 9.31 11.01 -31.39
C LEU E 312 10.75 10.59 -31.06
N PHE E 313 11.14 9.36 -31.35
CA PHE E 313 12.52 8.93 -31.15
C PHE E 313 13.23 8.72 -32.49
N SER E 314 12.66 9.25 -33.58
CA SER E 314 13.18 8.93 -34.90
C SER E 314 12.82 9.97 -35.96
N HIS E 315 12.14 11.08 -35.63
CA HIS E 315 11.59 11.91 -36.70
C HIS E 315 11.43 13.39 -36.41
N VAL E 316 11.29 13.79 -35.14
CA VAL E 316 11.22 15.19 -34.68
C VAL E 316 10.02 15.84 -35.36
N PRO E 317 9.73 17.16 -35.25
CA PRO E 317 8.40 17.46 -35.80
C PRO E 317 8.39 17.75 -37.31
N SER F 1 23.47 -12.75 18.33
CA SER F 1 24.32 -13.67 17.59
C SER F 1 23.49 -15.00 17.47
N PRO F 2 24.11 -16.22 17.15
CA PRO F 2 23.33 -17.29 16.50
C PRO F 2 21.85 -17.44 16.85
N ASN F 3 21.01 -16.73 16.10
CA ASN F 3 19.63 -17.15 15.84
C ASN F 3 19.38 -17.07 14.35
N ILE F 4 20.28 -17.51 13.58
CA ILE F 4 20.23 -17.45 12.16
C ILE F 4 20.02 -18.72 11.49
N LYS F 5 19.20 -18.76 10.49
CA LYS F 5 18.95 -19.92 9.72
C LYS F 5 19.20 -19.70 8.28
N ILE F 6 19.89 -20.53 7.57
CA ILE F 6 20.12 -20.40 6.16
C ILE F 6 19.65 -21.53 5.37
N PHE F 7 18.88 -21.27 4.32
CA PHE F 7 18.27 -22.24 3.47
C PHE F 7 18.66 -22.26 2.05
N SER F 8 18.53 -23.33 1.33
CA SER F 8 18.86 -23.39 -0.09
C SER F 8 17.78 -23.57 -1.01
N GLY F 9 17.91 -22.99 -2.13
CA GLY F 9 17.01 -23.33 -3.22
C GLY F 9 17.57 -24.43 -4.09
N SER F 10 16.80 -24.79 -5.12
CA SER F 10 17.20 -25.86 -6.03
C SER F 10 18.22 -25.42 -7.07
N SER F 11 18.76 -24.20 -6.98
CA SER F 11 19.64 -23.72 -8.04
C SER F 11 21.11 -24.00 -7.75
N HIS F 12 21.67 -23.39 -6.69
CA HIS F 12 23.10 -23.49 -6.42
C HIS F 12 23.30 -24.07 -5.01
N GLN F 13 23.14 -25.39 -4.89
CA GLN F 13 23.33 -26.04 -3.60
C GLN F 13 24.79 -26.08 -3.16
N ASP F 14 25.73 -26.14 -4.11
CA ASP F 14 27.13 -26.11 -3.74
C ASP F 14 27.47 -24.79 -3.06
N LEU F 15 27.02 -23.68 -3.64
CA LEU F 15 27.27 -22.37 -3.03
C LEU F 15 26.57 -22.24 -1.68
N SER F 16 25.35 -22.76 -1.57
CA SER F 16 24.66 -22.74 -0.28
C SER F 16 25.46 -23.51 0.76
N GLN F 17 25.98 -24.67 0.38
CA GLN F 17 26.74 -25.50 1.30
C GLN F 17 28.03 -24.81 1.71
N LYS F 18 28.74 -24.20 0.76
CA LYS F 18 29.96 -23.47 1.07
C LYS F 18 29.67 -22.31 2.01
N ILE F 19 28.60 -21.57 1.75
CA ILE F 19 28.27 -20.41 2.60
C ILE F 19 27.98 -20.86 4.02
N ALA F 20 27.10 -21.85 4.17
CA ALA F 20 26.76 -22.32 5.52
C ALA F 20 27.98 -22.90 6.22
N ASP F 21 28.85 -23.58 5.47
CA ASP F 21 30.07 -24.11 6.05
C ASP F 21 30.99 -23.01 6.55
N ARG F 22 31.14 -21.93 5.77
CA ARG F 22 32.01 -20.84 6.18
C ARG F 22 31.50 -20.14 7.42
N LEU F 23 30.17 -20.12 7.61
CA LEU F 23 29.57 -19.52 8.79
C LEU F 23 29.52 -20.47 9.97
N GLY F 24 29.98 -21.70 9.81
CA GLY F 24 29.89 -22.66 10.89
C GLY F 24 28.47 -23.12 11.16
N LEU F 25 27.62 -23.12 10.13
CA LEU F 25 26.23 -23.52 10.27
C LEU F 25 25.94 -24.73 9.39
N GLU F 26 24.82 -25.37 9.67
CA GLU F 26 24.27 -26.38 8.78
C GLU F 26 23.11 -25.77 8.01
N LEU F 27 22.83 -26.32 6.84
CA LEU F 27 21.74 -25.81 6.04
C LEU F 27 20.42 -26.26 6.66
N GLY F 28 19.41 -25.40 6.54
CA GLY F 28 18.13 -25.64 7.15
C GLY F 28 17.35 -26.75 6.48
N LYS F 29 16.44 -27.36 7.24
CA LYS F 29 15.69 -28.51 6.73
C LYS F 29 14.54 -27.99 5.90
N VAL F 30 14.69 -28.07 4.57
CA VAL F 30 13.64 -27.77 3.62
C VAL F 30 13.68 -28.83 2.55
N VAL F 31 12.51 -29.37 2.22
CA VAL F 31 12.34 -30.24 1.06
C VAL F 31 11.76 -29.36 -0.02
N THR F 32 12.43 -29.35 -1.17
CA THR F 32 12.10 -28.43 -2.25
C THR F 32 11.99 -29.24 -3.53
N LYS F 33 10.77 -29.42 -4.02
CA LYS F 33 10.54 -30.22 -5.22
C LYS F 33 9.43 -29.56 -6.01
N LYS F 34 8.83 -30.32 -6.92
CA LYS F 34 7.68 -29.87 -7.68
C LYS F 34 6.53 -30.86 -7.50
N PHE F 35 5.31 -30.36 -7.62
CA PHE F 35 4.16 -31.23 -7.53
C PHE F 35 4.00 -32.02 -8.83
N SER F 36 3.01 -32.91 -8.86
CA SER F 36 2.83 -33.77 -10.03
C SER F 36 2.53 -32.96 -11.28
N ASN F 37 1.80 -31.85 -11.14
CA ASN F 37 1.43 -31.00 -12.26
C ASN F 37 2.40 -29.84 -12.47
N GLN F 38 3.60 -29.93 -11.90
CA GLN F 38 4.73 -29.02 -12.07
C GLN F 38 4.63 -27.75 -11.23
N GLU F 39 3.74 -27.70 -10.24
CA GLU F 39 3.72 -26.59 -9.31
C GLU F 39 4.81 -26.77 -8.26
N THR F 40 5.39 -25.65 -7.82
CA THR F 40 6.49 -25.70 -6.88
C THR F 40 6.00 -26.15 -5.50
N CYS F 41 6.76 -27.05 -4.88
CA CYS F 41 6.45 -27.59 -3.56
C CYS F 41 7.60 -27.24 -2.62
N VAL F 42 7.26 -26.55 -1.52
CA VAL F 42 8.22 -26.07 -0.53
C VAL F 42 7.73 -26.50 0.84
N GLU F 43 8.53 -27.32 1.54
CA GLU F 43 8.21 -27.77 2.88
C GLU F 43 9.39 -27.48 3.79
N ILE F 44 9.26 -26.46 4.65
CA ILE F 44 10.27 -26.14 5.64
C ILE F 44 10.08 -27.06 6.84
N GLY F 45 11.09 -27.84 7.16
CA GLY F 45 10.94 -28.85 8.20
C GLY F 45 11.56 -28.48 9.53
N GLU F 46 11.60 -27.18 9.86
CA GLU F 46 12.13 -26.74 11.13
C GLU F 46 11.66 -25.31 11.39
N SER F 47 11.50 -24.98 12.67
CA SER F 47 10.95 -23.69 13.05
C SER F 47 11.89 -22.54 12.67
N VAL F 48 11.29 -21.41 12.27
CA VAL F 48 12.00 -20.19 11.94
C VAL F 48 11.45 -19.03 12.76
N ARG F 49 10.65 -19.34 13.78
CA ARG F 49 10.09 -18.31 14.66
C ARG F 49 11.21 -17.51 15.31
N GLY F 50 11.19 -16.19 15.13
CA GLY F 50 12.20 -15.36 15.73
C GLY F 50 13.56 -15.46 15.08
N GLU F 51 13.64 -16.05 13.90
CA GLU F 51 14.92 -16.31 13.26
C GLU F 51 15.23 -15.25 12.23
N ASP F 52 16.52 -15.06 11.98
CA ASP F 52 17.03 -14.21 10.90
C ASP F 52 17.34 -15.16 9.75
N VAL F 53 16.45 -15.21 8.75
CA VAL F 53 16.50 -16.23 7.70
C VAL F 53 17.18 -15.67 6.45
N TYR F 54 18.03 -16.48 5.85
CA TYR F 54 18.69 -16.17 4.59
C TYR F 54 18.39 -17.31 3.61
N ILE F 55 17.88 -16.96 2.43
CA ILE F 55 17.51 -17.94 1.42
C ILE F 55 18.39 -17.70 0.20
N VAL F 56 19.16 -18.71 -0.20
CA VAL F 56 20.14 -18.59 -1.28
C VAL F 56 19.50 -19.17 -2.54
N GLN F 57 19.19 -18.31 -3.51
CA GLN F 57 18.67 -18.75 -4.80
C GLN F 57 19.23 -17.84 -5.87
N SER F 58 19.94 -18.40 -6.85
CA SER F 58 20.51 -17.63 -7.93
C SER F 58 19.60 -17.70 -9.15
N GLY F 59 19.61 -16.65 -9.95
CA GLY F 59 18.79 -16.60 -11.15
C GLY F 59 19.41 -17.39 -12.28
N CYS F 60 19.15 -18.70 -12.31
CA CYS F 60 19.82 -19.60 -13.24
C CYS F 60 19.02 -20.90 -13.34
N GLY F 61 19.36 -21.70 -14.35
CA GLY F 61 18.81 -23.02 -14.59
C GLY F 61 17.35 -23.25 -14.26
N GLU F 62 16.49 -23.15 -15.27
CA GLU F 62 15.04 -23.11 -15.09
C GLU F 62 14.72 -21.96 -14.15
N ILE F 63 14.69 -20.76 -14.71
CA ILE F 63 14.69 -19.53 -13.91
C ILE F 63 13.35 -19.34 -13.19
N ASN F 64 12.24 -19.58 -13.90
CA ASN F 64 10.94 -19.29 -13.32
C ASN F 64 10.58 -20.29 -12.22
N ASP F 65 11.06 -21.53 -12.32
CA ASP F 65 10.81 -22.51 -11.27
C ASP F 65 11.55 -22.14 -9.99
N ASN F 66 12.77 -21.64 -10.12
CA ASN F 66 13.58 -21.28 -8.96
C ASN F 66 13.15 -19.94 -8.39
N LEU F 67 12.75 -19.00 -9.25
CA LEU F 67 12.21 -17.72 -8.78
C LEU F 67 10.91 -17.94 -8.01
N MET F 68 10.01 -18.76 -8.56
CA MET F 68 8.75 -19.00 -7.88
C MET F 68 8.98 -19.76 -6.59
N GLU F 69 9.93 -20.69 -6.60
CA GLU F 69 10.35 -21.38 -5.39
C GLU F 69 10.86 -20.41 -4.35
N LEU F 70 11.69 -19.46 -4.75
CA LEU F 70 12.21 -18.46 -3.82
C LEU F 70 11.08 -17.64 -3.22
N LEU F 71 10.13 -17.20 -4.06
CA LEU F 71 9.01 -16.40 -3.55
C LEU F 71 8.19 -17.20 -2.54
N ILE F 72 7.98 -18.49 -2.83
CA ILE F 72 7.19 -19.33 -1.94
C ILE F 72 7.93 -19.56 -0.62
N MET F 73 9.26 -19.72 -0.68
CA MET F 73 10.02 -19.87 0.56
C MET F 73 9.99 -18.60 1.41
N ILE F 74 10.13 -17.43 0.77
CA ILE F 74 10.01 -16.17 1.52
C ILE F 74 8.64 -16.08 2.17
N ASN F 75 7.59 -16.38 1.43
CA ASN F 75 6.24 -16.26 1.98
C ASN F 75 6.02 -17.25 3.10
N ALA F 76 6.54 -18.46 2.96
CA ALA F 76 6.41 -19.47 4.01
C ALA F 76 7.10 -18.99 5.29
N CYS F 77 8.35 -18.52 5.16
CA CYS F 77 9.06 -18.00 6.32
C CYS F 77 8.33 -16.80 6.91
N LYS F 78 7.70 -15.99 6.07
CA LYS F 78 6.98 -14.80 6.55
C LYS F 78 5.79 -15.19 7.40
N ILE F 79 4.98 -16.16 6.94
CA ILE F 79 3.87 -16.64 7.74
C ILE F 79 4.34 -17.51 8.90
N ALA F 80 5.56 -18.05 8.82
CA ALA F 80 6.15 -18.82 9.90
C ALA F 80 6.77 -17.93 10.98
N SER F 81 6.49 -16.63 10.96
CA SER F 81 6.87 -15.69 12.01
C SER F 81 8.38 -15.46 12.08
N ALA F 82 9.09 -15.58 10.96
CA ALA F 82 10.49 -15.21 10.95
C ALA F 82 10.65 -13.72 11.23
N SER F 83 11.73 -13.36 11.93
CA SER F 83 11.96 -11.97 12.28
C SER F 83 12.36 -11.15 11.06
N ARG F 84 13.18 -11.73 10.19
CA ARG F 84 13.64 -11.08 8.97
C ARG F 84 13.91 -12.16 7.93
N VAL F 85 13.57 -11.87 6.67
CA VAL F 85 13.81 -12.78 5.57
C VAL F 85 14.69 -12.05 4.56
N THR F 86 15.85 -12.62 4.26
CA THR F 86 16.83 -12.00 3.37
C THR F 86 17.02 -12.93 2.18
N ALA F 87 16.78 -12.40 0.97
CA ALA F 87 16.99 -13.16 -0.25
C ALA F 87 18.42 -12.93 -0.73
N VAL F 88 19.24 -13.98 -0.66
CA VAL F 88 20.60 -13.93 -1.19
C VAL F 88 20.52 -14.45 -2.62
N ILE F 89 20.66 -13.55 -3.59
CA ILE F 89 20.52 -13.88 -5.01
C ILE F 89 21.83 -13.58 -5.73
N PRO F 90 22.73 -14.56 -5.86
CA PRO F 90 24.04 -14.26 -6.47
C PRO F 90 23.93 -13.64 -7.85
N CYS F 91 23.07 -14.17 -8.71
CA CYS F 91 22.82 -13.63 -10.04
C CYS F 91 21.34 -13.25 -10.10
N PHE F 92 21.05 -11.95 -10.14
CA PHE F 92 19.66 -11.49 -10.06
C PHE F 92 18.97 -11.67 -11.40
N PRO F 93 17.88 -12.43 -11.46
CA PRO F 93 17.24 -12.72 -12.75
C PRO F 93 16.53 -11.51 -13.32
N TYR F 94 16.33 -11.56 -14.64
CA TYR F 94 15.57 -10.56 -15.39
C TYR F 94 16.19 -9.17 -15.28
N ALA F 95 17.50 -9.10 -15.02
CA ALA F 95 18.15 -7.82 -14.80
C ALA F 95 18.38 -7.07 -16.11
N ARG F 96 18.54 -7.79 -17.22
CA ARG F 96 18.74 -7.11 -18.50
C ARG F 96 17.46 -6.43 -18.99
N GLN F 97 16.31 -6.74 -18.39
CA GLN F 97 15.06 -6.05 -18.71
C GLN F 97 14.77 -5.02 -17.62
N ASP F 98 15.56 -3.94 -17.63
CA ASP F 98 15.53 -2.93 -16.57
C ASP F 98 15.07 -1.56 -17.03
N LYS F 99 14.51 -1.45 -18.23
CA LYS F 99 14.08 -0.16 -18.77
C LYS F 99 13.14 -0.40 -19.94
N LYS F 100 12.51 0.67 -20.40
CA LYS F 100 11.62 0.62 -21.55
C LYS F 100 12.29 1.24 -22.78
N ASP F 101 13.00 0.41 -23.54
CA ASP F 101 13.62 0.82 -24.79
C ASP F 101 12.79 0.44 -26.00
N LYS F 102 11.53 0.06 -25.81
CA LYS F 102 10.63 -0.33 -26.88
C LYS F 102 9.21 0.01 -26.48
N SER F 103 8.33 0.15 -27.48
CA SER F 103 6.92 0.33 -27.21
C SER F 103 6.33 -0.95 -26.64
N ARG F 104 5.48 -0.78 -25.62
CA ARG F 104 4.81 -1.88 -24.94
C ARG F 104 5.80 -2.84 -24.29
N ALA F 105 6.99 -2.34 -23.91
CA ALA F 105 7.98 -3.20 -23.28
C ALA F 105 7.73 -3.29 -21.78
N PRO F 106 8.07 -4.43 -21.17
CA PRO F 106 8.00 -4.55 -19.72
C PRO F 106 9.34 -4.24 -19.05
N ILE F 107 9.26 -3.79 -17.80
CA ILE F 107 10.46 -3.70 -16.97
C ILE F 107 10.43 -4.94 -16.07
N SER F 108 10.82 -6.08 -16.64
CA SER F 108 10.71 -7.35 -15.94
C SER F 108 11.49 -7.35 -14.63
N ALA F 109 12.63 -6.67 -14.58
CA ALA F 109 13.40 -6.59 -13.34
C ALA F 109 12.61 -5.92 -12.24
N LYS F 110 11.87 -4.86 -12.57
CA LYS F 110 11.09 -4.17 -11.54
C LYS F 110 9.91 -5.03 -11.10
N LEU F 111 9.30 -5.76 -12.03
CA LEU F 111 8.27 -6.72 -11.67
C LEU F 111 8.79 -7.74 -10.67
N VAL F 112 9.98 -8.27 -10.93
CA VAL F 112 10.58 -9.25 -10.02
C VAL F 112 10.86 -8.62 -8.66
N ALA F 113 11.38 -7.39 -8.66
CA ALA F 113 11.63 -6.71 -7.39
C ALA F 113 10.35 -6.55 -6.59
N ASN F 114 9.23 -6.29 -7.27
CA ASN F 114 7.96 -6.13 -6.57
C ASN F 114 7.38 -7.46 -6.12
N MET F 115 7.67 -8.55 -6.84
CA MET F 115 7.20 -9.85 -6.39
C MET F 115 8.00 -10.34 -5.19
N LEU F 116 9.30 -10.05 -5.14
CA LEU F 116 10.09 -10.34 -3.94
C LEU F 116 9.60 -9.49 -2.77
N SER F 117 9.34 -8.20 -3.02
CA SER F 117 8.84 -7.33 -1.95
C SER F 117 7.51 -7.83 -1.42
N VAL F 118 6.57 -8.16 -2.32
CA VAL F 118 5.24 -8.58 -1.89
C VAL F 118 5.26 -9.98 -1.30
N ALA F 119 6.25 -10.80 -1.66
CA ALA F 119 6.40 -12.11 -1.05
C ALA F 119 6.79 -11.99 0.42
N GLY F 120 7.61 -11.00 0.75
CA GLY F 120 7.94 -10.72 2.14
C GLY F 120 9.41 -10.47 2.40
N ALA F 121 10.20 -10.28 1.34
CA ALA F 121 11.63 -10.04 1.52
C ALA F 121 11.86 -8.72 2.24
N ASP F 122 12.77 -8.74 3.20
CA ASP F 122 13.17 -7.55 3.94
C ASP F 122 14.55 -7.06 3.54
N HIS F 123 15.31 -7.87 2.81
CA HIS F 123 16.69 -7.53 2.48
C HIS F 123 17.09 -8.33 1.25
N ILE F 124 17.92 -7.74 0.41
CA ILE F 124 18.42 -8.39 -0.79
C ILE F 124 19.94 -8.30 -0.80
N ILE F 125 20.60 -9.42 -1.04
CA ILE F 125 22.04 -9.48 -1.17
C ILE F 125 22.37 -10.15 -2.50
N THR F 126 23.00 -9.40 -3.41
CA THR F 126 23.29 -9.88 -4.76
C THR F 126 24.70 -9.45 -5.14
N MET F 127 25.14 -9.84 -6.33
CA MET F 127 26.51 -9.58 -6.75
C MET F 127 26.50 -9.10 -8.20
N ASP F 128 27.13 -7.93 -8.42
CA ASP F 128 27.33 -7.35 -9.76
C ASP F 128 26.03 -7.31 -10.56
N LEU F 129 25.09 -6.51 -10.06
CA LEU F 129 23.89 -6.20 -10.82
C LEU F 129 24.26 -5.68 -12.20
N HIS F 130 23.51 -6.13 -13.21
CA HIS F 130 23.73 -5.63 -14.56
C HIS F 130 23.69 -4.11 -14.57
N ALA F 131 22.67 -3.54 -13.95
CA ALA F 131 22.59 -2.11 -13.65
C ALA F 131 22.45 -1.93 -12.15
N SER F 132 23.27 -1.05 -11.58
CA SER F 132 23.23 -0.82 -10.14
C SER F 132 21.91 -0.19 -9.71
N GLN F 133 21.23 0.49 -10.63
CA GLN F 133 19.99 1.19 -10.31
C GLN F 133 18.88 0.25 -9.89
N ILE F 134 19.08 -1.08 -10.04
CA ILE F 134 18.11 -2.05 -9.56
C ILE F 134 17.98 -1.96 -8.05
N GLN F 135 19.01 -1.41 -7.38
CA GLN F 135 18.91 -1.11 -5.96
C GLN F 135 17.71 -0.20 -5.66
N GLY F 136 17.37 0.67 -6.61
CA GLY F 136 16.24 1.57 -6.53
C GLY F 136 14.90 0.96 -6.88
N PHE F 137 14.86 -0.29 -7.29
CA PHE F 137 13.60 -0.98 -7.52
C PHE F 137 12.93 -1.46 -6.23
N PHE F 138 13.56 -1.31 -5.05
CA PHE F 138 13.23 -2.17 -3.93
C PHE F 138 12.63 -1.53 -2.68
N ASP F 139 12.95 -0.26 -2.36
CA ASP F 139 12.51 0.37 -1.13
C ASP F 139 12.99 -0.36 0.12
N ILE F 140 14.00 -1.22 -0.03
CA ILE F 140 14.61 -1.99 1.05
C ILE F 140 16.11 -2.08 0.78
N PRO F 141 16.90 -2.39 1.80
CA PRO F 141 18.35 -2.47 1.57
C PRO F 141 18.68 -3.55 0.55
N VAL F 142 19.54 -3.20 -0.40
CA VAL F 142 19.99 -4.12 -1.44
C VAL F 142 21.51 -4.01 -1.50
N ASP F 143 22.20 -5.07 -1.09
CA ASP F 143 23.65 -5.09 -1.18
C ASP F 143 24.05 -5.50 -2.59
N ASN F 144 24.79 -4.63 -3.28
CA ASN F 144 25.29 -4.88 -4.62
C ASN F 144 26.79 -5.16 -4.48
N LEU F 145 27.14 -6.44 -4.35
CA LEU F 145 28.53 -6.83 -4.13
C LEU F 145 29.31 -6.89 -5.45
N TYR F 146 30.63 -6.88 -5.33
CA TYR F 146 31.55 -6.81 -6.45
C TYR F 146 32.50 -8.00 -6.43
N ALA F 147 32.78 -8.53 -7.63
CA ALA F 147 33.85 -9.50 -7.80
C ALA F 147 35.19 -8.83 -8.10
N GLU F 148 35.18 -7.49 -8.20
CA GLU F 148 36.37 -6.72 -8.55
C GLU F 148 37.61 -7.05 -7.70
N PRO F 149 37.54 -7.12 -6.37
CA PRO F 149 38.74 -7.51 -5.62
C PRO F 149 39.23 -8.90 -5.97
N ALA F 150 38.31 -9.86 -6.15
CA ALA F 150 38.73 -11.22 -6.47
C ALA F 150 39.20 -11.33 -7.91
N VAL F 151 38.67 -10.50 -8.81
CA VAL F 151 39.15 -10.48 -10.18
C VAL F 151 40.55 -9.92 -10.25
N LEU F 152 40.82 -8.83 -9.53
CA LEU F 152 42.16 -8.28 -9.47
C LEU F 152 43.15 -9.26 -8.86
N LYS F 153 42.80 -9.87 -7.72
CA LYS F 153 43.73 -10.82 -7.11
C LYS F 153 44.02 -11.99 -8.04
N TRP F 154 42.97 -12.50 -8.70
CA TRP F 154 43.20 -13.56 -9.70
C TRP F 154 44.14 -13.09 -10.80
N ILE F 155 43.93 -11.87 -11.31
CA ILE F 155 44.76 -11.35 -12.40
C ILE F 155 46.22 -11.28 -11.97
N ARG F 156 46.49 -10.61 -10.85
CA ARG F 156 47.86 -10.48 -10.36
C ARG F 156 48.52 -11.85 -10.18
N GLU F 157 47.78 -12.83 -9.67
CA GLU F 157 48.38 -14.12 -9.40
C GLU F 157 48.42 -15.06 -10.60
N ASN F 158 47.78 -14.73 -11.71
CA ASN F 158 47.77 -15.64 -12.85
C ASN F 158 48.31 -15.04 -14.15
N ILE F 159 48.23 -13.73 -14.36
CA ILE F 159 48.74 -13.10 -15.55
C ILE F 159 50.12 -12.56 -15.20
N SER F 160 51.17 -13.11 -15.82
CA SER F 160 52.52 -12.65 -15.51
C SER F 160 52.73 -11.20 -15.97
N GLU F 161 52.33 -10.89 -17.20
CA GLU F 161 52.55 -9.58 -17.77
C GLU F 161 51.41 -8.63 -17.41
N TRP F 162 50.78 -8.86 -16.24
CA TRP F 162 49.60 -8.10 -15.88
C TRP F 162 49.91 -6.63 -15.69
N ARG F 163 51.17 -6.30 -15.36
CA ARG F 163 51.57 -4.92 -15.18
C ARG F 163 51.53 -4.14 -16.48
N ASN F 164 51.53 -4.83 -17.62
CA ASN F 164 51.44 -4.20 -18.93
C ASN F 164 50.43 -4.95 -19.79
N CYS F 165 49.23 -5.13 -19.25
CA CYS F 165 48.12 -5.73 -19.96
C CYS F 165 47.20 -4.64 -20.50
N THR F 166 46.04 -5.03 -21.02
CA THR F 166 45.07 -4.10 -21.58
C THR F 166 43.67 -4.59 -21.23
N ILE F 167 43.01 -3.87 -20.33
CA ILE F 167 41.66 -4.25 -19.92
C ILE F 167 40.69 -3.72 -20.98
N VAL F 168 39.95 -4.62 -21.61
CA VAL F 168 39.14 -4.30 -22.78
C VAL F 168 37.67 -4.51 -22.42
N SER F 169 36.80 -3.60 -22.92
CA SER F 169 35.36 -3.77 -22.77
C SER F 169 34.78 -4.42 -24.01
N PRO F 170 33.99 -5.50 -23.86
CA PRO F 170 33.43 -6.14 -25.06
C PRO F 170 32.29 -5.36 -25.71
N ASP F 171 31.57 -4.53 -24.96
CA ASP F 171 30.58 -3.62 -25.51
C ASP F 171 30.79 -2.22 -24.93
N ALA F 172 30.02 -1.26 -25.43
CA ALA F 172 30.05 0.09 -24.89
C ALA F 172 29.56 0.18 -23.45
N GLY F 173 28.94 -0.89 -22.93
CA GLY F 173 28.40 -0.85 -21.59
C GLY F 173 29.38 -1.13 -20.46
N GLY F 174 30.53 -1.74 -20.76
CA GLY F 174 31.44 -2.07 -19.68
C GLY F 174 32.55 -1.07 -19.46
N ALA F 175 32.40 0.13 -20.03
CA ALA F 175 33.47 1.11 -19.97
C ALA F 175 33.69 1.58 -18.55
N LYS F 176 32.63 1.67 -17.76
CA LYS F 176 32.82 2.04 -16.35
C LYS F 176 33.53 0.93 -15.61
N ARG F 177 33.17 -0.33 -15.88
CA ARG F 177 33.79 -1.44 -15.17
C ARG F 177 35.28 -1.55 -15.47
N VAL F 178 35.64 -1.48 -16.75
CA VAL F 178 37.01 -1.82 -17.12
C VAL F 178 37.98 -0.70 -16.74
N THR F 179 37.60 0.55 -16.99
CA THR F 179 38.40 1.67 -16.47
C THR F 179 38.67 1.49 -14.99
N SER F 180 37.64 1.09 -14.22
CA SER F 180 37.87 0.85 -12.80
C SER F 180 39.00 -0.15 -12.61
N ILE F 181 38.85 -1.33 -13.20
CA ILE F 181 39.90 -2.35 -13.14
C ILE F 181 41.20 -1.78 -13.68
N ALA F 182 41.13 -1.04 -14.80
CA ALA F 182 42.34 -0.49 -15.38
C ALA F 182 43.05 0.43 -14.39
N ASP F 183 42.28 1.26 -13.69
CA ASP F 183 42.88 2.15 -12.70
C ASP F 183 43.45 1.37 -11.52
N ARG F 184 42.86 0.22 -11.18
CA ARG F 184 43.32 -0.52 -10.02
C ARG F 184 44.63 -1.25 -10.30
N LEU F 185 44.81 -1.71 -11.54
CA LEU F 185 46.04 -2.35 -11.97
C LEU F 185 47.08 -1.37 -12.48
N ASN F 186 46.70 -0.11 -12.71
CA ASN F 186 47.54 0.88 -13.37
C ASN F 186 48.02 0.33 -14.71
N VAL F 187 47.05 0.14 -15.60
CA VAL F 187 47.28 -0.40 -16.93
C VAL F 187 46.46 0.44 -17.92
N ASP F 188 46.50 0.03 -19.19
CA ASP F 188 45.71 0.68 -20.22
C ASP F 188 44.40 -0.07 -20.43
N PHE F 189 43.43 0.64 -21.01
CA PHE F 189 42.12 0.09 -21.29
C PHE F 189 41.77 0.32 -22.75
N ALA F 190 40.75 -0.40 -23.21
CA ALA F 190 40.29 -0.31 -24.59
C ALA F 190 38.82 -0.71 -24.61
N LEU F 191 38.20 -0.51 -25.77
CA LEU F 191 36.77 -0.74 -25.94
C LEU F 191 36.55 -1.32 -27.33
N ILE F 192 35.57 -2.22 -27.43
CA ILE F 192 35.21 -2.82 -28.70
C ILE F 192 33.72 -2.56 -28.93
N HIS F 193 33.39 -2.13 -30.14
CA HIS F 193 32.00 -1.83 -30.47
C HIS F 193 31.60 -2.56 -31.75
N ARG F 204 30.29 -6.18 -38.24
CA ARG F 204 30.85 -4.90 -37.85
C ARG F 204 31.70 -5.06 -36.58
N MET F 205 33.00 -4.77 -36.70
CA MET F 205 33.91 -4.95 -35.58
C MET F 205 34.81 -3.72 -35.50
N VAL F 206 34.62 -2.90 -34.47
CA VAL F 206 35.43 -1.69 -34.30
C VAL F 206 36.11 -1.78 -32.94
N LEU F 207 37.42 -1.56 -32.92
CA LEU F 207 38.21 -1.57 -31.71
C LEU F 207 38.80 -0.18 -31.55
N VAL F 208 38.69 0.38 -30.36
CA VAL F 208 39.26 1.67 -30.02
C VAL F 208 40.12 1.48 -28.79
N GLY F 209 41.35 1.96 -28.84
CA GLY F 209 42.34 1.70 -27.82
C GLY F 209 43.50 0.88 -28.38
N ASP F 210 44.59 0.88 -27.61
CA ASP F 210 45.87 0.38 -28.09
C ASP F 210 46.22 -0.88 -27.30
N VAL F 211 45.83 -2.04 -27.83
CA VAL F 211 46.22 -3.33 -27.28
C VAL F 211 47.59 -3.78 -27.81
N LYS F 212 48.39 -2.82 -28.31
CA LYS F 212 49.73 -2.93 -28.87
C LYS F 212 50.12 -4.37 -29.24
N ASP F 213 51.18 -4.88 -28.62
CA ASP F 213 51.60 -6.28 -28.70
C ASP F 213 51.68 -6.80 -27.27
N ARG F 214 50.55 -6.82 -26.59
CA ARG F 214 50.49 -7.14 -25.17
C ARG F 214 49.28 -8.03 -24.91
N VAL F 215 48.95 -8.19 -23.63
CA VAL F 215 47.88 -9.08 -23.19
C VAL F 215 46.58 -8.28 -23.07
N ALA F 216 45.51 -8.82 -23.65
CA ALA F 216 44.19 -8.20 -23.60
C ALA F 216 43.28 -9.04 -22.72
N ILE F 217 42.59 -8.38 -21.79
CA ILE F 217 41.66 -9.03 -20.88
C ILE F 217 40.28 -8.40 -21.05
N LEU F 218 39.36 -9.15 -21.65
CA LEU F 218 37.97 -8.73 -21.73
C LEU F 218 37.32 -8.91 -20.37
N VAL F 219 36.62 -7.88 -19.90
CA VAL F 219 35.91 -7.94 -18.63
C VAL F 219 34.51 -7.39 -18.82
N ASP F 220 33.51 -8.16 -18.41
CA ASP F 220 32.12 -7.72 -18.39
C ASP F 220 31.44 -8.37 -17.19
N ASP F 221 30.16 -8.05 -17.00
CA ASP F 221 29.45 -8.54 -15.84
C ASP F 221 28.97 -9.97 -15.99
N MET F 222 28.73 -10.42 -17.22
CA MET F 222 28.19 -11.74 -17.43
C MET F 222 28.58 -12.26 -18.81
N ALA F 223 28.29 -13.54 -19.02
CA ALA F 223 28.51 -14.23 -20.29
C ALA F 223 27.34 -15.17 -20.49
N ASP F 224 26.46 -14.85 -21.43
CA ASP F 224 25.32 -15.71 -21.68
C ASP F 224 25.62 -16.62 -22.87
N THR F 225 25.62 -16.11 -24.05
CA THR F 225 25.88 -16.94 -25.20
C THR F 225 27.30 -16.88 -25.58
N CYS F 226 27.88 -15.81 -25.20
CA CYS F 226 29.32 -15.62 -25.45
C CYS F 226 29.63 -15.20 -26.87
N GLY F 227 28.63 -14.79 -27.66
CA GLY F 227 28.92 -14.29 -29.00
C GLY F 227 29.75 -13.02 -28.98
N THR F 228 29.47 -12.13 -28.02
CA THR F 228 30.13 -10.82 -28.00
C THR F 228 31.58 -10.94 -27.55
N ILE F 229 31.85 -11.74 -26.50
CA ILE F 229 33.22 -11.89 -26.04
C ILE F 229 34.06 -12.61 -27.08
N CYS F 230 33.44 -13.49 -27.87
CA CYS F 230 34.18 -14.23 -28.88
C CYS F 230 34.48 -13.37 -30.10
N HIS F 231 33.52 -12.57 -30.57
CA HIS F 231 33.81 -11.67 -31.67
C HIS F 231 34.80 -10.58 -31.25
N ALA F 232 34.67 -10.10 -30.00
CA ALA F 232 35.69 -9.21 -29.45
C ALA F 232 37.05 -9.89 -29.39
N ALA F 233 37.09 -11.19 -29.08
CA ALA F 233 38.35 -11.92 -29.11
C ALA F 233 38.92 -12.00 -30.51
N ASP F 234 38.07 -12.15 -31.52
CA ASP F 234 38.57 -12.17 -32.89
C ASP F 234 39.14 -10.82 -33.30
N LYS F 235 38.46 -9.72 -32.91
CA LYS F 235 39.02 -8.41 -33.19
C LYS F 235 40.34 -8.19 -32.46
N LEU F 236 40.46 -8.71 -31.24
CA LEU F 236 41.71 -8.56 -30.50
C LEU F 236 42.83 -9.39 -31.12
N LEU F 237 42.50 -10.53 -31.75
CA LEU F 237 43.49 -11.22 -32.56
C LEU F 237 43.94 -10.33 -33.72
N SER F 238 43.00 -9.93 -34.58
CA SER F 238 43.36 -9.22 -35.79
C SER F 238 44.20 -7.97 -35.49
N ALA F 239 43.97 -7.34 -34.34
CA ALA F 239 44.78 -6.19 -33.94
C ALA F 239 46.12 -6.59 -33.34
N GLY F 240 46.38 -7.89 -33.20
CA GLY F 240 47.69 -8.34 -32.80
C GLY F 240 47.96 -8.24 -31.31
N ALA F 241 47.37 -9.13 -30.52
CA ALA F 241 47.57 -9.15 -29.08
C ALA F 241 48.07 -10.53 -28.67
N THR F 242 48.95 -10.56 -27.67
CA THR F 242 49.61 -11.78 -27.22
C THR F 242 48.59 -12.87 -26.87
N ARG F 243 48.13 -12.87 -25.62
CA ARG F 243 47.05 -13.72 -25.17
C ARG F 243 45.83 -12.85 -24.92
N VAL F 244 44.64 -13.45 -25.05
CA VAL F 244 43.41 -12.79 -24.65
C VAL F 244 42.72 -13.62 -23.59
N TYR F 245 42.17 -12.94 -22.60
CA TYR F 245 41.47 -13.54 -21.48
C TYR F 245 40.07 -12.95 -21.41
N ALA F 246 39.22 -13.58 -20.60
CA ALA F 246 37.88 -13.09 -20.34
C ALA F 246 37.56 -13.41 -18.88
N ILE F 247 37.36 -12.36 -18.09
CA ILE F 247 36.97 -12.50 -16.69
C ILE F 247 35.61 -11.86 -16.54
N LEU F 248 34.60 -12.70 -16.37
CA LEU F 248 33.21 -12.28 -16.25
C LEU F 248 32.67 -12.71 -14.89
N THR F 249 31.83 -11.89 -14.28
CA THR F 249 31.27 -12.27 -12.98
C THR F 249 30.32 -13.45 -13.13
N HIS F 250 29.28 -13.31 -13.96
CA HIS F 250 28.23 -14.31 -14.06
C HIS F 250 28.51 -15.23 -15.25
N GLY F 251 28.77 -16.50 -14.95
CA GLY F 251 29.07 -17.53 -15.92
C GLY F 251 27.84 -18.24 -16.45
N ILE F 252 26.93 -17.50 -17.10
CA ILE F 252 25.67 -18.09 -17.53
C ILE F 252 25.91 -19.20 -18.55
N PHE F 253 26.75 -18.95 -19.57
CA PHE F 253 27.09 -19.92 -20.60
C PHE F 253 25.89 -20.73 -21.09
N SER F 254 25.04 -20.14 -21.93
CA SER F 254 23.86 -20.83 -22.44
C SER F 254 23.96 -21.04 -23.94
N GLY F 255 23.30 -22.09 -24.42
CA GLY F 255 23.34 -22.47 -25.81
C GLY F 255 24.68 -23.05 -26.20
N PRO F 256 25.24 -22.58 -27.32
CA PRO F 256 26.52 -23.12 -27.82
C PRO F 256 27.73 -22.45 -27.21
N ALA F 257 27.57 -21.82 -26.04
CA ALA F 257 28.62 -20.98 -25.49
C ALA F 257 29.95 -21.74 -25.35
N ILE F 258 29.89 -22.95 -24.79
CA ILE F 258 31.12 -23.70 -24.55
C ILE F 258 31.84 -24.02 -25.87
N SER F 259 31.07 -24.45 -26.89
CA SER F 259 31.65 -24.71 -28.20
C SER F 259 32.38 -23.48 -28.74
N ARG F 260 31.81 -22.30 -28.52
CA ARG F 260 32.40 -21.08 -29.07
C ARG F 260 33.63 -20.68 -28.29
N ILE F 261 33.67 -20.96 -26.99
CA ILE F 261 34.88 -20.65 -26.24
C ILE F 261 35.99 -21.61 -26.61
N ASN F 262 35.65 -22.88 -26.85
CA ASN F 262 36.64 -23.85 -27.31
C ASN F 262 37.20 -23.50 -28.68
N ASN F 263 36.41 -22.83 -29.54
CA ASN F 263 36.94 -22.45 -30.84
C ASN F 263 37.55 -21.05 -30.86
N ALA F 264 37.12 -20.17 -29.96
CA ALA F 264 37.69 -18.83 -29.90
C ALA F 264 39.16 -18.89 -29.47
N CYS F 265 39.79 -17.73 -29.38
CA CYS F 265 41.22 -17.63 -29.09
C CYS F 265 41.49 -17.30 -27.64
N PHE F 266 40.76 -17.89 -26.70
CA PHE F 266 40.98 -17.56 -25.29
C PHE F 266 42.09 -18.42 -24.72
N GLU F 267 42.91 -17.82 -23.86
CA GLU F 267 43.83 -18.62 -23.06
C GLU F 267 43.09 -19.23 -21.87
N ALA F 268 42.24 -18.45 -21.23
CA ALA F 268 41.34 -18.91 -20.19
C ALA F 268 40.15 -17.96 -20.15
N VAL F 269 39.04 -18.45 -19.62
CA VAL F 269 37.84 -17.64 -19.39
C VAL F 269 37.43 -17.86 -17.93
N VAL F 270 37.43 -16.79 -17.15
CA VAL F 270 37.30 -16.86 -15.71
C VAL F 270 35.95 -16.28 -15.31
N VAL F 271 35.21 -17.02 -14.49
CA VAL F 271 33.92 -16.59 -13.97
C VAL F 271 33.89 -16.89 -12.48
N THR F 272 32.90 -16.33 -11.79
CA THR F 272 32.65 -16.65 -10.39
C THR F 272 31.63 -17.78 -10.30
N ASN F 273 31.42 -18.27 -9.07
CA ASN F 273 30.44 -19.35 -8.85
C ASN F 273 29.10 -18.81 -8.38
N THR F 274 28.70 -17.63 -8.84
CA THR F 274 27.32 -17.20 -8.67
C THR F 274 26.36 -18.16 -9.36
N ILE F 275 26.82 -18.84 -10.40
CA ILE F 275 26.08 -19.86 -11.13
C ILE F 275 26.92 -21.13 -11.06
N PRO F 276 26.33 -22.32 -10.93
CA PRO F 276 27.14 -23.54 -10.88
C PRO F 276 28.02 -23.70 -12.11
N GLN F 277 29.29 -24.04 -11.88
CA GLN F 277 30.25 -24.19 -12.97
C GLN F 277 30.94 -25.54 -13.06
N GLU F 278 30.74 -26.44 -12.09
CA GLU F 278 31.46 -27.72 -12.11
C GLU F 278 31.11 -28.51 -13.37
N ASP F 279 29.83 -28.56 -13.72
CA ASP F 279 29.42 -29.25 -14.92
C ASP F 279 29.99 -28.56 -16.15
N LYS F 280 30.04 -27.23 -16.13
CA LYS F 280 30.64 -26.50 -17.25
C LYS F 280 32.15 -26.72 -17.32
N MET F 281 32.83 -26.74 -16.17
CA MET F 281 34.27 -26.91 -16.18
C MET F 281 34.67 -28.31 -16.60
N LYS F 282 33.80 -29.31 -16.38
CA LYS F 282 34.14 -30.66 -16.84
C LYS F 282 34.21 -30.72 -18.35
N HIS F 283 33.40 -29.93 -19.04
CA HIS F 283 33.31 -30.00 -20.50
C HIS F 283 34.11 -28.92 -21.21
N CYS F 284 34.83 -28.09 -20.47
CA CYS F 284 35.66 -27.06 -21.07
C CYS F 284 36.92 -26.90 -20.23
N SER F 285 38.09 -27.14 -20.83
CA SER F 285 39.35 -27.03 -20.11
C SER F 285 39.77 -25.58 -19.89
N LYS F 286 39.10 -24.62 -20.55
CA LYS F 286 39.47 -23.22 -20.44
C LYS F 286 38.87 -22.54 -19.22
N ILE F 287 37.68 -22.96 -18.79
CA ILE F 287 36.92 -22.20 -17.80
C ILE F 287 37.54 -22.36 -16.42
N GLN F 288 37.74 -21.24 -15.72
CA GLN F 288 38.22 -21.26 -14.34
C GLN F 288 37.28 -20.42 -13.48
N VAL F 289 37.10 -20.86 -12.24
CA VAL F 289 36.09 -20.27 -11.35
C VAL F 289 36.77 -19.66 -10.13
N ILE F 290 36.25 -18.51 -9.72
CA ILE F 290 36.71 -17.75 -8.56
C ILE F 290 35.68 -17.93 -7.46
N ASP F 291 35.90 -18.91 -6.58
CA ASP F 291 35.02 -19.10 -5.44
C ASP F 291 34.76 -17.78 -4.74
N ILE F 292 33.52 -17.31 -4.77
CA ILE F 292 33.14 -16.08 -4.09
C ILE F 292 32.20 -16.38 -2.91
N SER F 293 32.20 -17.62 -2.43
CA SER F 293 31.32 -18.02 -1.34
C SER F 293 31.69 -17.34 -0.02
N MET F 294 32.95 -16.96 0.15
CA MET F 294 33.34 -16.28 1.39
C MET F 294 32.88 -14.83 1.39
N ILE F 295 32.74 -14.22 0.22
CA ILE F 295 32.23 -12.85 0.14
C ILE F 295 30.76 -12.82 0.50
N LEU F 296 30.01 -13.85 0.09
CA LEU F 296 28.59 -13.93 0.45
C LEU F 296 28.42 -14.30 1.92
N ALA F 297 29.23 -15.23 2.41
CA ALA F 297 29.13 -15.64 3.81
C ALA F 297 29.46 -14.48 4.75
N GLU F 298 30.47 -13.67 4.41
CA GLU F 298 30.82 -12.56 5.27
C GLU F 298 29.79 -11.44 5.15
N ALA F 299 29.07 -11.36 4.04
CA ALA F 299 27.96 -10.44 3.93
C ALA F 299 26.77 -10.88 4.78
N ILE F 300 26.49 -12.19 4.79
CA ILE F 300 25.45 -12.71 5.66
C ILE F 300 25.83 -12.54 7.12
N ARG F 301 27.09 -12.82 7.46
CA ARG F 301 27.54 -12.70 8.83
C ARG F 301 27.54 -11.25 9.31
N ARG F 302 27.98 -10.32 8.47
CA ARG F 302 27.93 -8.91 8.85
C ARG F 302 26.50 -8.36 8.87
N THR F 303 25.67 -8.76 7.91
CA THR F 303 24.29 -8.29 7.91
C THR F 303 23.55 -8.79 9.13
N HIS F 304 23.76 -10.04 9.51
CA HIS F 304 23.37 -10.47 10.84
C HIS F 304 24.33 -9.78 11.79
N ASN F 305 23.91 -9.56 13.03
CA ASN F 305 24.70 -8.83 14.05
C ASN F 305 25.25 -7.49 13.51
N GLY F 306 24.75 -7.05 12.35
CA GLY F 306 24.80 -5.66 11.92
C GLY F 306 26.13 -4.94 11.84
N GLU F 307 27.04 -5.43 11.01
CA GLU F 307 28.26 -4.72 10.69
C GLU F 307 28.19 -4.14 9.29
N SER F 308 29.28 -3.56 8.83
CA SER F 308 29.34 -2.85 7.55
C SER F 308 30.06 -3.71 6.52
N VAL F 309 29.43 -3.89 5.35
CA VAL F 309 29.94 -4.76 4.31
C VAL F 309 31.02 -4.09 3.44
N SER F 310 31.35 -2.82 3.69
CA SER F 310 32.28 -2.09 2.84
C SER F 310 33.67 -2.72 2.81
N TYR F 311 34.03 -3.49 3.83
CA TYR F 311 35.26 -4.28 3.81
C TYR F 311 35.38 -5.09 2.53
N LEU F 312 34.28 -5.72 2.11
CA LEU F 312 34.27 -6.67 1.01
C LEU F 312 34.61 -6.05 -0.34
N PHE F 313 34.74 -4.72 -0.44
CA PHE F 313 35.11 -4.08 -1.69
C PHE F 313 36.57 -3.65 -1.73
N SER F 314 37.30 -3.83 -0.64
CA SER F 314 38.74 -3.58 -0.63
C SER F 314 39.55 -4.85 -0.40
N HIS F 315 38.93 -5.95 0.03
CA HIS F 315 39.70 -7.13 0.39
C HIS F 315 38.89 -8.39 0.15
N VAL F 316 39.60 -9.51 0.03
CA VAL F 316 39.03 -10.80 -0.36
C VAL F 316 39.31 -11.81 0.75
N PRO F 317 38.37 -12.07 1.67
CA PRO F 317 38.65 -12.96 2.80
C PRO F 317 38.79 -14.42 2.42
N LEU F 318 40.00 -14.84 2.04
CA LEU F 318 40.28 -16.23 1.65
C LEU F 318 39.48 -16.64 0.41
#